data_2D5N
#
_entry.id   2D5N
#
_cell.length_a   86.130
_cell.length_b   107.952
_cell.length_c   186.839
_cell.angle_alpha   90.00
_cell.angle_beta   90.00
_cell.angle_gamma   90.00
#
_symmetry.space_group_name_H-M   'P 21 21 21'
#
loop_
_entity.id
_entity.type
_entity.pdbx_description
1 polymer 'Riboflavin biosynthesis protein ribD'
2 non-polymer 'ZINC ION'
3 non-polymer 'NADPH DIHYDRO-NICOTINAMIDE-ADENINE-DINUCLEOTIDE PHOSPHATE'
4 water water
#
_entity_poly.entity_id   1
_entity_poly.type   'polypeptide(L)'
_entity_poly.pdbx_seq_one_letter_code
;MRGSHHHHHHGSMEEYYMKLALDLAKQGEGQTESNPLVGAVVVKDGQIVGMGAHLKYGEAHAEVHAIHMAGAHAEGADIY
VTLEPCSHYGKTPPCAELIINSGIKRVFVAMRDPNPLVAGRGISMMKEAGIEVREGILADQAERLNEKFLHFMRTGLPYV
TLKAAASLDGKIATSTGDSKWITSEAARQDAQQYRKTHQSILVGVGTVKADNPSLTCRLPNVTKQPVRVILDTVLSIPED
AKVICDQIAPTWIFTTARADEEKKKRLSAFGVNIFTLETERIQIPDVLKILAEEGIMSVYVEGGSAVHGSFVKEGCFQEI
IFYFAPKLIGGTHAPSLISGEGFQSMKDVPLLQFTDITQIGRDIKLTAKPTKE
;
_entity_poly.pdbx_strand_id   A,B,C,D
#
# COMPACT_ATOMS: atom_id res chain seq x y z
N MET A 13 -17.17 -14.59 -12.43
CA MET A 13 -16.91 -14.60 -13.90
C MET A 13 -17.92 -13.75 -14.66
N GLU A 14 -19.09 -13.57 -14.07
CA GLU A 14 -20.13 -12.76 -14.69
C GLU A 14 -19.69 -11.30 -14.66
N GLU A 15 -19.06 -10.91 -13.55
CA GLU A 15 -18.60 -9.55 -13.37
C GLU A 15 -17.32 -9.26 -14.13
N TYR A 16 -16.66 -10.30 -14.61
CA TYR A 16 -15.43 -10.13 -15.38
C TYR A 16 -15.84 -9.58 -16.73
N TYR A 17 -16.80 -10.26 -17.34
CA TYR A 17 -17.32 -9.89 -18.65
C TYR A 17 -18.12 -8.58 -18.62
N MET A 18 -18.78 -8.31 -17.49
CA MET A 18 -19.56 -7.08 -17.37
C MET A 18 -18.59 -5.92 -17.16
N LYS A 19 -17.43 -6.21 -16.58
CA LYS A 19 -16.44 -5.15 -16.38
C LYS A 19 -15.72 -4.86 -17.71
N LEU A 20 -15.50 -5.90 -18.51
CA LEU A 20 -14.86 -5.75 -19.80
C LEU A 20 -15.74 -4.80 -20.60
N ALA A 21 -17.04 -5.09 -20.57
CA ALA A 21 -18.03 -4.28 -21.28
C ALA A 21 -18.03 -2.83 -20.83
N LEU A 22 -17.84 -2.59 -19.53
CA LEU A 22 -17.82 -1.23 -19.00
C LEU A 22 -16.61 -0.45 -19.50
N ASP A 23 -15.46 -1.12 -19.63
CA ASP A 23 -14.23 -0.48 -20.11
C ASP A 23 -14.31 -0.26 -21.62
N LEU A 24 -15.05 -1.11 -22.31
CA LEU A 24 -15.22 -0.94 -23.74
C LEU A 24 -16.19 0.22 -23.92
N ALA A 25 -17.27 0.20 -23.14
CA ALA A 25 -18.29 1.24 -23.20
C ALA A 25 -17.65 2.62 -23.18
N LYS A 26 -16.75 2.81 -22.21
CA LYS A 26 -16.02 4.07 -22.00
C LYS A 26 -15.06 4.48 -23.12
N GLN A 27 -14.65 3.55 -23.96
CA GLN A 27 -13.74 3.90 -25.03
C GLN A 27 -14.38 4.77 -26.09
N GLY A 28 -15.54 5.31 -25.79
CA GLY A 28 -16.23 6.16 -26.75
C GLY A 28 -16.68 7.47 -26.16
N GLU A 29 -16.43 7.65 -24.87
CA GLU A 29 -16.81 8.87 -24.15
C GLU A 29 -16.49 10.10 -25.01
N GLY A 30 -17.35 11.11 -24.94
CA GLY A 30 -17.14 12.32 -25.73
C GLY A 30 -17.14 12.11 -27.23
N GLN A 31 -17.91 11.12 -27.68
CA GLN A 31 -18.00 10.79 -29.10
C GLN A 31 -19.44 10.42 -29.40
N THR A 32 -20.31 10.67 -28.42
CA THR A 32 -21.72 10.37 -28.55
C THR A 32 -22.53 11.61 -28.24
N GLU A 33 -21.97 12.48 -27.41
CA GLU A 33 -22.62 13.72 -27.02
C GLU A 33 -23.77 13.46 -26.05
N SER A 34 -24.99 13.58 -26.57
CA SER A 34 -26.20 13.39 -25.77
C SER A 34 -26.71 11.95 -25.78
N ASN A 35 -25.85 11.03 -26.21
CA ASN A 35 -26.20 9.61 -26.25
C ASN A 35 -25.46 8.87 -25.16
N PRO A 36 -25.96 7.69 -24.78
CA PRO A 36 -25.29 6.93 -23.73
C PRO A 36 -24.11 6.07 -24.19
N LEU A 37 -23.16 5.90 -23.27
CA LEU A 37 -21.97 5.10 -23.50
C LEU A 37 -22.41 3.67 -23.17
N VAL A 38 -22.16 2.74 -24.09
CA VAL A 38 -22.58 1.38 -23.86
C VAL A 38 -21.49 0.38 -24.29
N GLY A 39 -21.28 -0.66 -23.51
CA GLY A 39 -20.29 -1.66 -23.86
C GLY A 39 -20.99 -2.99 -24.04
N ALA A 40 -20.52 -3.83 -24.97
CA ALA A 40 -21.17 -5.12 -25.18
C ALA A 40 -20.21 -6.26 -25.50
N VAL A 41 -20.39 -7.37 -24.80
CA VAL A 41 -19.54 -8.52 -25.03
C VAL A 41 -20.35 -9.79 -25.24
N VAL A 42 -20.00 -10.53 -26.29
CA VAL A 42 -20.67 -11.78 -26.59
C VAL A 42 -19.69 -12.91 -26.26
N VAL A 43 -20.03 -13.71 -25.25
CA VAL A 43 -19.19 -14.84 -24.84
C VAL A 43 -19.84 -16.09 -25.42
N LYS A 44 -19.05 -16.98 -26.03
CA LYS A 44 -19.64 -18.18 -26.62
C LYS A 44 -19.54 -19.42 -25.75
N ASP A 45 -18.45 -20.16 -25.91
CA ASP A 45 -18.27 -21.36 -25.11
C ASP A 45 -17.19 -21.06 -24.10
N GLY A 46 -17.37 -19.98 -23.36
CA GLY A 46 -16.38 -19.56 -22.40
C GLY A 46 -15.35 -18.71 -23.10
N GLN A 47 -15.62 -18.40 -24.38
CA GLN A 47 -14.73 -17.58 -25.22
C GLN A 47 -15.36 -16.27 -25.75
N ILE A 48 -14.66 -15.16 -25.55
CA ILE A 48 -15.12 -13.86 -26.02
C ILE A 48 -15.11 -13.84 -27.54
N VAL A 49 -16.29 -13.87 -28.16
CA VAL A 49 -16.42 -13.87 -29.62
C VAL A 49 -16.77 -12.51 -30.22
N GLY A 50 -17.08 -11.53 -29.39
CA GLY A 50 -17.45 -10.23 -29.90
C GLY A 50 -17.46 -9.14 -28.85
N MET A 51 -16.93 -7.97 -29.22
CA MET A 51 -16.87 -6.82 -28.34
C MET A 51 -17.44 -5.62 -29.06
N GLY A 52 -17.95 -4.65 -28.30
CA GLY A 52 -18.52 -3.46 -28.91
C GLY A 52 -18.86 -2.36 -27.94
N ALA A 53 -18.79 -1.13 -28.43
CA ALA A 53 -19.10 0.04 -27.61
C ALA A 53 -19.74 1.05 -28.53
N HIS A 54 -20.59 1.93 -27.99
CA HIS A 54 -21.21 2.95 -28.83
C HIS A 54 -20.19 4.05 -28.99
N LEU A 55 -19.63 4.13 -30.20
CA LEU A 55 -18.59 5.10 -30.51
C LEU A 55 -19.07 6.47 -31.02
N LYS A 56 -19.63 6.52 -32.23
CA LYS A 56 -20.08 7.80 -32.79
C LYS A 56 -21.54 8.09 -32.49
N TYR A 57 -21.86 9.38 -32.40
CA TYR A 57 -23.23 9.82 -32.16
C TYR A 57 -24.04 9.49 -33.42
N GLY A 58 -25.24 8.94 -33.25
CA GLY A 58 -26.07 8.60 -34.39
C GLY A 58 -25.56 7.43 -35.20
N GLU A 59 -24.62 6.67 -34.66
CA GLU A 59 -24.11 5.54 -35.40
C GLU A 59 -24.34 4.24 -34.65
N ALA A 60 -23.92 3.13 -35.25
CA ALA A 60 -24.09 1.80 -34.68
C ALA A 60 -24.05 1.72 -33.16
N HIS A 61 -24.88 0.83 -32.61
CA HIS A 61 -24.94 0.62 -31.17
C HIS A 61 -23.94 -0.44 -30.73
N ALA A 62 -23.46 -0.33 -29.50
CA ALA A 62 -22.52 -1.29 -28.96
C ALA A 62 -22.92 -2.76 -29.22
N GLU A 63 -24.22 -3.04 -29.16
CA GLU A 63 -24.72 -4.40 -29.38
C GLU A 63 -24.56 -4.75 -30.84
N VAL A 64 -24.69 -3.75 -31.70
CA VAL A 64 -24.56 -3.96 -33.14
C VAL A 64 -23.14 -4.35 -33.47
N HIS A 65 -22.20 -3.55 -32.99
CA HIS A 65 -20.80 -3.83 -33.24
C HIS A 65 -20.44 -5.24 -32.79
N ALA A 66 -20.69 -5.50 -31.50
CA ALA A 66 -20.38 -6.79 -30.90
C ALA A 66 -21.05 -8.01 -31.53
N ILE A 67 -22.32 -7.91 -31.91
CA ILE A 67 -23.00 -9.06 -32.51
C ILE A 67 -22.51 -9.39 -33.93
N HIS A 68 -22.12 -8.36 -34.67
CA HIS A 68 -21.62 -8.54 -36.03
C HIS A 68 -20.30 -9.28 -35.92
N MET A 69 -19.41 -8.75 -35.09
CA MET A 69 -18.11 -9.37 -34.84
C MET A 69 -18.33 -10.84 -34.43
N ALA A 70 -19.19 -11.03 -33.44
CA ALA A 70 -19.50 -12.37 -32.92
C ALA A 70 -19.94 -13.33 -34.02
N GLY A 71 -20.43 -12.79 -35.11
CA GLY A 71 -20.87 -13.63 -36.23
C GLY A 71 -21.72 -14.84 -35.86
N ALA A 72 -21.44 -15.96 -36.52
CA ALA A 72 -22.19 -17.21 -36.28
C ALA A 72 -22.05 -17.71 -34.85
N HIS A 73 -21.02 -17.27 -34.15
CA HIS A 73 -20.80 -17.68 -32.78
C HIS A 73 -21.82 -16.99 -31.89
N ALA A 74 -22.66 -16.16 -32.52
CA ALA A 74 -23.68 -15.41 -31.81
C ALA A 74 -24.74 -16.37 -31.27
N GLU A 75 -24.94 -17.46 -31.99
CA GLU A 75 -25.91 -18.47 -31.63
C GLU A 75 -25.52 -19.22 -30.34
N GLY A 76 -26.52 -19.57 -29.54
CA GLY A 76 -26.26 -20.28 -28.31
C GLY A 76 -25.30 -19.55 -27.39
N ALA A 77 -24.96 -18.32 -27.76
CA ALA A 77 -24.02 -17.51 -26.98
C ALA A 77 -24.70 -16.70 -25.87
N ASP A 78 -23.89 -15.89 -25.22
CA ASP A 78 -24.32 -15.00 -24.14
C ASP A 78 -23.86 -13.62 -24.54
N ILE A 79 -24.38 -12.61 -23.85
CA ILE A 79 -23.99 -11.26 -24.14
C ILE A 79 -24.18 -10.43 -22.90
N TYR A 80 -23.16 -9.64 -22.55
CA TYR A 80 -23.26 -8.79 -21.38
C TYR A 80 -23.37 -7.35 -21.86
N VAL A 81 -24.53 -6.74 -21.65
CA VAL A 81 -24.75 -5.35 -22.05
C VAL A 81 -24.83 -4.45 -20.81
N THR A 82 -24.17 -3.29 -20.89
CA THR A 82 -24.13 -2.36 -19.77
C THR A 82 -25.38 -1.50 -19.64
N LEU A 83 -26.39 -1.80 -20.44
CA LEU A 83 -27.62 -1.04 -20.39
C LEU A 83 -28.67 -1.65 -21.31
N GLU A 84 -29.86 -1.89 -20.77
CA GLU A 84 -30.98 -2.47 -21.50
C GLU A 84 -30.89 -2.14 -22.97
N PRO A 85 -30.75 -3.17 -23.83
CA PRO A 85 -30.65 -2.99 -25.27
C PRO A 85 -31.85 -2.28 -25.91
N CYS A 86 -31.51 -1.37 -26.84
CA CYS A 86 -32.49 -0.56 -27.55
C CYS A 86 -33.68 -1.43 -27.98
N SER A 87 -34.89 -1.07 -27.58
CA SER A 87 -36.07 -1.87 -27.91
C SER A 87 -37.21 -1.18 -28.68
N HIS A 88 -36.89 -0.15 -29.46
CA HIS A 88 -37.91 0.59 -30.23
C HIS A 88 -37.67 0.40 -31.73
N TYR A 89 -38.74 0.48 -32.51
CA TYR A 89 -38.62 0.27 -33.95
C TYR A 89 -38.46 1.59 -34.70
N GLY A 90 -37.21 1.90 -35.06
CA GLY A 90 -36.91 3.11 -35.81
C GLY A 90 -36.42 2.67 -37.17
N LYS A 91 -35.56 3.46 -37.79
CA LYS A 91 -35.03 3.12 -39.11
C LYS A 91 -34.54 1.68 -39.18
N THR A 92 -33.81 1.24 -38.15
CA THR A 92 -33.27 -0.11 -38.08
C THR A 92 -33.88 -0.83 -36.90
N PRO A 93 -33.89 -2.17 -36.95
CA PRO A 93 -34.44 -3.01 -35.88
C PRO A 93 -33.76 -2.71 -34.57
N PRO A 94 -34.51 -2.69 -33.48
CA PRO A 94 -33.85 -2.41 -32.22
C PRO A 94 -32.83 -3.50 -31.91
N CYS A 95 -31.86 -3.15 -31.07
CA CYS A 95 -30.77 -4.04 -30.66
C CYS A 95 -31.33 -5.25 -29.92
N ALA A 96 -32.42 -5.05 -29.16
CA ALA A 96 -33.04 -6.16 -28.44
C ALA A 96 -33.56 -7.19 -29.44
N GLU A 97 -34.17 -6.71 -30.52
CA GLU A 97 -34.69 -7.60 -31.56
C GLU A 97 -33.49 -8.17 -32.32
N LEU A 98 -32.41 -7.40 -32.37
CA LEU A 98 -31.20 -7.82 -33.06
C LEU A 98 -30.55 -8.95 -32.26
N ILE A 99 -30.70 -8.90 -30.94
CA ILE A 99 -30.16 -9.94 -30.06
C ILE A 99 -30.96 -11.21 -30.39
N ILE A 100 -32.28 -11.10 -30.26
CA ILE A 100 -33.23 -12.19 -30.48
C ILE A 100 -33.02 -12.96 -31.77
N ASN A 101 -32.62 -12.29 -32.84
CA ASN A 101 -32.43 -13.00 -34.08
C ASN A 101 -31.11 -13.74 -34.15
N SER A 102 -30.04 -13.13 -33.67
CA SER A 102 -28.72 -13.78 -33.71
C SER A 102 -28.68 -15.16 -33.03
N GLY A 103 -29.69 -15.46 -32.23
CA GLY A 103 -29.73 -16.74 -31.56
C GLY A 103 -29.10 -16.76 -30.17
N ILE A 104 -28.81 -15.60 -29.61
CA ILE A 104 -28.22 -15.52 -28.28
C ILE A 104 -29.16 -16.27 -27.35
N LYS A 105 -28.62 -17.00 -26.38
CA LYS A 105 -29.47 -17.75 -25.44
C LYS A 105 -29.48 -17.13 -24.05
N ARG A 106 -28.55 -16.21 -23.77
CA ARG A 106 -28.50 -15.55 -22.47
C ARG A 106 -28.03 -14.09 -22.54
N VAL A 107 -28.70 -13.25 -21.75
CA VAL A 107 -28.39 -11.83 -21.68
C VAL A 107 -28.21 -11.37 -20.24
N PHE A 108 -27.18 -10.56 -20.02
CA PHE A 108 -26.89 -10.02 -18.70
C PHE A 108 -26.95 -8.51 -18.82
N VAL A 109 -27.91 -7.90 -18.13
CA VAL A 109 -28.09 -6.45 -18.16
C VAL A 109 -27.57 -5.82 -16.88
N ALA A 110 -26.96 -4.65 -17.00
CA ALA A 110 -26.42 -3.97 -15.84
C ALA A 110 -27.49 -3.10 -15.20
N MET A 111 -28.38 -2.57 -16.03
CA MET A 111 -29.44 -1.68 -15.57
C MET A 111 -30.47 -1.41 -16.65
N ARG A 112 -31.71 -1.15 -16.24
CA ARG A 112 -32.78 -0.87 -17.19
C ARG A 112 -32.67 0.55 -17.72
N ASP A 113 -33.36 0.82 -18.82
CA ASP A 113 -33.35 2.13 -19.44
C ASP A 113 -33.78 3.23 -18.45
N PRO A 114 -33.11 4.39 -18.48
CA PRO A 114 -33.50 5.44 -17.54
C PRO A 114 -34.91 5.95 -17.79
N ASN A 115 -35.38 5.86 -19.03
CA ASN A 115 -36.71 6.33 -19.39
C ASN A 115 -37.75 5.40 -18.78
N PRO A 116 -38.81 5.98 -18.19
CA PRO A 116 -39.88 5.19 -17.57
C PRO A 116 -40.68 4.37 -18.58
N LEU A 117 -41.00 4.97 -19.72
CA LEU A 117 -41.78 4.29 -20.75
C LEU A 117 -40.97 3.28 -21.56
N VAL A 118 -39.71 3.09 -21.22
CA VAL A 118 -38.89 2.13 -21.95
C VAL A 118 -38.23 1.09 -21.05
N ALA A 119 -38.03 1.45 -19.79
CA ALA A 119 -37.38 0.54 -18.86
C ALA A 119 -38.04 -0.85 -18.87
N GLY A 120 -37.21 -1.88 -18.79
CA GLY A 120 -37.72 -3.23 -18.77
C GLY A 120 -38.47 -3.65 -20.01
N ARG A 121 -38.71 -2.72 -20.93
CA ARG A 121 -39.42 -3.06 -22.16
C ARG A 121 -38.58 -3.99 -23.03
N GLY A 122 -37.32 -3.65 -23.22
CA GLY A 122 -36.47 -4.52 -24.02
C GLY A 122 -36.26 -5.83 -23.30
N ILE A 123 -36.12 -5.77 -21.97
CA ILE A 123 -35.90 -6.97 -21.17
C ILE A 123 -36.94 -8.04 -21.48
N SER A 124 -38.20 -7.66 -21.38
CA SER A 124 -39.31 -8.57 -21.61
C SER A 124 -39.40 -8.99 -23.07
N MET A 125 -39.12 -8.05 -23.96
CA MET A 125 -39.18 -8.33 -25.38
C MET A 125 -38.23 -9.47 -25.69
N MET A 126 -37.16 -9.54 -24.90
CA MET A 126 -36.16 -10.58 -25.04
C MET A 126 -36.65 -11.84 -24.33
N LYS A 127 -36.99 -11.72 -23.05
CA LYS A 127 -37.49 -12.88 -22.30
C LYS A 127 -38.50 -13.56 -23.20
N GLU A 128 -39.37 -12.75 -23.76
CA GLU A 128 -40.42 -13.19 -24.66
C GLU A 128 -39.98 -14.13 -25.78
N ALA A 129 -38.70 -14.15 -26.09
CA ALA A 129 -38.25 -15.05 -27.15
C ALA A 129 -37.43 -16.18 -26.56
N GLY A 130 -37.73 -16.53 -25.31
CA GLY A 130 -37.04 -17.61 -24.64
C GLY A 130 -35.66 -17.28 -24.09
N ILE A 131 -35.29 -16.02 -24.15
CA ILE A 131 -33.99 -15.59 -23.66
C ILE A 131 -34.05 -15.49 -22.13
N GLU A 132 -33.04 -16.02 -21.45
CA GLU A 132 -32.96 -15.94 -20.00
C GLU A 132 -32.27 -14.61 -19.72
N VAL A 133 -32.87 -13.76 -18.90
CA VAL A 133 -32.26 -12.47 -18.62
C VAL A 133 -31.98 -12.22 -17.14
N ARG A 134 -30.74 -11.87 -16.83
CA ARG A 134 -30.33 -11.54 -15.47
C ARG A 134 -30.23 -10.04 -15.46
N GLU A 135 -29.95 -9.44 -14.31
CA GLU A 135 -29.84 -7.98 -14.24
C GLU A 135 -29.02 -7.54 -13.04
N GLY A 136 -28.76 -6.24 -12.96
CA GLY A 136 -28.02 -5.70 -11.84
C GLY A 136 -26.52 -5.90 -11.79
N ILE A 137 -25.98 -6.84 -12.56
CA ILE A 137 -24.54 -7.09 -12.55
C ILE A 137 -23.78 -5.78 -12.76
N LEU A 138 -23.00 -5.40 -11.75
CA LEU A 138 -22.23 -4.15 -11.76
C LEU A 138 -23.12 -2.96 -12.04
N ALA A 139 -24.33 -2.98 -11.47
CA ALA A 139 -25.29 -1.90 -11.65
C ALA A 139 -24.72 -0.52 -11.36
N ASP A 140 -24.04 -0.37 -10.22
CA ASP A 140 -23.44 0.90 -9.84
C ASP A 140 -22.45 1.39 -10.87
N GLN A 141 -21.45 0.57 -11.19
CA GLN A 141 -20.45 0.94 -12.18
C GLN A 141 -21.11 1.42 -13.47
N ALA A 142 -22.16 0.69 -13.86
CA ALA A 142 -22.92 1.01 -15.06
C ALA A 142 -23.67 2.32 -14.86
N GLU A 143 -23.85 2.71 -13.61
CA GLU A 143 -24.54 3.94 -13.29
C GLU A 143 -23.56 5.08 -13.51
N ARG A 144 -22.50 5.06 -12.70
CA ARG A 144 -21.43 6.05 -12.74
C ARG A 144 -21.06 6.41 -14.19
N LEU A 145 -20.80 5.38 -15.00
CA LEU A 145 -20.41 5.54 -16.40
C LEU A 145 -21.17 6.64 -17.17
N ASN A 146 -22.49 6.51 -17.29
CA ASN A 146 -23.30 7.50 -17.99
C ASN A 146 -24.03 8.41 -17.00
N GLU A 147 -23.43 8.59 -15.82
CA GLU A 147 -23.99 9.41 -14.73
C GLU A 147 -24.77 10.66 -15.14
N LYS A 148 -24.10 11.58 -15.82
CA LYS A 148 -24.73 12.81 -16.28
C LYS A 148 -25.96 12.45 -17.08
N PHE A 149 -25.74 11.77 -18.21
CA PHE A 149 -26.82 11.32 -19.09
C PHE A 149 -28.01 10.73 -18.34
N LEU A 150 -27.73 9.88 -17.36
CA LEU A 150 -28.80 9.27 -16.57
C LEU A 150 -29.66 10.33 -15.93
N HIS A 151 -29.00 11.27 -15.27
CA HIS A 151 -29.67 12.38 -14.60
C HIS A 151 -30.57 13.07 -15.61
N PHE A 152 -29.97 13.53 -16.69
CA PHE A 152 -30.69 14.24 -17.76
C PHE A 152 -31.96 13.51 -18.17
N MET A 153 -31.81 12.23 -18.50
CA MET A 153 -32.90 11.37 -18.92
C MET A 153 -33.93 11.12 -17.84
N ARG A 154 -33.50 11.07 -16.58
CA ARG A 154 -34.44 10.84 -15.51
C ARG A 154 -35.12 12.10 -15.02
N THR A 155 -34.38 13.20 -14.96
CA THR A 155 -34.92 14.47 -14.46
C THR A 155 -35.35 15.47 -15.54
N GLY A 156 -34.83 15.31 -16.75
CA GLY A 156 -35.21 16.22 -17.82
C GLY A 156 -34.37 17.48 -17.85
N LEU A 157 -33.46 17.59 -16.89
CA LEU A 157 -32.57 18.74 -16.77
C LEU A 157 -31.10 18.34 -16.91
N PRO A 158 -30.27 19.27 -17.37
CA PRO A 158 -28.86 18.98 -17.54
C PRO A 158 -28.22 18.65 -16.20
N TYR A 159 -27.11 17.91 -16.23
CA TYR A 159 -26.40 17.57 -15.01
C TYR A 159 -25.54 18.80 -14.74
N VAL A 160 -25.74 19.44 -13.59
CA VAL A 160 -24.98 20.64 -13.26
C VAL A 160 -23.85 20.46 -12.27
N THR A 161 -22.66 20.87 -12.67
CA THR A 161 -21.48 20.79 -11.80
C THR A 161 -20.98 22.20 -11.50
N LEU A 162 -20.96 22.57 -10.23
CA LEU A 162 -20.45 23.89 -9.87
C LEU A 162 -18.96 23.79 -9.60
N LYS A 163 -18.18 24.77 -10.06
CA LYS A 163 -16.75 24.72 -9.79
C LYS A 163 -16.16 26.10 -9.50
N ALA A 164 -15.35 26.19 -8.45
CA ALA A 164 -14.71 27.46 -8.10
C ALA A 164 -13.38 27.21 -7.40
N ALA A 165 -12.51 28.21 -7.39
CA ALA A 165 -11.21 28.11 -6.73
C ALA A 165 -11.13 29.27 -5.74
N ALA A 166 -10.72 28.95 -4.52
CA ALA A 166 -10.62 29.98 -3.50
C ALA A 166 -9.46 29.72 -2.57
N SER A 167 -9.07 30.75 -1.83
CA SER A 167 -7.99 30.59 -0.88
C SER A 167 -8.59 29.73 0.20
N LEU A 168 -7.74 29.12 1.01
CA LEU A 168 -8.15 28.26 2.12
C LEU A 168 -9.32 28.83 2.91
N ASP A 169 -9.38 30.15 3.03
CA ASP A 169 -10.47 30.80 3.75
C ASP A 169 -11.67 31.17 2.86
N GLY A 170 -11.89 30.37 1.82
CA GLY A 170 -13.03 30.56 0.92
C GLY A 170 -13.16 31.80 0.07
N LYS A 171 -12.11 32.64 -0.01
CA LYS A 171 -12.13 33.86 -0.82
C LYS A 171 -11.72 33.54 -2.25
N ILE A 172 -12.44 34.11 -3.22
CA ILE A 172 -12.13 33.87 -4.62
C ILE A 172 -11.42 35.03 -5.34
N ALA A 173 -11.02 36.01 -4.54
CA ALA A 173 -10.30 37.20 -4.96
C ALA A 173 -10.22 38.11 -3.75
N THR A 174 -9.38 39.15 -3.82
CA THR A 174 -9.23 40.09 -2.71
C THR A 174 -10.30 41.15 -2.73
N SER A 175 -10.17 42.13 -1.85
CA SER A 175 -11.14 43.22 -1.77
C SER A 175 -11.10 44.05 -3.04
N THR A 176 -10.03 43.89 -3.79
CA THR A 176 -9.86 44.64 -5.03
C THR A 176 -10.08 43.77 -6.26
N GLY A 177 -10.60 42.57 -6.06
CA GLY A 177 -10.84 41.70 -7.19
C GLY A 177 -9.60 40.96 -7.67
N ASP A 178 -8.44 41.31 -7.15
CA ASP A 178 -7.20 40.65 -7.56
C ASP A 178 -7.32 39.15 -7.25
N SER A 179 -7.27 38.33 -8.29
CA SER A 179 -7.35 36.91 -8.08
C SER A 179 -6.21 36.20 -8.77
N LYS A 180 -5.08 36.89 -8.92
CA LYS A 180 -3.92 36.28 -9.56
C LYS A 180 -3.22 35.33 -8.59
N TRP A 181 -2.97 34.11 -9.08
CA TRP A 181 -2.27 33.07 -8.32
C TRP A 181 -3.04 32.41 -7.18
N ILE A 182 -4.35 32.25 -7.32
CA ILE A 182 -5.12 31.58 -6.26
C ILE A 182 -5.11 30.06 -6.48
N THR A 183 -5.10 29.63 -7.73
CA THR A 183 -5.02 28.19 -7.98
C THR A 183 -3.75 27.90 -8.74
N SER A 184 -3.03 26.88 -8.26
CA SER A 184 -1.79 26.44 -8.86
C SER A 184 -2.02 25.98 -10.29
N GLU A 185 -0.98 26.02 -11.11
CA GLU A 185 -1.07 25.60 -12.49
C GLU A 185 -1.51 24.12 -12.56
N ALA A 186 -1.02 23.32 -11.61
CA ALA A 186 -1.36 21.91 -11.53
C ALA A 186 -2.88 21.76 -11.46
N ALA A 187 -3.49 22.69 -10.74
CA ALA A 187 -4.93 22.73 -10.55
C ALA A 187 -5.68 23.03 -11.84
N ARG A 188 -5.55 24.26 -12.33
CA ARG A 188 -6.23 24.65 -13.56
C ARG A 188 -6.20 23.50 -14.55
N GLN A 189 -5.05 22.82 -14.60
CA GLN A 189 -4.81 21.70 -15.50
C GLN A 189 -5.76 20.55 -15.21
N ASP A 190 -6.04 20.32 -13.92
CA ASP A 190 -6.95 19.26 -13.52
C ASP A 190 -8.37 19.70 -13.86
N ALA A 191 -8.77 20.84 -13.35
CA ALA A 191 -10.11 21.39 -13.59
C ALA A 191 -10.43 21.42 -15.08
N GLN A 192 -9.39 21.33 -15.90
CA GLN A 192 -9.56 21.37 -17.35
C GLN A 192 -10.24 20.09 -17.87
N GLN A 193 -10.19 19.04 -17.06
CA GLN A 193 -10.81 17.77 -17.45
C GLN A 193 -12.32 17.95 -17.64
N TYR A 194 -12.99 18.62 -16.70
CA TYR A 194 -14.42 18.81 -16.79
C TYR A 194 -14.81 19.57 -18.04
N ARG A 195 -13.86 20.28 -18.64
CA ARG A 195 -14.18 21.00 -19.85
C ARG A 195 -14.23 20.01 -21.01
N LYS A 196 -13.99 18.74 -20.72
CA LYS A 196 -14.04 17.71 -21.76
C LYS A 196 -15.23 16.77 -21.55
N THR A 197 -15.67 16.68 -20.30
CA THR A 197 -16.77 15.81 -19.97
C THR A 197 -18.10 16.54 -19.81
N HIS A 198 -18.10 17.85 -20.03
CA HIS A 198 -19.33 18.62 -19.96
C HIS A 198 -19.60 19.25 -21.31
N GLN A 199 -20.86 19.32 -21.67
CA GLN A 199 -21.25 19.87 -22.97
C GLN A 199 -21.34 21.38 -23.00
N SER A 200 -21.06 22.01 -21.86
CA SER A 200 -21.13 23.47 -21.80
C SER A 200 -20.41 24.06 -20.59
N ILE A 201 -19.91 25.27 -20.75
CA ILE A 201 -19.22 26.01 -19.68
C ILE A 201 -20.07 27.26 -19.56
N LEU A 202 -20.49 27.59 -18.34
CA LEU A 202 -21.31 28.77 -18.15
C LEU A 202 -20.68 29.72 -17.12
N VAL A 203 -20.90 31.01 -17.30
CA VAL A 203 -20.40 32.02 -16.38
C VAL A 203 -21.24 33.24 -16.64
N GLY A 204 -21.21 34.18 -15.70
CA GLY A 204 -21.95 35.42 -15.87
C GLY A 204 -21.05 36.35 -16.65
N VAL A 205 -21.63 37.39 -17.24
CA VAL A 205 -20.83 38.35 -17.99
C VAL A 205 -19.75 38.90 -17.09
N GLY A 206 -20.06 39.01 -15.81
CA GLY A 206 -19.10 39.52 -14.85
C GLY A 206 -17.77 38.86 -15.06
N THR A 207 -17.80 37.55 -15.23
CA THR A 207 -16.59 36.78 -15.44
C THR A 207 -15.90 37.16 -16.75
N VAL A 208 -16.69 37.55 -17.73
CA VAL A 208 -16.13 37.95 -19.03
C VAL A 208 -15.52 39.34 -18.90
N LYS A 209 -16.08 40.13 -18.01
CA LYS A 209 -15.60 41.49 -17.79
C LYS A 209 -14.32 41.44 -16.98
N ALA A 210 -14.32 40.61 -15.96
CA ALA A 210 -13.17 40.48 -15.08
C ALA A 210 -11.95 39.79 -15.65
N ASP A 211 -12.13 38.68 -16.37
CA ASP A 211 -10.98 37.94 -16.87
C ASP A 211 -10.98 37.56 -18.33
N ASN A 212 -12.03 37.98 -19.02
CA ASN A 212 -12.16 37.70 -20.45
C ASN A 212 -11.50 36.39 -20.84
N PRO A 213 -12.00 35.26 -20.28
CA PRO A 213 -11.47 33.92 -20.56
C PRO A 213 -12.06 33.30 -21.83
N SER A 214 -11.36 32.32 -22.40
CA SER A 214 -11.87 31.66 -23.59
C SER A 214 -12.80 30.53 -23.15
N LEU A 215 -12.61 30.04 -21.94
CA LEU A 215 -13.44 28.98 -21.40
C LEU A 215 -13.35 27.75 -22.29
N THR A 216 -12.27 27.65 -23.08
CA THR A 216 -12.11 26.50 -23.95
C THR A 216 -11.30 25.34 -23.34
N CYS A 217 -11.46 24.18 -23.95
CA CYS A 217 -10.78 22.98 -23.50
C CYS A 217 -9.41 22.96 -24.13
N ARG A 218 -8.39 23.03 -23.29
CA ARG A 218 -7.02 23.06 -23.77
C ARG A 218 -6.21 21.91 -23.17
N LEU A 219 -6.77 20.71 -23.22
CA LEU A 219 -6.09 19.51 -22.74
C LEU A 219 -5.47 18.90 -23.98
N PRO A 220 -4.69 17.82 -23.84
CA PRO A 220 -4.06 17.18 -25.00
C PRO A 220 -4.99 17.11 -26.20
N ASN A 221 -5.37 15.92 -26.64
CA ASN A 221 -6.26 15.87 -27.78
C ASN A 221 -7.60 16.47 -27.36
N VAL A 222 -8.03 17.52 -28.05
CA VAL A 222 -9.29 18.16 -27.73
C VAL A 222 -10.13 18.29 -28.99
N THR A 223 -10.60 17.16 -29.50
CA THR A 223 -11.40 17.14 -30.71
C THR A 223 -12.50 18.22 -30.69
N LYS A 224 -13.61 17.93 -30.02
CA LYS A 224 -14.69 18.90 -29.93
C LYS A 224 -14.40 19.91 -28.81
N GLN A 225 -15.27 20.92 -28.70
CA GLN A 225 -15.18 21.95 -27.68
C GLN A 225 -16.59 22.15 -27.13
N PRO A 226 -16.71 22.45 -25.84
CA PRO A 226 -17.99 22.68 -25.18
C PRO A 226 -18.65 24.00 -25.60
N VAL A 227 -19.95 24.12 -25.37
CA VAL A 227 -20.69 25.35 -25.71
C VAL A 227 -20.49 26.40 -24.61
N ARG A 228 -19.88 27.51 -24.94
CA ARG A 228 -19.64 28.55 -23.95
C ARG A 228 -20.90 29.37 -23.66
N VAL A 229 -21.46 29.17 -22.47
CA VAL A 229 -22.70 29.85 -22.05
C VAL A 229 -22.48 31.01 -21.08
N ILE A 230 -22.82 32.22 -21.50
CA ILE A 230 -22.66 33.38 -20.63
C ILE A 230 -24.04 33.93 -20.23
N LEU A 231 -24.26 34.22 -18.96
CA LEU A 231 -25.54 34.78 -18.55
C LEU A 231 -25.31 36.28 -18.49
N ASP A 232 -25.77 36.98 -19.52
CA ASP A 232 -25.62 38.44 -19.64
C ASP A 232 -26.96 39.15 -19.67
N THR A 233 -27.49 39.48 -18.48
CA THR A 233 -28.80 40.14 -18.37
C THR A 233 -29.18 41.22 -19.40
N VAL A 234 -28.38 42.29 -19.44
CA VAL A 234 -28.65 43.40 -20.35
C VAL A 234 -27.63 43.55 -21.50
N LEU A 235 -27.14 42.43 -22.01
CA LEU A 235 -26.14 42.44 -23.09
C LEU A 235 -24.99 43.43 -22.90
N SER A 236 -24.46 43.55 -21.69
CA SER A 236 -23.37 44.48 -21.45
C SER A 236 -22.00 43.84 -21.71
N ILE A 237 -22.01 42.61 -22.19
CA ILE A 237 -20.76 41.92 -22.49
C ILE A 237 -19.93 42.78 -23.44
N PRO A 238 -18.60 42.64 -23.40
CA PRO A 238 -17.74 43.42 -24.29
C PRO A 238 -17.57 42.72 -25.64
N GLU A 239 -17.97 43.40 -26.71
CA GLU A 239 -17.90 42.85 -28.06
C GLU A 239 -16.50 42.40 -28.47
N ASP A 240 -15.49 42.79 -27.72
CA ASP A 240 -14.13 42.40 -28.06
C ASP A 240 -13.63 41.20 -27.26
N ALA A 241 -14.45 40.67 -26.34
CA ALA A 241 -14.06 39.52 -25.52
C ALA A 241 -13.78 38.27 -26.37
N LYS A 242 -12.76 37.50 -25.99
CA LYS A 242 -12.37 36.29 -26.73
C LYS A 242 -13.57 35.40 -26.95
N VAL A 243 -14.40 35.29 -25.94
CA VAL A 243 -15.58 34.46 -25.99
C VAL A 243 -16.51 34.86 -27.13
N ILE A 244 -16.22 36.02 -27.72
CA ILE A 244 -17.01 36.56 -28.82
C ILE A 244 -16.23 36.68 -30.12
N CYS A 245 -14.90 36.61 -30.04
CA CYS A 245 -14.10 36.75 -31.25
C CYS A 245 -13.12 35.65 -31.63
N ASP A 246 -12.77 34.75 -30.71
CA ASP A 246 -11.81 33.71 -31.07
C ASP A 246 -12.32 32.59 -31.97
N GLN A 247 -13.64 32.41 -32.03
CA GLN A 247 -14.25 31.38 -32.87
C GLN A 247 -13.79 29.96 -32.53
N ILE A 248 -13.06 29.82 -31.43
CA ILE A 248 -12.57 28.51 -31.03
C ILE A 248 -13.71 27.58 -30.60
N ALA A 249 -14.76 28.15 -30.02
CA ALA A 249 -15.88 27.34 -29.57
C ALA A 249 -17.19 28.11 -29.74
N PRO A 250 -18.33 27.41 -29.60
CA PRO A 250 -19.60 28.13 -29.75
C PRO A 250 -19.81 29.08 -28.58
N THR A 251 -20.68 30.07 -28.75
CA THR A 251 -20.97 30.99 -27.66
C THR A 251 -22.46 31.33 -27.68
N TRP A 252 -23.13 31.10 -26.57
CA TRP A 252 -24.56 31.38 -26.47
C TRP A 252 -24.75 32.36 -25.34
N ILE A 253 -25.40 33.49 -25.62
CA ILE A 253 -25.64 34.45 -24.55
C ILE A 253 -27.09 34.28 -24.12
N PHE A 254 -27.40 34.61 -22.87
CA PHE A 254 -28.76 34.54 -22.37
C PHE A 254 -29.05 35.89 -21.81
N THR A 255 -29.91 36.64 -22.50
CA THR A 255 -30.25 37.99 -22.09
C THR A 255 -31.75 38.20 -21.89
N THR A 256 -32.11 39.39 -21.42
CA THR A 256 -33.50 39.74 -21.24
C THR A 256 -33.90 40.75 -22.30
N ALA A 257 -35.15 41.21 -22.24
CA ALA A 257 -35.65 42.17 -23.22
C ALA A 257 -34.93 43.53 -23.16
N ARG A 258 -34.08 43.72 -22.15
CA ARG A 258 -33.34 44.97 -22.00
C ARG A 258 -32.12 45.02 -22.92
N ALA A 259 -31.84 43.93 -23.60
CA ALA A 259 -30.70 43.90 -24.51
C ALA A 259 -30.94 44.85 -25.68
N ASP A 260 -29.88 45.19 -26.40
CA ASP A 260 -30.02 46.07 -27.56
C ASP A 260 -30.16 45.16 -28.78
N GLU A 261 -31.26 45.32 -29.51
CA GLU A 261 -31.53 44.53 -30.70
C GLU A 261 -30.46 44.74 -31.74
N GLU A 262 -29.90 45.94 -31.80
CA GLU A 262 -28.87 46.20 -32.79
C GLU A 262 -27.53 45.61 -32.38
N LYS A 263 -27.39 45.26 -31.10
CA LYS A 263 -26.15 44.65 -30.63
C LYS A 263 -26.27 43.15 -30.85
N LYS A 264 -27.45 42.60 -30.56
CA LYS A 264 -27.69 41.18 -30.78
C LYS A 264 -27.32 40.94 -32.25
N LYS A 265 -27.66 41.93 -33.07
CA LYS A 265 -27.34 41.85 -34.49
C LYS A 265 -25.84 41.73 -34.62
N ARG A 266 -25.13 42.81 -34.33
CA ARG A 266 -23.68 42.81 -34.43
C ARG A 266 -23.05 41.53 -33.88
N LEU A 267 -23.64 40.99 -32.82
CA LEU A 267 -23.14 39.76 -32.19
C LEU A 267 -23.49 38.47 -32.94
N SER A 268 -24.72 38.39 -33.48
CA SER A 268 -25.12 37.18 -34.21
C SER A 268 -24.25 37.03 -35.45
N ALA A 269 -23.82 38.18 -35.98
CA ALA A 269 -22.96 38.18 -37.16
C ALA A 269 -21.66 37.51 -36.80
N PHE A 270 -21.34 37.49 -35.50
CA PHE A 270 -20.10 36.88 -35.03
C PHE A 270 -20.20 35.38 -34.78
N GLY A 271 -21.41 34.83 -34.82
CA GLY A 271 -21.56 33.40 -34.62
C GLY A 271 -22.17 33.03 -33.28
N VAL A 272 -22.39 34.02 -32.42
CA VAL A 272 -22.97 33.75 -31.11
C VAL A 272 -24.46 33.65 -31.29
N ASN A 273 -25.11 32.91 -30.39
CA ASN A 273 -26.56 32.76 -30.40
C ASN A 273 -27.11 33.40 -29.14
N ILE A 274 -27.96 34.40 -29.31
CA ILE A 274 -28.50 35.11 -28.17
C ILE A 274 -29.94 34.75 -27.80
N PHE A 275 -30.10 34.03 -26.69
CA PHE A 275 -31.43 33.67 -26.20
C PHE A 275 -31.98 34.85 -25.40
N THR A 276 -33.20 35.26 -25.71
CA THR A 276 -33.85 36.38 -25.02
C THR A 276 -34.98 35.88 -24.13
N LEU A 277 -34.77 35.90 -22.81
CA LEU A 277 -35.77 35.44 -21.87
C LEU A 277 -36.89 36.45 -21.66
N GLU A 278 -38.02 35.96 -21.14
CA GLU A 278 -39.19 36.79 -20.91
C GLU A 278 -39.30 37.40 -19.51
N THR A 279 -38.66 36.77 -18.53
CA THR A 279 -38.68 37.25 -17.15
C THR A 279 -37.88 38.54 -17.04
N GLU A 280 -38.06 39.29 -15.95
CA GLU A 280 -37.30 40.53 -15.77
C GLU A 280 -35.83 40.16 -15.52
N ARG A 281 -35.64 39.24 -14.58
CA ARG A 281 -34.31 38.75 -14.24
C ARG A 281 -34.09 37.44 -15.01
N ILE A 282 -33.02 36.71 -14.68
CA ILE A 282 -32.73 35.46 -15.37
C ILE A 282 -32.88 34.32 -14.38
N GLN A 283 -33.83 33.44 -14.62
CA GLN A 283 -34.03 32.31 -13.72
C GLN A 283 -33.16 31.14 -14.19
N ILE A 284 -32.40 30.55 -13.28
CA ILE A 284 -31.57 29.43 -13.69
C ILE A 284 -32.43 28.29 -14.21
N PRO A 285 -33.57 28.01 -13.55
CA PRO A 285 -34.43 26.93 -14.01
C PRO A 285 -34.83 27.16 -15.46
N ASP A 286 -34.97 28.44 -15.82
CA ASP A 286 -35.35 28.85 -17.17
C ASP A 286 -34.31 28.51 -18.25
N VAL A 287 -33.07 28.93 -18.02
CA VAL A 287 -32.02 28.66 -18.99
C VAL A 287 -31.67 27.17 -18.99
N LEU A 288 -31.74 26.55 -17.81
CA LEU A 288 -31.44 25.13 -17.71
C LEU A 288 -32.34 24.30 -18.61
N LYS A 289 -33.62 24.63 -18.61
CA LYS A 289 -34.62 23.92 -19.41
C LYS A 289 -34.39 24.14 -20.90
N ILE A 290 -34.00 25.36 -21.28
CA ILE A 290 -33.73 25.65 -22.68
C ILE A 290 -32.49 24.90 -23.14
N LEU A 291 -31.48 24.85 -22.28
CA LEU A 291 -30.26 24.14 -22.65
C LEU A 291 -30.56 22.67 -22.96
N ALA A 292 -31.55 22.12 -22.26
CA ALA A 292 -31.94 20.72 -22.43
C ALA A 292 -32.68 20.45 -23.73
N GLU A 293 -33.61 21.34 -24.07
CA GLU A 293 -34.39 21.20 -25.30
C GLU A 293 -33.43 21.40 -26.45
N GLU A 294 -32.24 21.90 -26.11
CA GLU A 294 -31.19 22.16 -27.09
C GLU A 294 -30.21 21.00 -27.17
N GLY A 295 -30.45 19.96 -26.38
CA GLY A 295 -29.58 18.80 -26.41
C GLY A 295 -28.38 18.86 -25.47
N ILE A 296 -28.30 19.92 -24.67
CA ILE A 296 -27.21 20.08 -23.73
C ILE A 296 -27.64 19.35 -22.46
N MET A 297 -26.88 18.32 -22.10
CA MET A 297 -27.21 17.51 -20.93
C MET A 297 -26.34 17.77 -19.73
N SER A 298 -25.12 18.25 -19.93
CA SER A 298 -24.25 18.54 -18.81
C SER A 298 -23.78 19.98 -18.84
N VAL A 299 -23.70 20.59 -17.67
CA VAL A 299 -23.25 21.96 -17.58
C VAL A 299 -22.27 22.18 -16.43
N TYR A 300 -21.10 22.69 -16.80
CA TYR A 300 -20.01 22.97 -15.88
C TYR A 300 -20.07 24.47 -15.62
N VAL A 301 -20.64 24.84 -14.48
CA VAL A 301 -20.79 26.23 -14.07
C VAL A 301 -19.54 26.68 -13.34
N GLU A 302 -18.73 27.47 -14.01
CA GLU A 302 -17.48 27.92 -13.43
C GLU A 302 -17.67 29.20 -12.61
N GLY A 303 -17.01 30.29 -12.99
CA GLY A 303 -17.17 31.53 -12.24
C GLY A 303 -18.56 32.11 -11.98
N GLY A 304 -18.60 33.01 -10.98
CA GLY A 304 -19.81 33.69 -10.58
C GLY A 304 -20.20 33.42 -9.14
N SER A 305 -19.61 34.14 -8.19
CA SER A 305 -19.99 33.92 -6.80
C SER A 305 -21.51 34.06 -6.73
N ALA A 306 -22.02 35.03 -7.48
CA ALA A 306 -23.45 35.25 -7.52
C ALA A 306 -24.09 34.11 -8.30
N VAL A 307 -23.58 33.84 -9.50
CA VAL A 307 -24.11 32.77 -10.33
C VAL A 307 -24.21 31.47 -9.54
N HIS A 308 -23.10 31.06 -8.94
CA HIS A 308 -23.11 29.85 -8.12
C HIS A 308 -24.25 29.97 -7.11
N GLY A 309 -24.36 31.15 -6.50
CA GLY A 309 -25.42 31.36 -5.52
C GLY A 309 -26.81 31.00 -6.03
N SER A 310 -27.16 31.47 -7.24
CA SER A 310 -28.46 31.19 -7.81
C SER A 310 -28.69 29.69 -7.99
N PHE A 311 -27.73 29.01 -8.64
CA PHE A 311 -27.78 27.57 -8.87
C PHE A 311 -27.99 26.84 -7.56
N VAL A 312 -27.39 27.36 -6.49
CA VAL A 312 -27.51 26.76 -5.17
C VAL A 312 -28.83 27.10 -4.52
N LYS A 313 -29.17 28.37 -4.49
CA LYS A 313 -30.43 28.79 -3.87
C LYS A 313 -31.59 28.11 -4.57
N GLU A 314 -31.46 27.91 -5.89
CA GLU A 314 -32.50 27.25 -6.66
C GLU A 314 -32.34 25.73 -6.57
N GLY A 315 -31.30 25.29 -5.89
CA GLY A 315 -31.04 23.87 -5.77
C GLY A 315 -30.82 23.18 -7.12
N CYS A 316 -30.31 23.92 -8.09
CA CYS A 316 -30.08 23.36 -9.42
C CYS A 316 -28.70 22.80 -9.70
N PHE A 317 -28.12 22.05 -8.77
CA PHE A 317 -26.79 21.49 -9.01
C PHE A 317 -26.69 20.08 -8.53
N GLN A 318 -25.77 19.31 -9.12
CA GLN A 318 -25.61 17.91 -8.75
C GLN A 318 -24.23 17.57 -8.17
N GLU A 319 -23.27 18.48 -8.33
CA GLU A 319 -21.93 18.22 -7.85
C GLU A 319 -21.13 19.52 -7.60
N ILE A 320 -20.55 19.65 -6.41
CA ILE A 320 -19.74 20.83 -6.09
C ILE A 320 -18.27 20.45 -5.97
N ILE A 321 -17.41 21.15 -6.69
CA ILE A 321 -15.97 20.91 -6.65
C ILE A 321 -15.27 22.24 -6.40
N PHE A 322 -14.60 22.37 -5.26
CA PHE A 322 -13.87 23.59 -4.93
C PHE A 322 -12.40 23.31 -4.73
N TYR A 323 -11.56 24.09 -5.38
CA TYR A 323 -10.12 23.93 -5.21
C TYR A 323 -9.69 24.91 -4.10
N PHE A 324 -8.99 24.42 -3.08
CA PHE A 324 -8.51 25.27 -1.98
C PHE A 324 -6.97 25.35 -1.93
N ALA A 325 -6.43 26.57 -1.97
CA ALA A 325 -4.99 26.77 -1.91
C ALA A 325 -4.47 27.18 -0.51
N PRO A 326 -3.23 26.77 -0.17
CA PRO A 326 -2.66 27.11 1.12
C PRO A 326 -2.34 28.60 1.21
N LYS A 327 -3.37 29.45 1.25
CA LYS A 327 -3.19 30.88 1.35
C LYS A 327 -4.39 31.44 2.07
N LEU A 328 -4.21 32.62 2.66
CA LEU A 328 -5.34 33.23 3.35
C LEU A 328 -5.46 34.67 2.88
N ILE A 329 -6.55 34.96 2.18
CA ILE A 329 -6.82 36.31 1.71
C ILE A 329 -7.71 36.87 2.79
N GLY A 330 -7.33 37.96 3.43
CA GLY A 330 -8.25 38.43 4.45
C GLY A 330 -9.41 39.05 3.71
N GLY A 331 -10.11 40.01 4.31
CA GLY A 331 -11.18 40.63 3.54
C GLY A 331 -12.59 40.77 4.05
N THR A 332 -12.87 41.96 4.56
CA THR A 332 -14.19 42.28 5.06
C THR A 332 -15.04 42.58 3.82
N HIS A 333 -14.34 42.90 2.74
CA HIS A 333 -14.97 43.21 1.45
C HIS A 333 -14.49 42.25 0.40
N ALA A 334 -14.02 41.09 0.83
CA ALA A 334 -13.53 40.11 -0.11
C ALA A 334 -14.67 39.22 -0.58
N PRO A 335 -14.63 38.80 -1.84
CA PRO A 335 -15.67 37.94 -2.41
C PRO A 335 -15.48 36.49 -1.98
N SER A 336 -16.49 35.90 -1.36
CA SER A 336 -16.38 34.50 -0.93
C SER A 336 -16.92 33.59 -2.04
N LEU A 337 -16.69 32.30 -1.88
CA LEU A 337 -17.13 31.31 -2.85
C LEU A 337 -18.54 31.56 -3.40
N ILE A 338 -19.53 31.61 -2.53
CA ILE A 338 -20.92 31.85 -2.92
C ILE A 338 -21.53 33.12 -2.32
N SER A 339 -22.09 33.98 -3.18
CA SER A 339 -22.70 35.23 -2.75
C SER A 339 -24.19 35.19 -2.98
N GLY A 340 -24.84 36.35 -2.92
CA GLY A 340 -26.26 36.43 -3.13
C GLY A 340 -27.14 36.14 -1.92
N GLU A 341 -28.29 35.53 -2.18
CA GLU A 341 -29.25 35.19 -1.13
C GLU A 341 -28.64 34.54 0.11
N GLY A 342 -28.66 33.22 0.12
CA GLY A 342 -28.12 32.49 1.26
C GLY A 342 -29.20 32.11 2.24
N PHE A 343 -29.05 30.93 2.83
CA PHE A 343 -30.00 30.41 3.80
C PHE A 343 -29.90 31.16 5.13
N GLN A 344 -31.04 31.43 5.74
CA GLN A 344 -31.08 32.17 6.99
C GLN A 344 -30.82 31.34 8.24
N SER A 345 -31.17 30.07 8.22
CA SER A 345 -30.97 29.23 9.39
C SER A 345 -30.40 27.85 9.08
N MET A 346 -29.47 27.41 9.93
CA MET A 346 -28.84 26.12 9.75
C MET A 346 -29.83 24.98 9.54
N LYS A 347 -31.03 25.15 10.08
CA LYS A 347 -32.10 24.16 9.97
C LYS A 347 -32.66 24.10 8.57
N ASP A 348 -32.11 24.91 7.67
CA ASP A 348 -32.60 24.95 6.31
C ASP A 348 -31.47 24.69 5.32
N VAL A 349 -30.24 25.02 5.70
CA VAL A 349 -29.11 24.79 4.81
C VAL A 349 -29.01 23.29 4.51
N PRO A 350 -29.17 22.91 3.23
CA PRO A 350 -29.12 21.52 2.75
C PRO A 350 -27.82 20.79 3.05
N LEU A 351 -27.91 19.52 3.41
CA LEU A 351 -26.74 18.73 3.72
C LEU A 351 -26.16 18.04 2.50
N LEU A 352 -24.87 18.26 2.25
CA LEU A 352 -24.20 17.63 1.13
C LEU A 352 -23.40 16.46 1.69
N GLN A 353 -22.65 15.80 0.82
CA GLN A 353 -21.85 14.66 1.21
C GLN A 353 -20.59 14.60 0.37
N PHE A 354 -19.43 14.78 1.01
CA PHE A 354 -18.17 14.72 0.29
C PHE A 354 -18.03 13.41 -0.45
N THR A 355 -17.70 13.47 -1.74
CA THR A 355 -17.53 12.26 -2.52
C THR A 355 -16.05 11.96 -2.73
N ASP A 356 -15.24 13.01 -2.75
CA ASP A 356 -13.80 12.84 -2.93
C ASP A 356 -12.99 13.99 -2.33
N ILE A 357 -11.83 13.66 -1.74
CA ILE A 357 -10.93 14.65 -1.13
C ILE A 357 -9.53 14.45 -1.71
N THR A 358 -9.32 14.94 -2.93
CA THR A 358 -8.03 14.81 -3.60
C THR A 358 -7.11 16.02 -3.50
N GLN A 359 -5.84 15.75 -3.20
CA GLN A 359 -4.84 16.81 -3.10
C GLN A 359 -4.14 16.94 -4.45
N ILE A 360 -4.12 18.15 -5.00
CA ILE A 360 -3.48 18.42 -6.29
C ILE A 360 -2.34 19.40 -6.11
N GLY A 361 -1.10 18.91 -6.19
CA GLY A 361 0.03 19.81 -6.00
C GLY A 361 0.01 20.33 -4.58
N ARG A 362 0.16 21.63 -4.39
CA ARG A 362 0.12 22.15 -3.03
C ARG A 362 -1.32 22.55 -2.71
N ASP A 363 -2.20 22.37 -3.69
CA ASP A 363 -3.62 22.71 -3.55
C ASP A 363 -4.42 21.51 -3.03
N ILE A 364 -5.74 21.66 -2.93
CA ILE A 364 -6.63 20.58 -2.46
C ILE A 364 -8.03 20.64 -3.08
N LYS A 365 -8.44 19.55 -3.74
CA LYS A 365 -9.75 19.53 -4.37
C LYS A 365 -10.80 18.85 -3.49
N LEU A 366 -11.87 19.56 -3.18
CA LEU A 366 -12.97 19.01 -2.40
C LEU A 366 -14.16 18.87 -3.34
N THR A 367 -14.74 17.67 -3.39
CA THR A 367 -15.87 17.46 -4.25
C THR A 367 -16.94 16.76 -3.44
N ALA A 368 -18.18 17.25 -3.53
CA ALA A 368 -19.27 16.68 -2.78
C ALA A 368 -20.56 16.76 -3.55
N LYS A 369 -21.54 15.97 -3.15
CA LYS A 369 -22.85 15.96 -3.81
C LYS A 369 -24.01 16.04 -2.83
N PRO A 370 -25.17 16.55 -3.30
CA PRO A 370 -26.34 16.70 -2.43
C PRO A 370 -26.97 15.43 -1.86
N THR A 371 -27.88 15.65 -0.91
CA THR A 371 -28.62 14.59 -0.23
C THR A 371 -27.75 13.96 0.85
N MET B 13 23.73 3.09 14.97
CA MET B 13 23.64 2.91 16.45
C MET B 13 23.56 4.24 17.19
N GLU B 14 24.34 5.21 16.76
CA GLU B 14 24.34 6.54 17.36
C GLU B 14 22.89 7.03 17.45
N GLU B 15 22.32 7.28 16.27
CA GLU B 15 20.95 7.76 16.14
C GLU B 15 19.92 6.81 16.74
N TYR B 16 20.25 5.53 16.80
CA TYR B 16 19.33 4.57 17.37
C TYR B 16 19.05 4.95 18.81
N TYR B 17 20.09 4.92 19.63
CA TYR B 17 19.95 5.27 21.03
C TYR B 17 19.24 6.62 21.23
N MET B 18 19.41 7.55 20.30
CA MET B 18 18.77 8.84 20.42
C MET B 18 17.28 8.79 20.09
N LYS B 19 16.92 7.89 19.19
CA LYS B 19 15.54 7.70 18.79
C LYS B 19 14.75 7.20 19.98
N LEU B 20 15.36 6.27 20.70
CA LEU B 20 14.78 5.68 21.90
C LEU B 20 14.52 6.80 22.89
N ALA B 21 15.55 7.60 23.17
CA ALA B 21 15.43 8.72 24.10
C ALA B 21 14.20 9.54 23.75
N LEU B 22 13.99 9.75 22.47
CA LEU B 22 12.84 10.51 21.99
C LEU B 22 11.55 9.80 22.37
N ASP B 23 11.43 8.53 21.99
CA ASP B 23 10.23 7.74 22.29
C ASP B 23 9.90 7.71 23.78
N LEU B 24 10.92 7.67 24.63
CA LEU B 24 10.64 7.69 26.05
C LEU B 24 10.05 9.06 26.37
N ALA B 25 10.74 10.10 25.91
CA ALA B 25 10.33 11.47 26.13
C ALA B 25 8.85 11.65 25.86
N LYS B 26 8.42 11.17 24.71
CA LYS B 26 7.04 11.30 24.32
C LYS B 26 6.04 10.72 25.32
N GLN B 27 6.44 9.68 26.04
CA GLN B 27 5.50 9.09 26.99
C GLN B 27 4.92 10.09 28.00
N GLY B 28 5.61 11.20 28.22
CA GLY B 28 5.14 12.18 29.17
C GLY B 28 4.29 13.28 28.55
N GLU B 29 3.78 13.03 27.34
CA GLU B 29 2.97 14.02 26.65
C GLU B 29 1.71 14.38 27.44
N GLY B 30 1.49 15.68 27.59
CA GLY B 30 0.33 16.16 28.30
C GLY B 30 0.38 15.88 29.78
N GLN B 31 1.58 15.67 30.31
CA GLN B 31 1.76 15.39 31.72
C GLN B 31 2.74 16.33 32.38
N THR B 32 3.31 17.24 31.59
CA THR B 32 4.28 18.18 32.11
C THR B 32 3.80 19.63 32.21
N GLU B 33 2.59 19.88 31.69
CA GLU B 33 2.00 21.21 31.72
C GLU B 33 2.73 22.27 30.89
N SER B 34 3.78 22.84 31.48
CA SER B 34 4.57 23.88 30.81
C SER B 34 6.07 23.54 30.84
N ASN B 35 6.36 22.25 30.97
CA ASN B 35 7.72 21.77 30.99
C ASN B 35 7.95 20.98 29.72
N PRO B 36 9.18 21.00 29.20
CA PRO B 36 9.45 20.26 27.97
C PRO B 36 9.58 18.75 28.13
N LEU B 37 8.91 18.00 27.27
CA LEU B 37 9.05 16.56 27.31
C LEU B 37 10.54 16.29 27.02
N VAL B 38 11.12 15.29 27.66
CA VAL B 38 12.53 14.94 27.47
C VAL B 38 12.79 13.47 27.78
N GLY B 39 13.78 12.90 27.10
CA GLY B 39 14.11 11.50 27.30
C GLY B 39 15.62 11.39 27.37
N ALA B 40 16.11 10.31 27.96
CA ALA B 40 17.54 10.11 28.09
C ALA B 40 17.84 8.61 28.09
N VAL B 41 18.97 8.25 27.49
CA VAL B 41 19.36 6.85 27.43
C VAL B 41 20.84 6.66 27.79
N VAL B 42 21.09 5.85 28.82
CA VAL B 42 22.47 5.61 29.24
C VAL B 42 22.96 4.28 28.70
N VAL B 43 23.90 4.35 27.77
CA VAL B 43 24.49 3.15 27.16
C VAL B 43 25.84 2.85 27.81
N LYS B 44 26.11 1.58 28.06
CA LYS B 44 27.38 1.19 28.69
C LYS B 44 27.92 -0.12 28.14
N ASP B 45 29.07 -0.05 27.47
CA ASP B 45 29.70 -1.22 26.88
C ASP B 45 28.77 -1.84 25.85
N GLY B 46 28.07 -0.98 25.12
CA GLY B 46 27.15 -1.45 24.09
C GLY B 46 25.86 -2.02 24.63
N GLN B 47 25.50 -1.62 25.85
CA GLN B 47 24.28 -2.10 26.50
C GLN B 47 23.49 -0.99 27.20
N ILE B 48 22.21 -0.88 26.86
CA ILE B 48 21.34 0.11 27.49
C ILE B 48 21.23 -0.32 28.95
N VAL B 49 21.65 0.54 29.87
CA VAL B 49 21.60 0.27 31.31
C VAL B 49 20.71 1.28 32.06
N GLY B 50 20.30 2.34 31.37
CA GLY B 50 19.46 3.34 32.00
C GLY B 50 18.58 4.05 31.00
N MET B 51 17.31 4.23 31.34
CA MET B 51 16.36 4.91 30.47
C MET B 51 15.46 5.80 31.30
N GLY B 52 15.12 6.97 30.78
CA GLY B 52 14.25 7.84 31.54
C GLY B 52 13.58 8.93 30.76
N ALA B 53 12.55 9.53 31.36
CA ALA B 53 11.81 10.60 30.70
C ALA B 53 11.10 11.46 31.73
N HIS B 54 10.91 12.73 31.41
CA HIS B 54 10.22 13.65 32.34
C HIS B 54 8.76 13.23 32.27
N LEU B 55 8.25 12.66 33.36
CA LEU B 55 6.86 12.21 33.36
C LEU B 55 5.85 13.13 34.02
N LYS B 56 6.26 13.85 35.04
CA LYS B 56 5.34 14.74 35.73
C LYS B 56 5.94 16.06 36.08
N TYR B 57 5.21 17.10 35.73
CA TYR B 57 5.63 18.46 36.01
C TYR B 57 6.23 18.59 37.40
N GLY B 58 7.32 19.34 37.52
CA GLY B 58 7.93 19.54 38.80
C GLY B 58 8.53 18.32 39.47
N GLU B 59 8.57 17.18 38.78
CA GLU B 59 9.17 16.02 39.39
C GLU B 59 10.49 15.73 38.71
N ALA B 60 11.10 14.61 39.06
CA ALA B 60 12.40 14.25 38.49
C ALA B 60 12.55 14.48 36.99
N HIS B 61 13.70 15.01 36.58
CA HIS B 61 13.97 15.24 35.16
C HIS B 61 14.38 13.92 34.52
N ALA B 62 14.39 13.88 33.19
CA ALA B 62 14.72 12.68 32.44
C ALA B 62 16.14 12.12 32.63
N GLU B 63 17.11 13.00 32.85
CA GLU B 63 18.50 12.55 33.01
C GLU B 63 18.68 11.90 34.38
N VAL B 64 17.80 12.25 35.30
CA VAL B 64 17.84 11.72 36.65
C VAL B 64 17.42 10.26 36.66
N HIS B 65 16.17 10.01 36.27
CA HIS B 65 15.65 8.65 36.23
C HIS B 65 16.64 7.70 35.57
N ALA B 66 17.09 8.08 34.38
CA ALA B 66 18.05 7.28 33.62
C ALA B 66 19.30 6.97 34.42
N ILE B 67 19.97 8.01 34.91
CA ILE B 67 21.19 7.83 35.69
C ILE B 67 20.95 6.83 36.81
N HIS B 68 19.95 7.13 37.63
CA HIS B 68 19.57 6.27 38.75
C HIS B 68 19.42 4.83 38.31
N MET B 69 18.60 4.60 37.30
CA MET B 69 18.37 3.26 36.79
C MET B 69 19.70 2.60 36.36
N ALA B 70 20.58 3.38 35.75
CA ALA B 70 21.86 2.85 35.28
C ALA B 70 22.81 2.51 36.42
N GLY B 71 22.56 3.08 37.59
CA GLY B 71 23.40 2.83 38.74
C GLY B 71 24.89 2.94 38.49
N ALA B 72 25.64 1.93 38.92
CA ALA B 72 27.10 1.89 38.77
C ALA B 72 27.59 1.78 37.33
N HIS B 73 26.68 1.49 36.41
CA HIS B 73 27.05 1.36 34.99
C HIS B 73 27.16 2.71 34.32
N ALA B 74 26.85 3.76 35.09
CA ALA B 74 26.87 5.14 34.60
C ALA B 74 28.27 5.62 34.28
N GLU B 75 29.22 5.24 35.14
CA GLU B 75 30.60 5.65 34.95
C GLU B 75 31.23 5.03 33.70
N GLY B 76 31.84 5.88 32.88
CA GLY B 76 32.49 5.44 31.67
C GLY B 76 31.48 5.18 30.56
N ALA B 77 30.23 5.53 30.82
CA ALA B 77 29.18 5.32 29.84
C ALA B 77 28.80 6.58 29.10
N ASP B 78 27.96 6.42 28.10
CA ASP B 78 27.46 7.52 27.31
C ASP B 78 26.05 7.80 27.81
N ILE B 79 25.44 8.88 27.33
CA ILE B 79 24.09 9.22 27.73
C ILE B 79 23.47 10.11 26.68
N TYR B 80 22.46 9.60 25.98
CA TYR B 80 21.80 10.40 24.95
C TYR B 80 20.66 11.18 25.55
N VAL B 81 20.67 12.50 25.33
CA VAL B 81 19.61 13.33 25.85
C VAL B 81 18.97 14.16 24.75
N THR B 82 17.65 14.10 24.72
CA THR B 82 16.81 14.82 23.76
C THR B 82 17.04 16.33 23.76
N LEU B 83 17.18 16.92 24.94
CA LEU B 83 17.38 18.35 25.10
C LEU B 83 18.60 18.60 26.00
N GLU B 84 19.23 19.76 25.88
CA GLU B 84 20.41 20.08 26.69
C GLU B 84 20.17 20.02 28.19
N PRO B 85 20.97 19.22 28.91
CA PRO B 85 20.86 19.06 30.36
C PRO B 85 20.70 20.35 31.16
N CYS B 86 19.89 20.27 32.22
CA CYS B 86 19.60 21.40 33.11
C CYS B 86 20.94 21.90 33.67
N SER B 87 21.14 23.22 33.75
CA SER B 87 22.44 23.71 34.24
C SER B 87 22.47 24.77 35.34
N HIS B 88 21.32 25.09 35.92
CA HIS B 88 21.27 26.07 36.99
C HIS B 88 21.75 25.44 38.30
N TYR B 89 22.65 26.11 39.03
CA TYR B 89 23.12 25.56 40.30
C TYR B 89 22.12 25.86 41.41
N GLY B 90 20.84 25.67 41.09
CA GLY B 90 19.77 25.93 42.03
C GLY B 90 19.77 25.15 43.33
N LYS B 91 18.57 24.69 43.70
CA LYS B 91 18.34 23.95 44.94
C LYS B 91 18.88 22.52 44.99
N THR B 92 19.56 22.11 43.93
CA THR B 92 20.13 20.76 43.85
C THR B 92 21.08 20.75 42.67
N PRO B 93 22.06 19.85 42.69
CA PRO B 93 22.98 19.82 41.56
C PRO B 93 22.18 19.66 40.27
N PRO B 94 22.60 20.33 39.19
CA PRO B 94 21.86 20.21 37.94
C PRO B 94 22.22 18.94 37.20
N CYS B 95 21.27 18.48 36.39
CA CYS B 95 21.39 17.29 35.57
C CYS B 95 22.67 17.33 34.77
N ALA B 96 23.17 18.53 34.52
CA ALA B 96 24.40 18.70 33.76
C ALA B 96 25.54 18.28 34.67
N GLU B 97 25.38 18.62 35.95
CA GLU B 97 26.37 18.28 36.96
C GLU B 97 26.16 16.82 37.37
N LEU B 98 24.90 16.45 37.58
CA LEU B 98 24.57 15.08 37.96
C LEU B 98 25.18 14.09 36.96
N ILE B 99 25.29 14.50 35.69
CA ILE B 99 25.88 13.66 34.65
C ILE B 99 27.38 13.56 34.85
N ILE B 100 27.97 14.69 35.24
CA ILE B 100 29.39 14.82 35.52
C ILE B 100 29.79 13.82 36.60
N ASN B 101 29.28 14.06 37.81
CA ASN B 101 29.58 13.23 38.96
C ASN B 101 29.28 11.74 38.81
N SER B 102 28.50 11.38 37.80
CA SER B 102 28.15 9.98 37.59
C SER B 102 29.21 9.21 36.83
N GLY B 103 30.21 9.92 36.33
CA GLY B 103 31.28 9.27 35.60
C GLY B 103 30.99 9.01 34.13
N ILE B 104 29.96 9.64 33.60
CA ILE B 104 29.62 9.48 32.19
C ILE B 104 30.74 10.15 31.39
N LYS B 105 31.28 9.43 30.40
CA LYS B 105 32.36 9.99 29.59
C LYS B 105 31.88 10.79 28.37
N ARG B 106 30.94 10.24 27.61
CA ARG B 106 30.44 10.93 26.41
C ARG B 106 28.94 11.22 26.47
N VAL B 107 28.58 12.47 26.21
CA VAL B 107 27.18 12.87 26.21
C VAL B 107 26.76 13.20 24.79
N PHE B 108 25.52 12.90 24.46
CA PHE B 108 24.99 13.17 23.13
C PHE B 108 23.72 14.00 23.23
N VAL B 109 23.87 15.33 23.21
CA VAL B 109 22.72 16.19 23.28
C VAL B 109 22.11 16.23 21.88
N ALA B 110 20.80 16.44 21.80
CA ALA B 110 20.13 16.50 20.50
C ALA B 110 20.07 17.93 20.06
N MET B 111 19.57 18.79 20.92
CA MET B 111 19.45 20.21 20.62
C MET B 111 19.65 21.04 21.87
N ARG B 112 20.19 22.25 21.71
CA ARG B 112 20.46 23.14 22.84
C ARG B 112 19.24 23.78 23.47
N ASP B 113 19.46 24.41 24.62
CA ASP B 113 18.41 25.08 25.39
C ASP B 113 17.66 26.05 24.50
N PRO B 114 16.33 26.13 24.67
CA PRO B 114 15.48 27.03 23.88
C PRO B 114 15.77 28.48 24.23
N ASN B 115 16.06 28.72 25.50
CA ASN B 115 16.34 30.05 26.02
C ASN B 115 17.71 30.54 25.56
N PRO B 116 17.73 31.57 24.69
CA PRO B 116 18.95 32.17 24.12
C PRO B 116 19.95 32.50 25.22
N LEU B 117 19.41 32.70 26.41
CA LEU B 117 20.20 33.05 27.59
C LEU B 117 20.95 31.88 28.20
N VAL B 118 20.31 30.72 28.26
CA VAL B 118 20.97 29.55 28.86
C VAL B 118 21.70 28.68 27.85
N ALA B 119 21.17 28.60 26.64
CA ALA B 119 21.76 27.79 25.58
C ALA B 119 23.27 27.73 25.65
N GLY B 120 23.81 26.55 25.95
CA GLY B 120 25.25 26.40 26.02
C GLY B 120 25.84 26.21 27.40
N ARG B 121 25.18 26.78 28.42
CA ARG B 121 25.67 26.68 29.78
C ARG B 121 25.86 25.22 30.15
N GLY B 122 24.91 24.40 29.74
CA GLY B 122 24.98 22.98 30.01
C GLY B 122 26.13 22.32 29.27
N ILE B 123 26.15 22.48 27.94
CA ILE B 123 27.20 21.91 27.11
C ILE B 123 28.58 22.30 27.63
N SER B 124 28.69 23.56 28.04
CA SER B 124 29.93 24.12 28.57
C SER B 124 30.33 23.40 29.86
N MET B 125 29.51 23.58 30.87
CA MET B 125 29.70 22.99 32.18
C MET B 125 30.28 21.58 32.06
N MET B 126 29.63 20.76 31.22
CA MET B 126 30.06 19.38 31.02
C MET B 126 31.39 19.29 30.28
N LYS B 127 31.48 19.94 29.13
CA LYS B 127 32.69 19.92 28.31
C LYS B 127 33.97 20.29 29.07
N GLU B 128 33.86 21.28 29.94
CA GLU B 128 35.01 21.73 30.73
C GLU B 128 35.37 20.71 31.80
N ALA B 129 34.51 19.71 31.97
CA ALA B 129 34.73 18.67 32.97
C ALA B 129 35.41 17.46 32.31
N GLY B 130 35.59 17.53 31.00
CA GLY B 130 36.24 16.44 30.28
C GLY B 130 35.24 15.58 29.53
N ILE B 131 33.96 15.89 29.68
CA ILE B 131 32.92 15.13 29.01
C ILE B 131 32.88 15.51 27.54
N GLU B 132 32.98 14.52 26.66
CA GLU B 132 32.91 14.79 25.23
C GLU B 132 31.45 15.02 24.89
N VAL B 133 31.13 16.18 24.32
CA VAL B 133 29.75 16.48 24.00
C VAL B 133 29.45 16.65 22.51
N ARG B 134 28.57 15.79 22.00
CA ARG B 134 28.19 15.83 20.59
C ARG B 134 26.78 16.39 20.55
N GLU B 135 26.48 17.19 19.53
CA GLU B 135 25.15 17.80 19.40
C GLU B 135 24.49 17.59 18.06
N GLY B 136 23.17 17.71 18.03
CA GLY B 136 22.43 17.58 16.78
C GLY B 136 21.97 16.21 16.35
N ILE B 137 22.29 15.16 17.11
CA ILE B 137 21.87 13.81 16.74
C ILE B 137 20.35 13.72 16.75
N LEU B 138 19.74 13.68 15.57
CA LEU B 138 18.27 13.62 15.46
C LEU B 138 17.58 14.90 15.95
N ALA B 139 18.37 15.95 16.16
CA ALA B 139 17.81 17.20 16.61
C ALA B 139 16.64 17.64 15.73
N ASP B 140 16.49 16.99 14.59
CA ASP B 140 15.40 17.33 13.67
C ASP B 140 14.07 16.90 14.27
N GLN B 141 14.10 15.77 14.96
CA GLN B 141 12.93 15.20 15.61
C GLN B 141 12.83 15.73 17.04
N ALA B 142 13.99 15.99 17.65
CA ALA B 142 14.04 16.52 19.00
C ALA B 142 13.60 17.97 18.93
N GLU B 143 12.94 18.33 17.84
CA GLU B 143 12.46 19.69 17.61
C GLU B 143 10.94 19.64 17.60
N ARG B 144 10.41 18.65 16.88
CA ARG B 144 8.96 18.48 16.78
C ARG B 144 8.38 18.19 18.15
N LEU B 145 9.14 17.44 18.94
CA LEU B 145 8.74 17.05 20.28
C LEU B 145 8.01 18.16 21.01
N ASN B 146 8.65 19.32 21.12
CA ASN B 146 8.05 20.45 21.80
C ASN B 146 8.03 21.72 20.93
N GLU B 147 7.18 21.73 19.91
CA GLU B 147 7.07 22.90 19.03
C GLU B 147 6.64 24.12 19.85
N LYS B 148 5.39 24.04 20.31
CA LYS B 148 4.79 25.09 21.11
C LYS B 148 5.69 25.65 22.20
N PHE B 149 6.38 24.76 22.91
CA PHE B 149 7.29 25.20 23.97
C PHE B 149 8.55 25.88 23.42
N LEU B 150 9.13 25.32 22.39
CA LEU B 150 10.33 25.92 21.80
C LEU B 150 10.04 27.28 21.15
N HIS B 151 8.85 27.42 20.58
CA HIS B 151 8.45 28.67 19.94
C HIS B 151 8.49 29.81 20.97
N PHE B 152 7.90 29.54 22.13
CA PHE B 152 7.79 30.48 23.24
C PHE B 152 9.13 30.99 23.75
N MET B 153 10.08 30.08 23.95
CA MET B 153 11.39 30.47 24.45
C MET B 153 12.24 31.15 23.38
N ARG B 154 11.99 30.82 22.11
CA ARG B 154 12.75 31.40 21.01
C ARG B 154 12.20 32.74 20.53
N THR B 155 10.91 32.99 20.78
CA THR B 155 10.27 34.22 20.32
C THR B 155 9.58 34.99 21.44
N GLY B 156 9.61 34.48 22.65
CA GLY B 156 8.98 35.16 23.75
C GLY B 156 7.48 35.38 23.56
N LEU B 157 6.92 34.76 22.52
CA LEU B 157 5.49 34.88 22.24
C LEU B 157 4.81 33.53 22.34
N PRO B 158 3.50 33.50 22.66
CA PRO B 158 2.85 32.20 22.75
C PRO B 158 2.76 31.56 21.37
N TYR B 159 2.36 30.30 21.33
CA TYR B 159 2.20 29.60 20.05
C TYR B 159 0.72 29.73 19.72
N VAL B 160 0.43 30.42 18.63
CA VAL B 160 -0.95 30.63 18.26
C VAL B 160 -1.51 29.64 17.26
N THR B 161 -2.71 29.14 17.59
CA THR B 161 -3.42 28.22 16.74
C THR B 161 -4.75 28.86 16.42
N LEU B 162 -5.03 29.00 15.13
CA LEU B 162 -6.30 29.56 14.68
C LEU B 162 -7.20 28.40 14.29
N LYS B 163 -8.39 28.36 14.88
CA LYS B 163 -9.32 27.29 14.59
C LYS B 163 -10.71 27.80 14.30
N ALA B 164 -11.40 27.12 13.40
CA ALA B 164 -12.74 27.48 13.05
C ALA B 164 -13.44 26.30 12.37
N ALA B 165 -14.76 26.35 12.35
CA ALA B 165 -15.59 25.33 11.72
C ALA B 165 -16.45 26.12 10.76
N ALA B 166 -16.43 25.80 9.48
CA ALA B 166 -17.22 26.57 8.54
C ALA B 166 -17.86 25.72 7.45
N SER B 167 -18.82 26.34 6.76
CA SER B 167 -19.52 25.68 5.67
C SER B 167 -18.48 25.38 4.59
N LEU B 168 -18.89 24.71 3.51
CA LEU B 168 -17.95 24.39 2.45
C LEU B 168 -17.56 25.64 1.68
N ASP B 169 -18.36 26.70 1.81
CA ASP B 169 -18.03 27.92 1.10
C ASP B 169 -17.43 28.99 2.01
N GLY B 170 -16.82 28.54 3.10
CA GLY B 170 -16.16 29.43 4.03
C GLY B 170 -16.98 30.46 4.78
N LYS B 171 -18.12 30.02 5.30
CA LYS B 171 -19.02 30.87 6.08
C LYS B 171 -19.05 30.22 7.44
N ILE B 172 -18.83 31.01 8.50
CA ILE B 172 -18.86 30.46 9.84
C ILE B 172 -20.21 30.74 10.56
N ALA B 173 -21.19 31.18 9.76
CA ALA B 173 -22.53 31.49 10.26
C ALA B 173 -23.41 31.92 9.08
N THR B 174 -24.72 31.97 9.28
CA THR B 174 -25.65 32.38 8.23
C THR B 174 -25.93 33.88 8.37
N SER B 175 -26.65 34.43 7.38
CA SER B 175 -26.99 35.86 7.35
C SER B 175 -27.48 36.38 8.69
N THR B 176 -28.19 35.53 9.42
CA THR B 176 -28.74 35.88 10.72
C THR B 176 -27.70 35.81 11.82
N GLY B 177 -26.52 35.33 11.48
CA GLY B 177 -25.46 35.18 12.46
C GLY B 177 -25.66 33.87 13.18
N ASP B 178 -26.56 33.05 12.64
CA ASP B 178 -26.87 31.74 13.21
C ASP B 178 -25.86 30.65 12.88
N SER B 179 -25.24 30.11 13.94
CA SER B 179 -24.25 29.06 13.79
C SER B 179 -24.73 27.77 14.47
N LYS B 180 -26.03 27.51 14.38
CA LYS B 180 -26.65 26.33 14.98
C LYS B 180 -26.01 25.05 14.49
N TRP B 181 -24.76 24.82 14.85
CA TRP B 181 -24.08 23.60 14.43
C TRP B 181 -23.86 23.51 12.94
N ILE B 182 -22.74 24.05 12.50
CA ILE B 182 -22.36 24.00 11.10
C ILE B 182 -21.68 22.66 10.94
N THR B 183 -20.67 22.44 11.76
CA THR B 183 -19.91 21.21 11.76
C THR B 183 -20.66 20.15 12.57
N SER B 184 -20.30 18.89 12.37
CA SER B 184 -20.95 17.77 13.05
C SER B 184 -20.52 17.59 14.51
N GLU B 185 -21.12 16.60 15.15
CA GLU B 185 -20.85 16.26 16.53
C GLU B 185 -19.40 15.81 16.75
N ALA B 186 -18.92 14.97 15.84
CA ALA B 186 -17.56 14.43 15.89
C ALA B 186 -16.54 15.55 15.82
N ALA B 187 -16.86 16.60 15.07
CA ALA B 187 -15.98 17.74 14.90
C ALA B 187 -15.72 18.45 16.23
N ARG B 188 -16.79 18.81 16.93
CA ARG B 188 -16.63 19.47 18.22
C ARG B 188 -15.65 18.69 19.09
N GLN B 189 -16.00 17.44 19.37
CA GLN B 189 -15.17 16.55 20.18
C GLN B 189 -13.70 16.68 19.81
N ASP B 190 -13.40 16.57 18.53
CA ASP B 190 -12.03 16.68 18.08
C ASP B 190 -11.44 18.03 18.46
N ALA B 191 -12.10 19.10 18.02
CA ALA B 191 -11.67 20.46 18.29
C ALA B 191 -11.45 20.69 19.79
N GLN B 192 -12.24 20.01 20.61
CA GLN B 192 -12.14 20.10 22.06
C GLN B 192 -10.71 19.85 22.52
N GLN B 193 -10.14 18.76 22.02
CA GLN B 193 -8.79 18.34 22.35
C GLN B 193 -7.77 19.48 22.40
N TYR B 194 -7.86 20.39 21.44
CA TYR B 194 -6.94 21.50 21.39
C TYR B 194 -7.06 22.40 22.60
N ARG B 195 -8.25 22.41 23.19
CA ARG B 195 -8.47 23.21 24.38
C ARG B 195 -7.72 22.62 25.57
N LYS B 196 -7.16 21.43 25.39
CA LYS B 196 -6.41 20.78 26.45
C LYS B 196 -4.90 20.92 26.20
N THR B 197 -4.53 21.07 24.93
CA THR B 197 -3.12 21.20 24.57
C THR B 197 -2.60 22.64 24.54
N HIS B 198 -3.48 23.60 24.82
CA HIS B 198 -3.09 25.02 24.80
C HIS B 198 -3.29 25.64 26.17
N GLN B 199 -2.42 26.58 26.53
CA GLN B 199 -2.51 27.25 27.83
C GLN B 199 -3.74 28.13 27.90
N SER B 200 -4.21 28.57 26.73
CA SER B 200 -5.38 29.46 26.68
C SER B 200 -6.25 29.35 25.45
N ILE B 201 -7.45 29.88 25.59
CA ILE B 201 -8.45 29.91 24.52
C ILE B 201 -8.74 31.39 24.34
N LEU B 202 -8.94 31.84 23.10
CA LEU B 202 -9.19 33.25 22.89
C LEU B 202 -10.37 33.54 21.94
N VAL B 203 -11.17 34.55 22.27
CA VAL B 203 -12.33 34.92 21.47
C VAL B 203 -12.61 36.43 21.56
N GLY B 204 -13.25 36.99 20.53
CA GLY B 204 -13.57 38.40 20.55
C GLY B 204 -14.99 38.57 21.04
N VAL B 205 -15.29 39.64 21.77
CA VAL B 205 -16.63 39.82 22.30
C VAL B 205 -17.77 39.56 21.31
N GLY B 206 -17.60 39.91 20.04
CA GLY B 206 -18.65 39.65 19.06
C GLY B 206 -19.22 38.23 19.16
N THR B 207 -18.39 37.32 19.63
CA THR B 207 -18.78 35.92 19.84
C THR B 207 -19.40 35.85 21.23
N VAL B 208 -18.56 36.08 22.23
CA VAL B 208 -19.00 36.06 23.63
C VAL B 208 -20.46 36.47 23.78
N LYS B 209 -20.73 37.74 23.53
CA LYS B 209 -22.10 38.23 23.66
C LYS B 209 -23.15 37.38 22.96
N ALA B 210 -22.87 36.90 21.75
CA ALA B 210 -23.85 36.09 21.02
C ALA B 210 -23.76 34.56 21.20
N ASP B 211 -23.11 34.10 22.26
CA ASP B 211 -22.98 32.67 22.50
C ASP B 211 -22.80 32.29 23.98
N ASN B 212 -22.32 33.24 24.78
CA ASN B 212 -22.09 32.97 26.20
C ASN B 212 -21.27 31.67 26.33
N PRO B 213 -20.36 31.43 25.37
CA PRO B 213 -19.55 30.21 25.43
C PRO B 213 -18.78 29.97 26.72
N SER B 214 -18.76 28.71 27.15
CA SER B 214 -18.06 28.32 28.35
C SER B 214 -16.56 28.45 28.12
N LEU B 215 -16.07 27.76 27.10
CA LEU B 215 -14.65 27.78 26.76
C LEU B 215 -13.87 27.03 27.83
N THR B 216 -14.35 25.83 28.17
CA THR B 216 -13.71 24.99 29.17
C THR B 216 -13.46 23.59 28.61
N CYS B 217 -12.19 23.24 28.43
CA CYS B 217 -11.82 21.93 27.89
C CYS B 217 -12.47 20.83 28.72
N ARG B 218 -13.53 20.24 28.18
CA ARG B 218 -14.24 19.19 28.88
C ARG B 218 -13.82 17.80 28.38
N LEU B 219 -12.53 17.55 28.48
CA LEU B 219 -11.92 16.28 28.08
C LEU B 219 -11.66 15.42 29.31
N PRO B 220 -10.89 14.32 29.19
CA PRO B 220 -10.60 13.43 30.33
C PRO B 220 -10.02 14.14 31.56
N ASN B 221 -8.83 13.72 31.98
CA ASN B 221 -8.17 14.32 33.14
C ASN B 221 -7.65 15.73 32.82
N VAL B 222 -8.50 16.71 33.11
CA VAL B 222 -8.19 18.12 32.86
C VAL B 222 -6.99 18.61 33.67
N THR B 223 -6.95 18.24 34.94
CA THR B 223 -5.87 18.60 35.85
C THR B 223 -5.23 19.99 35.61
N LYS B 224 -5.99 20.91 35.00
CA LYS B 224 -5.55 22.28 34.72
C LYS B 224 -6.40 22.96 33.64
N GLN B 225 -7.20 23.95 34.04
CA GLN B 225 -8.05 24.68 33.12
C GLN B 225 -7.32 25.81 32.38
N PRO B 226 -7.51 25.90 31.04
CA PRO B 226 -6.88 26.92 30.20
C PRO B 226 -7.45 28.34 30.41
N VAL B 227 -6.60 29.35 30.35
CA VAL B 227 -7.05 30.73 30.56
C VAL B 227 -7.95 31.18 29.42
N ARG B 228 -9.11 31.73 29.78
CA ARG B 228 -10.08 32.20 28.79
C ARG B 228 -9.86 33.69 28.52
N VAL B 229 -9.41 34.01 27.31
CA VAL B 229 -9.12 35.40 26.94
C VAL B 229 -10.14 35.99 25.97
N ILE B 230 -10.72 37.12 26.34
CA ILE B 230 -11.72 37.82 25.51
C ILE B 230 -11.17 39.19 25.07
N LEU B 231 -11.44 39.59 23.82
CA LEU B 231 -10.98 40.88 23.34
C LEU B 231 -12.16 41.85 23.29
N ASP B 232 -12.08 42.90 24.12
CA ASP B 232 -13.14 43.88 24.18
C ASP B 232 -12.60 45.31 24.20
N THR B 233 -12.79 46.04 23.10
CA THR B 233 -12.28 47.41 23.02
C THR B 233 -12.89 48.38 24.03
N VAL B 234 -14.22 48.44 24.08
CA VAL B 234 -14.89 49.35 25.01
C VAL B 234 -15.49 48.62 26.20
N LEU B 235 -14.98 47.42 26.46
CA LEU B 235 -15.47 46.60 27.56
C LEU B 235 -17.00 46.66 27.67
N SER B 236 -17.68 45.97 26.75
CA SER B 236 -19.14 45.93 26.72
C SER B 236 -19.73 44.52 27.01
N ILE B 237 -18.85 43.55 27.18
CA ILE B 237 -19.26 42.17 27.47
C ILE B 237 -20.17 42.10 28.69
N PRO B 238 -21.37 41.51 28.56
CA PRO B 238 -22.35 41.36 29.65
C PRO B 238 -21.83 40.55 30.85
N GLU B 239 -22.32 40.86 32.04
CA GLU B 239 -21.88 40.19 33.28
C GLU B 239 -22.51 38.84 33.53
N ASP B 240 -23.39 38.42 32.63
CA ASP B 240 -24.07 37.13 32.75
C ASP B 240 -23.49 36.08 31.78
N ALA B 241 -22.18 36.16 31.53
CA ALA B 241 -21.50 35.23 30.65
C ALA B 241 -20.78 34.18 31.48
N LYS B 242 -20.91 32.92 31.09
CA LYS B 242 -20.28 31.82 31.82
C LYS B 242 -18.80 32.03 32.10
N VAL B 243 -18.15 32.88 31.30
CA VAL B 243 -16.72 33.17 31.50
C VAL B 243 -16.57 34.19 32.62
N ILE B 244 -17.51 35.13 32.67
CA ILE B 244 -17.54 36.15 33.71
C ILE B 244 -17.74 35.42 35.03
N CYS B 245 -18.76 34.55 35.02
CA CYS B 245 -19.16 33.75 36.17
C CYS B 245 -18.54 32.36 36.25
N ASP B 246 -19.37 31.38 36.63
CA ASP B 246 -18.96 29.98 36.75
C ASP B 246 -17.52 29.68 37.20
N GLN B 247 -16.83 30.66 37.77
CA GLN B 247 -15.43 30.50 38.19
C GLN B 247 -14.80 29.10 37.99
N ILE B 248 -14.89 28.57 36.77
CA ILE B 248 -14.32 27.25 36.47
C ILE B 248 -12.84 27.46 36.12
N ALA B 249 -12.63 28.18 35.02
CA ALA B 249 -11.31 28.49 34.52
C ALA B 249 -11.13 30.01 34.55
N PRO B 250 -9.87 30.47 34.63
CA PRO B 250 -9.55 31.91 34.65
C PRO B 250 -10.21 32.68 33.51
N THR B 251 -10.26 34.00 33.61
CA THR B 251 -10.88 34.79 32.55
C THR B 251 -10.24 36.19 32.46
N TRP B 252 -9.49 36.41 31.38
CA TRP B 252 -8.85 37.70 31.19
C TRP B 252 -9.45 38.38 30.00
N ILE B 253 -9.61 39.69 30.10
CA ILE B 253 -10.17 40.48 29.03
C ILE B 253 -9.21 41.64 28.79
N PHE B 254 -8.92 41.93 27.54
CA PHE B 254 -8.05 43.06 27.24
C PHE B 254 -8.99 44.16 26.75
N THR B 255 -8.65 45.40 27.04
CA THR B 255 -9.50 46.52 26.64
C THR B 255 -8.70 47.80 26.57
N THR B 256 -9.35 48.88 26.15
CA THR B 256 -8.73 50.19 26.03
C THR B 256 -9.21 51.09 27.15
N ALA B 257 -8.80 52.34 27.11
CA ALA B 257 -9.20 53.30 28.12
C ALA B 257 -10.72 53.49 28.10
N ARG B 258 -11.32 53.14 26.97
CA ARG B 258 -12.76 53.28 26.75
C ARG B 258 -13.71 52.54 27.69
N ALA B 259 -13.18 51.65 28.52
CA ALA B 259 -14.01 50.88 29.46
C ALA B 259 -14.42 51.71 30.65
N ASP B 260 -15.55 51.38 31.26
CA ASP B 260 -16.03 52.10 32.44
C ASP B 260 -15.20 51.73 33.65
N GLU B 261 -14.74 52.74 34.38
CA GLU B 261 -13.91 52.52 35.56
C GLU B 261 -14.55 51.61 36.61
N GLU B 262 -15.81 51.86 36.94
CA GLU B 262 -16.49 51.05 37.95
C GLU B 262 -16.66 49.60 37.53
N LYS B 263 -17.18 49.41 36.32
CA LYS B 263 -17.37 48.06 35.81
C LYS B 263 -16.04 47.30 35.83
N LYS B 264 -14.94 48.04 35.65
CA LYS B 264 -13.61 47.46 35.64
C LYS B 264 -13.15 46.97 37.00
N LYS B 265 -13.42 47.75 38.05
CA LYS B 265 -13.01 47.35 39.40
C LYS B 265 -14.00 46.31 39.95
N ARG B 266 -15.17 46.25 39.32
CA ARG B 266 -16.19 45.30 39.72
C ARG B 266 -15.70 43.92 39.31
N LEU B 267 -15.85 43.63 38.02
CA LEU B 267 -15.45 42.35 37.43
C LEU B 267 -14.03 41.96 37.80
N SER B 268 -13.24 42.94 38.23
CA SER B 268 -11.85 42.67 38.61
C SER B 268 -11.81 41.98 39.98
N ALA B 269 -12.92 42.10 40.70
CA ALA B 269 -13.06 41.49 42.01
C ALA B 269 -13.59 40.08 41.81
N PHE B 270 -14.41 39.91 40.77
CA PHE B 270 -15.02 38.63 40.40
C PHE B 270 -13.93 37.65 39.93
N GLY B 271 -12.68 38.08 40.01
CA GLY B 271 -11.57 37.23 39.60
C GLY B 271 -11.04 37.55 38.21
N VAL B 272 -11.89 38.19 37.39
CA VAL B 272 -11.54 38.56 36.01
C VAL B 272 -10.34 39.51 35.92
N ASN B 273 -9.28 39.06 35.24
CA ASN B 273 -8.09 39.90 35.08
C ASN B 273 -8.23 40.82 33.88
N ILE B 274 -8.56 42.07 34.15
CA ILE B 274 -8.71 43.06 33.10
C ILE B 274 -7.39 43.74 32.81
N PHE B 275 -6.98 43.70 31.55
CA PHE B 275 -5.75 44.31 31.10
C PHE B 275 -6.16 45.45 30.18
N THR B 276 -5.69 46.67 30.45
CA THR B 276 -6.06 47.79 29.58
C THR B 276 -4.91 48.17 28.65
N LEU B 277 -5.25 48.35 27.37
CA LEU B 277 -4.28 48.74 26.35
C LEU B 277 -4.38 50.24 26.04
N GLU B 278 -3.24 50.92 26.03
CA GLU B 278 -3.22 52.35 25.78
C GLU B 278 -3.27 52.72 24.29
N THR B 279 -3.92 51.86 23.51
CA THR B 279 -4.04 52.09 22.08
C THR B 279 -5.49 52.31 21.65
N GLU B 280 -5.67 52.90 20.47
CA GLU B 280 -7.00 53.19 19.93
C GLU B 280 -7.88 51.93 19.86
N ARG B 281 -7.34 50.90 19.22
CA ARG B 281 -8.01 49.61 19.08
C ARG B 281 -7.03 48.58 19.67
N ILE B 282 -7.51 47.41 20.07
CA ILE B 282 -6.60 46.40 20.63
C ILE B 282 -5.69 45.85 19.54
N GLN B 283 -4.39 45.87 19.78
CA GLN B 283 -3.43 45.35 18.79
C GLN B 283 -2.90 43.96 19.17
N ILE B 284 -3.25 42.97 18.36
CA ILE B 284 -2.85 41.57 18.58
C ILE B 284 -1.42 41.33 19.05
N PRO B 285 -0.43 41.96 18.41
CA PRO B 285 0.94 41.72 18.87
C PRO B 285 1.13 42.09 20.34
N ASP B 286 0.35 43.07 20.80
CA ASP B 286 0.41 43.54 22.19
C ASP B 286 -0.17 42.56 23.18
N VAL B 287 -1.28 41.90 22.82
CA VAL B 287 -1.90 40.94 23.73
C VAL B 287 -1.08 39.64 23.78
N LEU B 288 -0.41 39.30 22.69
CA LEU B 288 0.41 38.10 22.66
C LEU B 288 1.67 38.38 23.46
N LYS B 289 2.04 39.66 23.55
CA LYS B 289 3.21 40.06 24.33
C LYS B 289 2.85 39.96 25.81
N ILE B 290 1.72 40.55 26.18
CA ILE B 290 1.26 40.51 27.56
C ILE B 290 1.21 39.06 28.02
N LEU B 291 0.36 38.26 27.36
CA LEU B 291 0.19 36.84 27.67
C LEU B 291 1.52 36.11 27.93
N ALA B 292 2.51 36.34 27.07
CA ALA B 292 3.81 35.69 27.24
C ALA B 292 4.48 36.19 28.52
N GLU B 293 3.95 37.27 29.06
CA GLU B 293 4.47 37.82 30.29
C GLU B 293 3.76 37.16 31.46
N GLU B 294 2.47 36.88 31.30
CA GLU B 294 1.72 36.22 32.35
C GLU B 294 1.97 34.71 32.31
N GLY B 295 3.06 34.31 31.65
CA GLY B 295 3.43 32.91 31.56
C GLY B 295 2.70 31.97 30.60
N ILE B 296 1.76 32.48 29.81
CA ILE B 296 1.04 31.63 28.86
C ILE B 296 1.98 31.32 27.69
N MET B 297 2.08 30.05 27.31
CA MET B 297 2.96 29.67 26.22
C MET B 297 2.20 29.26 24.96
N SER B 298 0.87 29.32 25.01
CA SER B 298 0.11 28.95 23.83
C SER B 298 -1.29 29.51 23.90
N VAL B 299 -1.82 29.87 22.74
CA VAL B 299 -3.17 30.40 22.66
C VAL B 299 -3.95 29.69 21.56
N TYR B 300 -5.21 29.39 21.86
CA TYR B 300 -6.09 28.71 20.91
C TYR B 300 -7.14 29.72 20.44
N VAL B 301 -6.84 30.42 19.36
CA VAL B 301 -7.75 31.41 18.82
C VAL B 301 -8.80 30.69 17.98
N GLU B 302 -10.05 30.78 18.42
CA GLU B 302 -11.15 30.14 17.71
C GLU B 302 -12.32 31.08 17.59
N GLY B 303 -12.15 32.29 18.11
CA GLY B 303 -13.24 33.25 18.12
C GLY B 303 -13.40 34.36 17.11
N GLY B 304 -14.63 34.50 16.64
CA GLY B 304 -15.02 35.53 15.69
C GLY B 304 -14.28 35.64 14.38
N SER B 305 -15.02 36.02 13.33
CA SER B 305 -14.43 36.18 12.01
C SER B 305 -13.43 37.33 12.04
N ALA B 306 -13.81 38.40 12.73
CA ALA B 306 -13.00 39.60 12.88
C ALA B 306 -11.69 39.31 13.61
N VAL B 307 -11.76 38.58 14.71
CA VAL B 307 -10.55 38.27 15.45
C VAL B 307 -9.60 37.42 14.60
N HIS B 308 -10.17 36.46 13.86
CA HIS B 308 -9.35 35.60 13.01
C HIS B 308 -8.64 36.39 11.91
N GLY B 309 -9.27 37.49 11.50
CA GLY B 309 -8.70 38.34 10.46
C GLY B 309 -7.55 39.18 10.97
N SER B 310 -7.74 39.79 12.15
CA SER B 310 -6.68 40.58 12.73
C SER B 310 -5.48 39.68 12.93
N PHE B 311 -5.74 38.43 13.29
CA PHE B 311 -4.66 37.49 13.51
C PHE B 311 -3.96 37.18 12.21
N VAL B 312 -4.71 37.13 11.10
CA VAL B 312 -4.07 36.84 9.84
C VAL B 312 -3.28 38.01 9.27
N LYS B 313 -3.91 39.17 9.07
CA LYS B 313 -3.15 40.29 8.51
C LYS B 313 -1.94 40.61 9.36
N GLU B 314 -1.92 40.14 10.60
CA GLU B 314 -0.79 40.41 11.47
C GLU B 314 0.35 39.42 11.29
N GLY B 315 0.00 38.18 10.98
CA GLY B 315 1.01 37.15 10.79
C GLY B 315 1.28 36.42 12.09
N CYS B 316 0.51 36.75 13.11
CA CYS B 316 0.65 36.15 14.44
C CYS B 316 0.02 34.76 14.57
N PHE B 317 0.34 33.84 13.67
CA PHE B 317 -0.22 32.52 13.82
C PHE B 317 0.77 31.47 13.40
N GLN B 318 0.85 30.41 14.18
CA GLN B 318 1.76 29.33 13.89
C GLN B 318 1.03 28.17 13.23
N GLU B 319 -0.25 28.03 13.53
CA GLU B 319 -1.08 26.94 12.99
C GLU B 319 -2.51 27.31 12.58
N ILE B 320 -2.99 26.70 11.50
CA ILE B 320 -4.34 26.95 11.02
C ILE B 320 -5.13 25.64 10.94
N ILE B 321 -6.31 25.63 11.55
CA ILE B 321 -7.16 24.45 11.55
C ILE B 321 -8.61 24.79 11.24
N PHE B 322 -9.08 24.35 10.08
CA PHE B 322 -10.45 24.59 9.66
C PHE B 322 -11.21 23.29 9.51
N TYR B 323 -12.44 23.27 10.01
CA TYR B 323 -13.31 22.11 9.90
C TYR B 323 -14.34 22.50 8.85
N PHE B 324 -14.40 21.73 7.75
CA PHE B 324 -15.34 22.00 6.66
C PHE B 324 -16.47 20.98 6.56
N ALA B 325 -17.69 21.43 6.77
CA ALA B 325 -18.87 20.56 6.73
C ALA B 325 -19.50 20.57 5.34
N PRO B 326 -20.03 19.42 4.91
CA PRO B 326 -20.68 19.21 3.61
C PRO B 326 -21.94 20.05 3.55
N LYS B 327 -21.79 21.36 3.41
CA LYS B 327 -22.95 22.22 3.35
C LYS B 327 -22.60 23.61 2.92
N LEU B 328 -23.43 24.15 2.04
CA LEU B 328 -23.26 25.49 1.48
C LEU B 328 -24.22 26.45 2.17
N ILE B 329 -23.70 27.41 2.91
CA ILE B 329 -24.55 28.38 3.60
C ILE B 329 -24.90 29.53 2.67
N GLY B 330 -23.90 30.05 1.98
CA GLY B 330 -24.14 31.16 1.07
C GLY B 330 -24.49 32.46 1.79
N GLY B 331 -24.92 33.45 1.01
CA GLY B 331 -25.27 34.74 1.58
C GLY B 331 -24.06 35.65 1.50
N THR B 332 -24.16 36.77 0.79
CA THR B 332 -23.03 37.67 0.67
C THR B 332 -22.62 38.30 2.00
N HIS B 333 -23.58 38.82 2.76
CA HIS B 333 -23.24 39.43 4.03
C HIS B 333 -23.33 38.49 5.24
N ALA B 334 -22.94 37.23 5.04
CA ALA B 334 -22.93 36.26 6.12
C ALA B 334 -21.46 36.13 6.53
N PRO B 335 -21.17 36.18 7.83
CA PRO B 335 -19.78 36.07 8.30
C PRO B 335 -18.97 34.97 7.64
N SER B 336 -17.86 35.38 7.04
CA SER B 336 -16.95 34.45 6.38
C SER B 336 -15.88 33.96 7.35
N LEU B 337 -15.12 32.95 6.95
CA LEU B 337 -14.07 32.40 7.80
C LEU B 337 -13.16 33.47 8.41
N ILE B 338 -12.34 34.10 7.58
CA ILE B 338 -11.42 35.14 8.03
C ILE B 338 -11.93 36.49 7.54
N SER B 339 -11.96 37.46 8.44
CA SER B 339 -12.43 38.79 8.10
C SER B 339 -11.26 39.77 8.15
N GLY B 340 -11.35 40.76 9.03
CA GLY B 340 -10.28 41.73 9.18
C GLY B 340 -10.03 42.55 7.94
N GLU B 341 -8.84 43.15 7.84
CA GLU B 341 -8.51 43.97 6.68
C GLU B 341 -8.09 43.15 5.47
N GLY B 342 -7.50 42.00 5.71
CA GLY B 342 -7.09 41.16 4.60
C GLY B 342 -5.91 41.66 3.81
N PHE B 343 -5.77 41.12 2.60
CA PHE B 343 -4.68 41.49 1.70
C PHE B 343 -5.21 41.94 0.36
N GLN B 344 -5.13 43.25 0.12
CA GLN B 344 -5.61 43.82 -1.13
C GLN B 344 -4.96 43.18 -2.35
N SER B 345 -3.66 42.91 -2.27
CA SER B 345 -2.97 42.29 -3.40
C SER B 345 -2.51 40.85 -3.19
N MET B 346 -2.74 40.03 -4.20
CA MET B 346 -2.37 38.62 -4.13
C MET B 346 -0.86 38.41 -3.98
N LYS B 347 -0.05 39.24 -4.59
CA LYS B 347 1.39 39.06 -4.45
C LYS B 347 1.85 39.32 -3.02
N ASP B 348 0.97 39.89 -2.20
CA ASP B 348 1.27 40.19 -0.81
C ASP B 348 0.68 39.16 0.16
N VAL B 349 -0.15 38.27 -0.36
CA VAL B 349 -0.74 37.24 0.48
C VAL B 349 0.33 36.19 0.70
N PRO B 350 0.64 35.88 1.97
CA PRO B 350 1.68 34.87 2.19
C PRO B 350 1.25 33.44 1.80
N LEU B 351 2.25 32.59 1.58
CA LEU B 351 2.01 31.20 1.19
C LEU B 351 2.11 30.24 2.37
N LEU B 352 0.99 29.59 2.71
CA LEU B 352 0.99 28.61 3.78
C LEU B 352 1.38 27.28 3.17
N GLN B 353 0.99 26.19 3.83
CA GLN B 353 1.35 24.87 3.35
C GLN B 353 0.51 23.85 4.10
N PHE B 354 -0.25 23.05 3.37
CA PHE B 354 -1.10 22.07 4.04
C PHE B 354 -0.27 21.03 4.75
N THR B 355 -0.60 20.86 6.03
CA THR B 355 0.08 19.92 6.91
C THR B 355 -0.63 18.59 6.99
N ASP B 356 -1.95 18.63 7.13
CA ASP B 356 -2.71 17.40 7.25
C ASP B 356 -4.17 17.50 6.88
N ILE B 357 -4.66 16.47 6.19
CA ILE B 357 -6.05 16.41 5.79
C ILE B 357 -6.63 15.11 6.35
N THR B 358 -7.61 15.22 7.23
CA THR B 358 -8.26 14.05 7.81
C THR B 358 -9.76 14.28 7.96
N GLN B 359 -10.54 13.24 7.70
CA GLN B 359 -12.00 13.35 7.76
C GLN B 359 -12.54 12.94 9.12
N ILE B 360 -13.22 13.86 9.78
CA ILE B 360 -13.84 13.57 11.08
C ILE B 360 -15.32 13.49 10.84
N GLY B 361 -15.85 12.28 10.90
CA GLY B 361 -17.26 12.08 10.65
C GLY B 361 -17.51 12.37 9.18
N ARG B 362 -18.55 13.13 8.88
CA ARG B 362 -18.84 13.49 7.51
C ARG B 362 -18.15 14.82 7.20
N ASP B 363 -17.49 15.39 8.20
CA ASP B 363 -16.79 16.64 8.01
C ASP B 363 -15.32 16.43 7.69
N ILE B 364 -14.66 17.46 7.14
CA ILE B 364 -13.23 17.39 6.80
C ILE B 364 -12.39 18.36 7.62
N LYS B 365 -11.21 17.91 8.02
CA LYS B 365 -10.32 18.71 8.84
C LYS B 365 -8.98 19.05 8.16
N LEU B 366 -8.90 20.28 7.68
CA LEU B 366 -7.71 20.79 7.02
C LEU B 366 -6.85 21.57 8.03
N THR B 367 -5.54 21.33 7.99
CA THR B 367 -4.58 21.98 8.89
C THR B 367 -3.36 22.41 8.09
N ALA B 368 -2.93 23.66 8.29
CA ALA B 368 -1.78 24.21 7.57
C ALA B 368 -0.86 25.06 8.44
N LYS B 369 0.33 25.32 7.92
CA LYS B 369 1.31 26.10 8.65
C LYS B 369 2.04 27.08 7.73
N PRO B 370 2.62 28.14 8.30
CA PRO B 370 3.34 29.16 7.54
C PRO B 370 4.51 28.68 6.70
N THR B 371 5.00 29.57 5.83
CA THR B 371 6.12 29.33 4.91
C THR B 371 6.25 27.88 4.48
N MET C 13 -0.76 11.17 -26.36
CA MET C 13 -1.92 10.23 -26.30
C MET C 13 -1.78 9.12 -27.34
N GLU C 14 -0.56 8.95 -27.84
CA GLU C 14 -0.29 7.92 -28.84
C GLU C 14 -0.01 6.60 -28.12
N GLU C 15 0.28 6.69 -26.83
CA GLU C 15 0.54 5.50 -26.01
C GLU C 15 -0.78 5.01 -25.41
N TYR C 16 -1.74 5.92 -25.29
CA TYR C 16 -3.05 5.55 -24.77
C TYR C 16 -3.57 4.51 -25.74
N TYR C 17 -3.74 4.94 -26.99
CA TYR C 17 -4.22 4.06 -28.04
C TYR C 17 -3.52 2.71 -28.09
N MET C 18 -2.19 2.71 -28.03
CA MET C 18 -1.43 1.46 -28.08
C MET C 18 -1.65 0.64 -26.83
N LYS C 19 -1.67 1.29 -25.66
CA LYS C 19 -1.92 0.56 -24.42
C LYS C 19 -3.32 -0.04 -24.49
N LEU C 20 -4.28 0.73 -24.96
CA LEU C 20 -5.66 0.27 -25.12
C LEU C 20 -5.66 -0.93 -26.07
N ALA C 21 -5.03 -0.78 -27.23
CA ALA C 21 -4.93 -1.83 -28.22
C ALA C 21 -4.34 -3.09 -27.60
N LEU C 22 -3.52 -2.90 -26.56
CA LEU C 22 -2.91 -4.02 -25.87
C LEU C 22 -3.94 -4.78 -25.05
N ASP C 23 -4.77 -4.05 -24.31
CA ASP C 23 -5.80 -4.69 -23.49
C ASP C 23 -6.72 -5.50 -24.37
N LEU C 24 -7.23 -4.88 -25.42
CA LEU C 24 -8.14 -5.56 -26.33
C LEU C 24 -7.56 -6.87 -26.88
N ALA C 25 -6.25 -6.89 -27.11
CA ALA C 25 -5.59 -8.08 -27.62
C ALA C 25 -5.62 -9.20 -26.59
N LYS C 26 -5.44 -8.83 -25.33
CA LYS C 26 -5.41 -9.76 -24.21
C LYS C 26 -6.75 -10.46 -24.01
N GLN C 27 -7.78 -9.94 -24.67
CA GLN C 27 -9.12 -10.51 -24.59
C GLN C 27 -9.26 -11.73 -25.47
N GLY C 28 -8.21 -12.02 -26.23
CA GLY C 28 -8.24 -13.16 -27.12
C GLY C 28 -7.47 -14.33 -26.57
N GLU C 29 -6.70 -14.05 -25.52
CA GLU C 29 -5.85 -15.06 -24.86
C GLU C 29 -6.47 -16.45 -24.72
N GLY C 30 -5.70 -17.46 -25.10
CA GLY C 30 -6.17 -18.84 -25.01
C GLY C 30 -7.39 -19.13 -25.87
N GLN C 31 -7.42 -18.56 -27.07
CA GLN C 31 -8.53 -18.76 -27.99
C GLN C 31 -7.94 -18.74 -29.40
N THR C 32 -6.84 -18.00 -29.51
CA THR C 32 -6.12 -17.86 -30.75
C THR C 32 -5.20 -19.05 -30.84
N GLU C 33 -4.96 -19.66 -29.68
CA GLU C 33 -4.09 -20.82 -29.54
C GLU C 33 -2.77 -20.76 -30.32
N SER C 34 -2.75 -21.28 -31.53
CA SER C 34 -1.55 -21.28 -32.35
C SER C 34 -1.20 -19.88 -32.88
N ASN C 35 -2.21 -19.02 -33.00
CA ASN C 35 -2.00 -17.66 -33.49
C ASN C 35 -1.65 -16.70 -32.36
N PRO C 36 -0.94 -15.61 -32.68
CA PRO C 36 -0.53 -14.60 -31.71
C PRO C 36 -1.65 -13.64 -31.29
N LEU C 37 -1.39 -12.87 -30.25
CA LEU C 37 -2.36 -11.90 -29.75
C LEU C 37 -2.13 -10.51 -30.33
N VAL C 38 -3.07 -10.07 -31.16
CA VAL C 38 -2.98 -8.75 -31.78
C VAL C 38 -4.17 -7.88 -31.36
N GLY C 39 -3.97 -6.56 -31.39
CA GLY C 39 -5.04 -5.66 -31.02
C GLY C 39 -5.05 -4.42 -31.88
N ALA C 40 -6.00 -4.36 -32.82
CA ALA C 40 -6.11 -3.23 -33.73
C ALA C 40 -7.17 -2.19 -33.37
N VAL C 41 -6.71 -0.96 -33.15
CA VAL C 41 -7.60 0.16 -32.83
C VAL C 41 -7.44 1.30 -33.86
N VAL C 42 -8.54 1.63 -34.55
CA VAL C 42 -8.57 2.69 -35.56
C VAL C 42 -9.09 4.01 -35.02
N VAL C 43 -8.27 5.06 -35.10
CA VAL C 43 -8.72 6.37 -34.63
C VAL C 43 -8.78 7.39 -35.79
N LYS C 44 -9.79 8.26 -35.73
CA LYS C 44 -9.99 9.30 -36.74
C LYS C 44 -10.41 10.60 -36.08
N ASP C 45 -9.93 11.70 -36.62
CA ASP C 45 -10.27 13.03 -36.11
C ASP C 45 -10.30 13.14 -34.58
N GLY C 46 -9.40 12.41 -33.92
CA GLY C 46 -9.33 12.50 -32.47
C GLY C 46 -10.25 11.62 -31.64
N GLN C 47 -10.91 10.66 -32.28
CA GLN C 47 -11.81 9.76 -31.55
C GLN C 47 -11.84 8.32 -32.09
N ILE C 48 -11.86 7.35 -31.17
CA ILE C 48 -11.87 5.95 -31.55
C ILE C 48 -13.13 5.58 -32.31
N VAL C 49 -12.96 4.89 -33.42
CA VAL C 49 -14.08 4.45 -34.23
C VAL C 49 -13.83 3.01 -34.64
N GLY C 50 -12.67 2.50 -34.21
CA GLY C 50 -12.29 1.14 -34.50
C GLY C 50 -11.59 0.50 -33.32
N MET C 51 -11.91 -0.76 -33.05
CA MET C 51 -11.32 -1.54 -31.96
C MET C 51 -11.49 -2.98 -32.38
N GLY C 52 -10.46 -3.78 -32.17
CA GLY C 52 -10.55 -5.18 -32.55
C GLY C 52 -9.47 -5.99 -31.88
N ALA C 53 -9.64 -7.30 -31.88
CA ALA C 53 -8.66 -8.17 -31.29
C ALA C 53 -8.79 -9.53 -31.94
N HIS C 54 -7.68 -10.26 -32.05
CA HIS C 54 -7.73 -11.59 -32.66
C HIS C 54 -8.38 -12.54 -31.68
N LEU C 55 -9.62 -12.92 -31.99
CA LEU C 55 -10.41 -13.77 -31.09
C LEU C 55 -10.44 -15.27 -31.33
N LYS C 56 -10.32 -15.70 -32.57
CA LYS C 56 -10.37 -17.14 -32.84
C LYS C 56 -9.42 -17.64 -33.92
N TYR C 57 -8.62 -18.64 -33.59
CA TYR C 57 -7.69 -19.19 -34.56
C TYR C 57 -8.37 -19.51 -35.88
N GLY C 58 -7.69 -19.22 -36.98
CA GLY C 58 -8.25 -19.50 -38.29
C GLY C 58 -9.39 -18.57 -38.65
N GLU C 59 -9.43 -17.41 -38.01
CA GLU C 59 -10.47 -16.42 -38.26
C GLU C 59 -9.91 -15.01 -38.39
N ALA C 60 -10.82 -14.04 -38.44
CA ALA C 60 -10.48 -12.63 -38.59
C ALA C 60 -9.32 -12.11 -37.73
N HIS C 61 -8.56 -11.18 -38.30
CA HIS C 61 -7.43 -10.59 -37.61
C HIS C 61 -7.83 -9.34 -36.85
N ALA C 62 -6.98 -8.90 -35.93
CA ALA C 62 -7.27 -7.72 -35.13
C ALA C 62 -7.62 -6.51 -35.97
N GLU C 63 -6.92 -6.34 -37.08
CA GLU C 63 -7.18 -5.19 -37.96
C GLU C 63 -8.54 -5.31 -38.65
N VAL C 64 -8.74 -6.43 -39.33
CA VAL C 64 -9.99 -6.71 -40.04
C VAL C 64 -11.21 -6.21 -39.26
N HIS C 65 -11.22 -6.47 -37.96
CA HIS C 65 -12.32 -6.06 -37.07
C HIS C 65 -12.43 -4.57 -36.84
N ALA C 66 -11.29 -3.91 -36.63
CA ALA C 66 -11.30 -2.47 -36.36
C ALA C 66 -11.63 -1.67 -37.61
N ILE C 67 -11.23 -2.20 -38.77
CA ILE C 67 -11.48 -1.55 -40.05
C ILE C 67 -12.99 -1.50 -40.27
N HIS C 68 -13.57 -2.64 -40.58
CA HIS C 68 -15.00 -2.77 -40.81
C HIS C 68 -15.82 -2.05 -39.74
N MET C 69 -15.27 -1.91 -38.53
CA MET C 69 -15.98 -1.21 -37.46
C MET C 69 -15.75 0.30 -37.59
N ALA C 70 -14.84 0.67 -38.48
CA ALA C 70 -14.55 2.07 -38.71
C ALA C 70 -15.13 2.45 -40.07
N GLY C 71 -15.28 1.46 -40.95
CA GLY C 71 -15.84 1.70 -42.28
C GLY C 71 -15.22 2.83 -43.06
N ALA C 72 -16.01 3.86 -43.34
CA ALA C 72 -15.55 5.03 -44.08
C ALA C 72 -14.72 5.98 -43.22
N HIS C 73 -14.77 5.77 -41.91
CA HIS C 73 -14.01 6.59 -40.98
C HIS C 73 -12.56 6.09 -41.04
N ALA C 74 -12.36 5.05 -41.85
CA ALA C 74 -11.05 4.44 -42.03
C ALA C 74 -10.26 5.18 -43.11
N GLU C 75 -10.97 5.97 -43.93
CA GLU C 75 -10.32 6.73 -45.00
C GLU C 75 -9.68 8.01 -44.45
N GLY C 76 -8.36 8.02 -44.43
CA GLY C 76 -7.64 9.18 -43.92
C GLY C 76 -7.52 9.11 -42.42
N ALA C 77 -7.59 7.89 -41.90
CA ALA C 77 -7.49 7.69 -40.48
C ALA C 77 -6.22 6.92 -40.11
N ASP C 78 -5.99 6.76 -38.80
CA ASP C 78 -4.84 6.03 -38.27
C ASP C 78 -5.31 4.60 -38.06
N ILE C 79 -4.56 3.85 -37.24
CA ILE C 79 -4.87 2.46 -36.91
C ILE C 79 -3.64 1.94 -36.19
N TYR C 80 -3.84 1.49 -34.96
CA TYR C 80 -2.73 0.97 -34.16
C TYR C 80 -2.80 -0.53 -34.05
N VAL C 81 -1.69 -1.19 -34.35
CA VAL C 81 -1.62 -2.63 -34.24
C VAL C 81 -0.53 -2.91 -33.21
N THR C 82 -0.58 -4.08 -32.60
CA THR C 82 0.44 -4.43 -31.62
C THR C 82 1.49 -5.25 -32.38
N LEU C 83 1.04 -5.89 -33.44
CA LEU C 83 1.92 -6.72 -34.25
C LEU C 83 1.80 -6.41 -35.74
N GLU C 84 2.95 -6.18 -36.38
CA GLU C 84 3.05 -5.88 -37.81
C GLU C 84 1.96 -6.56 -38.64
N PRO C 85 1.05 -5.76 -39.21
CA PRO C 85 -0.09 -6.18 -40.05
C PRO C 85 0.19 -7.37 -40.96
N CYS C 86 -0.69 -8.38 -40.91
CA CYS C 86 -0.52 -9.59 -41.70
C CYS C 86 -0.23 -9.33 -43.19
N SER C 87 0.44 -10.28 -43.83
CA SER C 87 0.80 -10.14 -45.25
C SER C 87 0.65 -11.44 -46.02
N HIS C 88 0.31 -12.52 -45.31
CA HIS C 88 0.11 -13.82 -45.94
C HIS C 88 -0.92 -13.65 -47.06
N TYR C 89 -0.45 -13.53 -48.30
CA TYR C 89 -1.32 -13.36 -49.45
C TYR C 89 -1.89 -14.71 -49.87
N GLY C 90 -3.20 -14.87 -49.69
CA GLY C 90 -3.85 -16.12 -50.04
C GLY C 90 -5.37 -16.00 -50.02
N LYS C 91 -6.03 -17.00 -49.43
CA LYS C 91 -7.49 -17.07 -49.32
C LYS C 91 -8.19 -15.73 -49.39
N THR C 92 -7.66 -14.76 -48.67
CA THR C 92 -8.21 -13.41 -48.67
C THR C 92 -7.07 -12.42 -48.82
N PRO C 93 -7.38 -11.12 -48.91
CA PRO C 93 -6.34 -10.10 -49.06
C PRO C 93 -5.51 -9.88 -47.78
N PRO C 94 -4.17 -9.78 -47.92
CA PRO C 94 -3.33 -9.55 -46.73
C PRO C 94 -3.78 -8.29 -46.01
N CYS C 95 -3.92 -8.39 -44.70
CA CYS C 95 -4.35 -7.27 -43.87
C CYS C 95 -3.56 -6.02 -44.28
N ALA C 96 -2.37 -6.23 -44.85
CA ALA C 96 -1.55 -5.11 -45.30
C ALA C 96 -2.38 -4.29 -46.28
N GLU C 97 -3.08 -5.01 -47.16
CA GLU C 97 -3.94 -4.38 -48.16
C GLU C 97 -5.14 -3.69 -47.53
N LEU C 98 -5.94 -4.42 -46.76
CA LEU C 98 -7.10 -3.83 -46.10
C LEU C 98 -6.72 -2.49 -45.45
N ILE C 99 -5.47 -2.37 -45.05
CA ILE C 99 -5.02 -1.14 -44.42
C ILE C 99 -4.78 -0.07 -45.46
N ILE C 100 -4.38 -0.48 -46.67
CA ILE C 100 -4.15 0.48 -47.75
C ILE C 100 -5.45 0.80 -48.49
N ASN C 101 -6.17 -0.27 -48.84
CA ASN C 101 -7.44 -0.15 -49.56
C ASN C 101 -8.45 0.71 -48.80
N SER C 102 -8.46 0.58 -47.48
CA SER C 102 -9.40 1.36 -46.68
C SER C 102 -9.00 2.83 -46.65
N GLY C 103 -7.86 3.14 -47.24
CA GLY C 103 -7.40 4.52 -47.25
C GLY C 103 -6.93 4.95 -45.88
N ILE C 104 -5.92 4.27 -45.36
CA ILE C 104 -5.38 4.59 -44.05
C ILE C 104 -4.13 5.48 -44.16
N LYS C 105 -4.24 6.68 -43.60
CA LYS C 105 -3.16 7.67 -43.62
C LYS C 105 -1.89 7.16 -42.94
N ARG C 106 -1.98 6.90 -41.65
CA ARG C 106 -0.83 6.41 -40.88
C ARG C 106 -1.14 5.06 -40.25
N VAL C 107 -0.09 4.33 -39.89
CA VAL C 107 -0.23 3.02 -39.28
C VAL C 107 0.89 2.89 -38.25
N PHE C 108 0.57 2.37 -37.08
CA PHE C 108 1.56 2.22 -36.01
C PHE C 108 1.74 0.78 -35.57
N VAL C 109 2.98 0.31 -35.54
CA VAL C 109 3.24 -1.04 -35.10
C VAL C 109 4.07 -0.99 -33.82
N ALA C 110 3.78 -1.87 -32.87
CA ALA C 110 4.52 -1.92 -31.63
C ALA C 110 5.82 -2.73 -31.81
N MET C 111 5.77 -3.68 -32.74
CA MET C 111 6.92 -4.53 -33.04
C MET C 111 6.72 -5.22 -34.39
N ARG C 112 7.81 -5.69 -34.98
CA ARG C 112 7.74 -6.36 -36.27
C ARG C 112 7.51 -7.86 -36.11
N ASP C 113 6.88 -8.47 -37.12
CA ASP C 113 6.61 -9.91 -37.12
C ASP C 113 7.93 -10.63 -36.83
N PRO C 114 8.00 -11.37 -35.72
CA PRO C 114 9.20 -12.11 -35.33
C PRO C 114 9.69 -13.16 -36.33
N ASN C 115 8.82 -13.52 -37.27
CA ASN C 115 9.19 -14.51 -38.29
C ASN C 115 10.28 -13.99 -39.23
N PRO C 116 11.50 -14.55 -39.14
CA PRO C 116 12.65 -14.15 -39.96
C PRO C 116 12.32 -13.68 -41.38
N LEU C 117 11.68 -14.54 -42.17
CA LEU C 117 11.33 -14.21 -43.54
C LEU C 117 10.36 -13.04 -43.72
N VAL C 118 9.20 -13.11 -43.06
CA VAL C 118 8.19 -12.05 -43.18
C VAL C 118 8.31 -10.98 -42.10
N ALA C 119 9.53 -10.76 -41.62
CA ALA C 119 9.73 -9.77 -40.57
C ALA C 119 9.94 -8.37 -41.15
N GLY C 120 9.35 -8.12 -42.31
CA GLY C 120 9.47 -6.81 -42.93
C GLY C 120 8.36 -6.57 -43.94
N ARG C 121 7.99 -7.62 -44.66
CA ARG C 121 6.94 -7.58 -45.69
C ARG C 121 5.71 -6.73 -45.37
N GLY C 122 5.14 -6.91 -44.17
CA GLY C 122 3.98 -6.14 -43.78
C GLY C 122 4.28 -4.65 -43.61
N ILE C 123 5.32 -4.34 -42.84
CA ILE C 123 5.72 -2.97 -42.61
C ILE C 123 5.96 -2.25 -43.93
N SER C 124 6.52 -2.99 -44.90
CA SER C 124 6.84 -2.45 -46.22
C SER C 124 5.63 -2.32 -47.13
N MET C 125 4.97 -3.45 -47.42
CA MET C 125 3.80 -3.48 -48.29
C MET C 125 2.90 -2.24 -48.21
N MET C 126 2.73 -1.70 -47.02
CA MET C 126 1.90 -0.51 -46.84
C MET C 126 2.81 0.71 -46.94
N LYS C 127 4.02 0.54 -46.43
CA LYS C 127 5.04 1.59 -46.43
C LYS C 127 5.34 2.11 -47.85
N GLU C 128 5.28 1.21 -48.83
CA GLU C 128 5.52 1.58 -50.22
C GLU C 128 4.24 2.08 -50.86
N ALA C 129 3.10 1.67 -50.30
CA ALA C 129 1.81 2.12 -50.82
C ALA C 129 1.70 3.61 -50.48
N GLY C 130 2.75 4.14 -49.84
CA GLY C 130 2.82 5.55 -49.48
C GLY C 130 2.50 5.96 -48.05
N ILE C 131 1.95 5.03 -47.28
CA ILE C 131 1.56 5.25 -45.90
C ILE C 131 2.74 5.44 -44.93
N GLU C 132 2.62 6.42 -44.03
CA GLU C 132 3.66 6.65 -43.03
C GLU C 132 3.57 5.50 -42.04
N VAL C 133 4.71 4.92 -41.67
CA VAL C 133 4.75 3.81 -40.73
C VAL C 133 5.62 4.02 -39.49
N ARG C 134 4.97 4.41 -38.39
CA ARG C 134 5.65 4.64 -37.12
C ARG C 134 5.62 3.36 -36.28
N GLU C 135 6.79 2.81 -35.95
CA GLU C 135 6.84 1.57 -35.18
C GLU C 135 7.74 1.54 -33.94
N GLY C 136 7.37 0.68 -32.99
CA GLY C 136 8.12 0.52 -31.76
C GLY C 136 7.34 0.92 -30.52
N ILE C 137 6.19 1.53 -30.72
CA ILE C 137 5.33 1.99 -29.62
C ILE C 137 4.95 0.88 -28.66
N LEU C 138 5.27 1.07 -27.38
CA LEU C 138 5.00 0.08 -26.33
C LEU C 138 5.38 -1.34 -26.79
N ALA C 139 6.63 -1.50 -27.21
CA ALA C 139 7.13 -2.78 -27.70
C ALA C 139 7.43 -3.82 -26.63
N ASP C 140 7.57 -3.37 -25.38
CA ASP C 140 7.86 -4.29 -24.27
C ASP C 140 6.60 -4.94 -23.75
N GLN C 141 5.51 -4.19 -23.79
CA GLN C 141 4.23 -4.69 -23.34
C GLN C 141 3.73 -5.65 -24.43
N ALA C 142 4.04 -5.31 -25.68
CA ALA C 142 3.64 -6.13 -26.82
C ALA C 142 4.57 -7.33 -26.95
N GLU C 143 5.67 -7.28 -26.22
CA GLU C 143 6.64 -8.37 -26.24
C GLU C 143 6.15 -9.42 -25.28
N ARG C 144 5.79 -8.97 -24.07
CA ARG C 144 5.29 -9.83 -23.01
C ARG C 144 3.97 -10.49 -23.36
N LEU C 145 3.20 -9.87 -24.24
CA LEU C 145 1.91 -10.37 -24.68
C LEU C 145 2.00 -11.69 -25.44
N ASN C 146 3.14 -11.95 -26.07
CA ASN C 146 3.31 -13.20 -26.80
C ASN C 146 4.68 -13.79 -26.57
N GLU C 147 5.09 -13.81 -25.30
CA GLU C 147 6.38 -14.35 -24.92
C GLU C 147 6.67 -15.69 -25.61
N LYS C 148 5.70 -16.60 -25.61
CA LYS C 148 5.89 -17.90 -26.23
C LYS C 148 5.94 -17.86 -27.76
N PHE C 149 4.97 -17.19 -28.36
CA PHE C 149 4.93 -17.08 -29.82
C PHE C 149 6.22 -16.44 -30.31
N LEU C 150 6.56 -15.27 -29.77
CA LEU C 150 7.77 -14.57 -30.13
C LEU C 150 8.97 -15.53 -30.18
N HIS C 151 9.23 -16.19 -29.05
CA HIS C 151 10.32 -17.14 -28.95
C HIS C 151 10.37 -18.08 -30.14
N PHE C 152 9.32 -18.89 -30.29
CA PHE C 152 9.19 -19.84 -31.38
C PHE C 152 9.58 -19.27 -32.73
N MET C 153 8.88 -18.21 -33.11
CA MET C 153 9.10 -17.54 -34.38
C MET C 153 10.52 -17.03 -34.55
N ARG C 154 11.17 -16.68 -33.45
CA ARG C 154 12.52 -16.15 -33.50
C ARG C 154 13.59 -17.23 -33.56
N THR C 155 13.45 -18.21 -32.67
CA THR C 155 14.42 -19.29 -32.56
C THR C 155 14.09 -20.54 -33.36
N GLY C 156 12.83 -20.72 -33.71
CA GLY C 156 12.45 -21.90 -34.47
C GLY C 156 12.27 -23.10 -33.57
N LEU C 157 12.32 -22.88 -32.26
CA LEU C 157 12.15 -23.94 -31.28
C LEU C 157 10.99 -23.58 -30.36
N PRO C 158 10.23 -24.57 -29.89
CA PRO C 158 9.10 -24.27 -29.00
C PRO C 158 9.46 -23.60 -27.67
N TYR C 159 8.46 -23.03 -27.01
CA TYR C 159 8.67 -22.39 -25.71
C TYR C 159 8.65 -23.52 -24.72
N VAL C 160 9.75 -23.72 -24.00
CA VAL C 160 9.83 -24.81 -23.05
C VAL C 160 9.66 -24.43 -21.59
N THR C 161 8.62 -24.96 -20.96
CA THR C 161 8.36 -24.71 -19.56
C THR C 161 8.53 -26.04 -18.82
N LEU C 162 9.44 -26.07 -17.86
CA LEU C 162 9.67 -27.26 -17.07
C LEU C 162 8.88 -27.10 -15.75
N LYS C 163 8.28 -28.18 -15.27
CA LYS C 163 7.52 -28.12 -14.03
C LYS C 163 7.85 -29.35 -13.21
N ALA C 164 7.90 -29.16 -11.89
CA ALA C 164 8.18 -30.23 -10.95
C ALA C 164 7.64 -29.86 -9.57
N ALA C 165 7.24 -30.86 -8.81
CA ALA C 165 6.72 -30.64 -7.45
C ALA C 165 7.62 -31.39 -6.50
N ALA C 166 7.97 -30.75 -5.39
CA ALA C 166 8.86 -31.40 -4.46
C ALA C 166 8.74 -30.95 -3.03
N SER C 167 9.36 -31.74 -2.17
CA SER C 167 9.41 -31.44 -0.75
C SER C 167 10.37 -30.26 -0.61
N LEU C 168 10.37 -29.63 0.57
CA LEU C 168 11.23 -28.48 0.78
C LEU C 168 12.68 -28.91 0.68
N ASP C 169 12.95 -30.17 0.98
CA ASP C 169 14.31 -30.67 0.89
C ASP C 169 14.60 -31.18 -0.52
N GLY C 170 13.90 -30.61 -1.50
CA GLY C 170 14.08 -30.98 -2.88
C GLY C 170 13.80 -32.40 -3.33
N LYS C 171 12.96 -33.15 -2.60
CA LYS C 171 12.68 -34.52 -3.01
C LYS C 171 11.35 -34.67 -3.73
N ILE C 172 11.24 -35.70 -4.56
CA ILE C 172 10.03 -35.94 -5.34
C ILE C 172 9.42 -37.27 -4.95
N ALA C 173 10.02 -37.91 -3.95
CA ALA C 173 9.53 -39.18 -3.46
C ALA C 173 10.37 -39.68 -2.28
N THR C 174 9.84 -40.68 -1.58
CA THR C 174 10.54 -41.24 -0.45
C THR C 174 11.57 -42.22 -1.01
N SER C 175 12.37 -42.83 -0.15
CA SER C 175 13.35 -43.78 -0.63
C SER C 175 12.66 -45.03 -1.21
N THR C 176 11.39 -45.20 -0.87
CA THR C 176 10.63 -46.35 -1.36
C THR C 176 9.69 -45.92 -2.47
N GLY C 177 9.98 -44.78 -3.08
CA GLY C 177 9.17 -44.28 -4.17
C GLY C 177 7.78 -43.75 -3.85
N ASP C 178 7.46 -43.61 -2.58
CA ASP C 178 6.14 -43.11 -2.20
C ASP C 178 6.09 -41.62 -2.48
N SER C 179 4.95 -41.15 -2.96
CA SER C 179 4.73 -39.74 -3.27
C SER C 179 3.24 -39.47 -3.34
N LYS C 180 2.53 -39.73 -2.26
CA LYS C 180 1.09 -39.52 -2.21
C LYS C 180 0.64 -38.14 -1.76
N TRP C 181 1.38 -37.54 -0.83
CA TRP C 181 1.03 -36.22 -0.31
C TRP C 181 2.11 -35.15 -0.43
N ILE C 182 2.77 -35.03 -1.57
CA ILE C 182 3.80 -34.01 -1.71
C ILE C 182 3.13 -32.66 -1.86
N THR C 183 2.68 -32.33 -3.06
CA THR C 183 2.03 -31.05 -3.30
C THR C 183 0.53 -31.17 -3.03
N SER C 184 -0.02 -30.16 -2.37
CA SER C 184 -1.44 -30.17 -2.05
C SER C 184 -2.30 -29.99 -3.30
N GLU C 185 -3.59 -30.33 -3.19
CA GLU C 185 -4.52 -30.20 -4.31
C GLU C 185 -4.57 -28.81 -4.91
N ALA C 186 -4.04 -27.83 -4.20
CA ALA C 186 -4.02 -26.48 -4.71
C ALA C 186 -2.96 -26.42 -5.80
N ALA C 187 -1.72 -26.75 -5.45
CA ALA C 187 -0.60 -26.74 -6.39
C ALA C 187 -0.88 -27.56 -7.64
N ARG C 188 -1.51 -28.72 -7.44
CA ARG C 188 -1.86 -29.63 -8.53
C ARG C 188 -2.87 -28.97 -9.44
N GLN C 189 -3.77 -28.21 -8.84
CA GLN C 189 -4.82 -27.50 -9.56
C GLN C 189 -4.23 -26.26 -10.25
N ASP C 190 -3.20 -25.68 -9.66
CA ASP C 190 -2.56 -24.52 -10.26
C ASP C 190 -1.81 -25.08 -11.45
N ALA C 191 -1.12 -26.20 -11.23
CA ALA C 191 -0.35 -26.88 -12.26
C ALA C 191 -1.17 -27.07 -13.52
N GLN C 192 -2.42 -27.48 -13.37
CA GLN C 192 -3.30 -27.70 -14.52
C GLN C 192 -3.31 -26.54 -15.52
N GLN C 193 -3.53 -25.32 -15.02
CA GLN C 193 -3.60 -24.15 -15.89
C GLN C 193 -2.65 -24.21 -17.09
N TYR C 194 -1.38 -24.50 -16.84
CA TYR C 194 -0.37 -24.57 -17.90
C TYR C 194 -0.80 -25.53 -18.98
N ARG C 195 -1.38 -26.65 -18.58
CA ARG C 195 -1.83 -27.64 -19.54
C ARG C 195 -2.66 -27.06 -20.67
N LYS C 196 -3.26 -25.88 -20.44
CA LYS C 196 -4.05 -25.29 -21.50
C LYS C 196 -3.37 -24.10 -22.17
N THR C 197 -2.33 -23.57 -21.54
CA THR C 197 -1.60 -22.45 -22.12
C THR C 197 -0.39 -22.95 -22.91
N HIS C 198 -0.40 -24.24 -23.19
CA HIS C 198 0.66 -24.88 -23.95
C HIS C 198 0.04 -25.73 -25.05
N GLN C 199 0.83 -25.98 -26.10
CA GLN C 199 0.35 -26.77 -27.22
C GLN C 199 0.59 -28.25 -27.05
N SER C 200 1.44 -28.60 -26.08
CA SER C 200 1.75 -30.02 -25.85
C SER C 200 2.33 -30.30 -24.47
N ILE C 201 2.20 -31.54 -24.05
CA ILE C 201 2.74 -31.94 -22.76
C ILE C 201 3.82 -32.99 -23.06
N LEU C 202 5.01 -32.77 -22.49
CA LEU C 202 6.12 -33.70 -22.69
C LEU C 202 6.34 -34.47 -21.39
N VAL C 203 6.56 -35.78 -21.53
CA VAL C 203 6.76 -36.63 -20.38
C VAL C 203 7.45 -37.90 -20.86
N GLY C 204 8.25 -38.52 -20.00
CA GLY C 204 8.94 -39.75 -20.38
C GLY C 204 8.11 -40.97 -20.02
N VAL C 205 8.35 -42.10 -20.68
CA VAL C 205 7.60 -43.33 -20.41
C VAL C 205 7.56 -43.69 -18.94
N GLY C 206 8.61 -43.34 -18.20
CA GLY C 206 8.63 -43.63 -16.79
C GLY C 206 7.35 -43.15 -16.16
N THR C 207 6.97 -41.92 -16.49
CA THR C 207 5.75 -41.32 -15.97
C THR C 207 4.53 -42.14 -16.35
N VAL C 208 4.50 -42.62 -17.58
CA VAL C 208 3.39 -43.42 -18.06
C VAL C 208 3.41 -44.77 -17.36
N LYS C 209 4.56 -45.43 -17.36
CA LYS C 209 4.70 -46.72 -16.72
C LYS C 209 4.48 -46.55 -15.22
N ALA C 210 4.61 -45.32 -14.74
CA ALA C 210 4.47 -45.05 -13.31
C ALA C 210 3.10 -44.63 -12.82
N ASP C 211 2.54 -43.59 -13.41
CA ASP C 211 1.23 -43.10 -12.97
C ASP C 211 0.12 -43.29 -14.00
N ASN C 212 0.48 -43.77 -15.19
CA ASN C 212 -0.50 -43.95 -16.27
C ASN C 212 -1.53 -42.82 -16.29
N PRO C 213 -1.06 -41.59 -16.51
CA PRO C 213 -1.87 -40.38 -16.57
C PRO C 213 -2.76 -40.28 -17.81
N SER C 214 -3.62 -39.27 -17.80
CA SER C 214 -4.54 -39.00 -18.90
C SER C 214 -3.91 -37.85 -19.69
N LEU C 215 -3.10 -37.05 -18.99
CA LEU C 215 -2.40 -35.92 -19.59
C LEU C 215 -3.35 -35.07 -20.44
N THR C 216 -4.38 -34.54 -19.77
CA THR C 216 -5.38 -33.68 -20.41
C THR C 216 -5.86 -32.73 -19.33
N CYS C 217 -6.09 -31.46 -19.66
CA CYS C 217 -6.56 -30.54 -18.64
C CYS C 217 -8.06 -30.72 -18.44
N ARG C 218 -8.40 -31.35 -17.33
CA ARG C 218 -9.77 -31.65 -16.95
C ARG C 218 -10.64 -30.41 -16.82
N LEU C 219 -10.03 -29.30 -16.43
CA LEU C 219 -10.74 -28.03 -16.27
C LEU C 219 -11.69 -27.79 -17.45
N PRO C 220 -13.01 -27.70 -17.19
CA PRO C 220 -14.07 -27.48 -18.19
C PRO C 220 -14.09 -26.10 -18.86
N ASN C 221 -13.48 -26.03 -20.04
CA ASN C 221 -13.40 -24.80 -20.84
C ASN C 221 -12.35 -25.05 -21.93
N VAL C 222 -12.26 -26.32 -22.34
CA VAL C 222 -11.29 -26.69 -23.34
C VAL C 222 -11.91 -27.32 -24.56
N THR C 223 -11.68 -26.67 -25.70
CA THR C 223 -12.17 -27.12 -26.99
C THR C 223 -10.96 -27.34 -27.89
N LYS C 224 -9.95 -28.02 -27.36
CA LYS C 224 -8.71 -28.31 -28.11
C LYS C 224 -7.63 -28.91 -27.22
N GLN C 225 -7.79 -30.18 -26.85
CA GLN C 225 -6.81 -30.87 -25.99
C GLN C 225 -5.38 -30.80 -26.52
N PRO C 226 -4.40 -30.53 -25.64
CA PRO C 226 -2.99 -30.43 -25.99
C PRO C 226 -2.38 -31.74 -26.43
N VAL C 227 -1.32 -31.67 -27.22
CA VAL C 227 -0.66 -32.88 -27.69
C VAL C 227 0.10 -33.56 -26.56
N ARG C 228 -0.11 -34.86 -26.43
CA ARG C 228 0.56 -35.65 -25.41
C ARG C 228 1.82 -36.19 -26.06
N VAL C 229 2.98 -35.76 -25.57
CA VAL C 229 4.23 -36.22 -26.13
C VAL C 229 5.03 -37.07 -25.16
N ILE C 230 5.34 -38.30 -25.57
CA ILE C 230 6.10 -39.23 -24.73
C ILE C 230 7.47 -39.55 -25.32
N LEU C 231 8.52 -39.36 -24.52
CA LEU C 231 9.89 -39.69 -24.94
C LEU C 231 10.09 -41.12 -24.46
N ASP C 232 10.29 -42.04 -25.38
CA ASP C 232 10.45 -43.44 -25.04
C ASP C 232 11.51 -44.15 -25.88
N THR C 233 12.75 -44.08 -25.41
CA THR C 233 13.88 -44.67 -26.11
C THR C 233 13.71 -46.05 -26.73
N VAL C 234 13.18 -46.99 -25.97
CA VAL C 234 13.04 -48.32 -26.52
C VAL C 234 11.62 -48.83 -26.63
N LEU C 235 10.67 -47.90 -26.70
CA LEU C 235 9.26 -48.25 -26.85
C LEU C 235 8.78 -49.32 -25.86
N SER C 236 8.83 -49.01 -24.56
CA SER C 236 8.37 -49.96 -23.55
C SER C 236 7.06 -49.49 -22.91
N ILE C 237 6.46 -48.48 -23.50
CA ILE C 237 5.21 -47.94 -22.98
C ILE C 237 4.11 -49.01 -22.99
N PRO C 238 3.27 -49.04 -21.92
CA PRO C 238 2.18 -50.00 -21.82
C PRO C 238 1.18 -49.75 -22.94
N GLU C 239 0.87 -50.79 -23.69
CA GLU C 239 -0.05 -50.67 -24.81
C GLU C 239 -1.49 -50.37 -24.42
N ASP C 240 -1.86 -50.71 -23.19
CA ASP C 240 -3.22 -50.47 -22.69
C ASP C 240 -3.34 -49.19 -21.85
N ALA C 241 -2.31 -48.37 -21.90
CA ALA C 241 -2.27 -47.14 -21.12
C ALA C 241 -3.20 -46.06 -21.66
N LYS C 242 -3.84 -45.35 -20.74
CA LYS C 242 -4.77 -44.29 -21.07
C LYS C 242 -4.28 -43.42 -22.20
N VAL C 243 -3.05 -42.95 -22.06
CA VAL C 243 -2.45 -42.09 -23.07
C VAL C 243 -2.49 -42.67 -24.48
N ILE C 244 -2.91 -43.91 -24.63
CA ILE C 244 -2.97 -44.53 -25.94
C ILE C 244 -4.38 -44.97 -26.34
N CYS C 245 -5.07 -45.63 -25.41
CA CYS C 245 -6.41 -46.14 -25.63
C CYS C 245 -7.56 -45.15 -25.43
N ASP C 246 -7.50 -44.32 -24.39
CA ASP C 246 -8.56 -43.35 -24.10
C ASP C 246 -8.77 -42.34 -25.24
N GLN C 247 -7.91 -42.41 -26.24
CA GLN C 247 -7.95 -41.48 -27.36
C GLN C 247 -8.89 -40.30 -27.19
N ILE C 248 -8.54 -39.51 -26.17
CA ILE C 248 -9.21 -38.29 -25.77
C ILE C 248 -8.43 -37.15 -26.41
N ALA C 249 -7.14 -37.42 -26.67
CA ALA C 249 -6.23 -36.43 -27.25
C ALA C 249 -5.17 -37.08 -28.14
N PRO C 250 -4.37 -36.25 -28.83
CA PRO C 250 -3.30 -36.74 -29.72
C PRO C 250 -2.16 -37.28 -28.88
N THR C 251 -1.54 -38.37 -29.34
CA THR C 251 -0.42 -38.95 -28.60
C THR C 251 0.80 -39.21 -29.49
N TRP C 252 1.85 -38.43 -29.24
CA TRP C 252 3.09 -38.52 -30.01
C TRP C 252 4.21 -39.20 -29.23
N ILE C 253 4.77 -40.25 -29.83
CA ILE C 253 5.86 -40.98 -29.20
C ILE C 253 7.14 -40.83 -29.98
N PHE C 254 8.22 -40.50 -29.27
CA PHE C 254 9.52 -40.35 -29.90
C PHE C 254 10.33 -41.55 -29.44
N THR C 255 10.74 -42.36 -30.40
CA THR C 255 11.50 -43.55 -30.07
C THR C 255 12.71 -43.67 -30.99
N THR C 256 13.47 -44.73 -30.81
CA THR C 256 14.66 -44.95 -31.63
C THR C 256 14.47 -46.21 -32.46
N ALA C 257 15.55 -46.61 -33.13
CA ALA C 257 15.57 -47.79 -33.97
C ALA C 257 15.53 -49.05 -33.11
N ARG C 258 15.52 -48.86 -31.79
CA ARG C 258 15.48 -50.01 -30.90
C ARG C 258 14.06 -50.41 -30.60
N ALA C 259 13.13 -49.57 -31.04
CA ALA C 259 11.71 -49.82 -30.85
C ALA C 259 11.31 -51.06 -31.65
N ASP C 260 10.66 -51.99 -30.97
CA ASP C 260 10.20 -53.23 -31.59
C ASP C 260 9.18 -52.89 -32.68
N GLU C 261 9.57 -53.19 -33.91
CA GLU C 261 8.75 -52.90 -35.06
C GLU C 261 7.28 -53.25 -34.90
N GLU C 262 6.97 -54.52 -34.70
CA GLU C 262 5.58 -54.95 -34.54
C GLU C 262 4.75 -54.06 -33.61
N LYS C 263 5.34 -53.67 -32.49
CA LYS C 263 4.66 -52.84 -31.50
C LYS C 263 4.41 -51.42 -32.00
N LYS C 264 5.30 -50.89 -32.82
CA LYS C 264 5.11 -49.55 -33.35
C LYS C 264 3.78 -49.57 -34.11
N LYS C 265 3.60 -50.60 -34.93
CA LYS C 265 2.39 -50.75 -35.71
C LYS C 265 1.19 -50.86 -34.77
N ARG C 266 1.25 -51.85 -33.87
CA ARG C 266 0.18 -52.04 -32.92
C ARG C 266 -0.31 -50.72 -32.34
N LEU C 267 0.64 -49.87 -31.92
CA LEU C 267 0.30 -48.58 -31.33
C LEU C 267 -0.18 -47.57 -32.37
N SER C 268 0.55 -47.44 -33.47
CA SER C 268 0.19 -46.50 -34.53
C SER C 268 -1.21 -46.81 -35.06
N ALA C 269 -1.62 -48.07 -34.95
CA ALA C 269 -2.93 -48.48 -35.41
C ALA C 269 -3.99 -47.84 -34.52
N PHE C 270 -3.62 -47.51 -33.28
CA PHE C 270 -4.53 -46.88 -32.34
C PHE C 270 -4.63 -45.39 -32.65
N GLY C 271 -3.97 -44.96 -33.72
CA GLY C 271 -3.98 -43.55 -34.07
C GLY C 271 -2.90 -42.79 -33.33
N VAL C 272 -1.81 -43.47 -32.99
CA VAL C 272 -0.71 -42.83 -32.27
C VAL C 272 0.46 -42.55 -33.22
N ASN C 273 0.87 -41.29 -33.29
CA ASN C 273 1.98 -40.88 -34.15
C ASN C 273 3.33 -41.24 -33.55
N ILE C 274 4.06 -42.12 -34.23
CA ILE C 274 5.36 -42.52 -33.71
C ILE C 274 6.51 -41.92 -34.52
N PHE C 275 7.26 -41.02 -33.89
CA PHE C 275 8.40 -40.39 -34.54
C PHE C 275 9.65 -41.18 -34.17
N THR C 276 10.25 -41.90 -35.13
CA THR C 276 11.46 -42.68 -34.84
C THR C 276 12.73 -41.86 -35.09
N LEU C 277 13.35 -41.36 -34.03
CA LEU C 277 14.57 -40.57 -34.17
C LEU C 277 15.71 -41.39 -34.76
N GLU C 278 16.53 -40.74 -35.57
CA GLU C 278 17.63 -41.42 -36.22
C GLU C 278 18.88 -41.63 -35.37
N THR C 279 18.87 -41.14 -34.12
CA THR C 279 20.02 -41.32 -33.23
C THR C 279 19.81 -42.62 -32.47
N GLU C 280 20.74 -42.95 -31.59
CA GLU C 280 20.62 -44.16 -30.80
C GLU C 280 19.83 -43.81 -29.54
N ARG C 281 20.10 -42.62 -29.01
CA ARG C 281 19.42 -42.11 -27.82
C ARG C 281 18.66 -40.84 -28.20
N ILE C 282 17.56 -40.61 -27.51
CA ILE C 282 16.70 -39.45 -27.74
C ILE C 282 17.41 -38.13 -27.40
N GLN C 283 17.60 -37.26 -28.37
CA GLN C 283 18.27 -35.99 -28.10
C GLN C 283 17.21 -34.91 -27.99
N ILE C 284 17.01 -34.34 -26.80
CA ILE C 284 16.00 -33.30 -26.65
C ILE C 284 16.13 -32.28 -27.79
N PRO C 285 17.36 -31.85 -28.11
CA PRO C 285 17.56 -30.88 -29.19
C PRO C 285 16.91 -31.31 -30.53
N ASP C 286 17.07 -32.59 -30.87
CA ASP C 286 16.49 -33.12 -32.10
C ASP C 286 14.97 -33.17 -31.96
N VAL C 287 14.53 -33.72 -30.84
CA VAL C 287 13.12 -33.85 -30.58
C VAL C 287 12.44 -32.50 -30.71
N LEU C 288 13.00 -31.48 -30.05
CA LEU C 288 12.42 -30.14 -30.12
C LEU C 288 12.32 -29.65 -31.55
N LYS C 289 13.43 -29.72 -32.30
CA LYS C 289 13.46 -29.30 -33.70
C LYS C 289 12.29 -29.93 -34.45
N ILE C 290 12.21 -31.25 -34.35
CA ILE C 290 11.16 -32.01 -35.01
C ILE C 290 9.78 -31.53 -34.62
N LEU C 291 9.59 -31.20 -33.34
CA LEU C 291 8.30 -30.74 -32.85
C LEU C 291 7.84 -29.42 -33.50
N ALA C 292 8.77 -28.47 -33.62
CA ALA C 292 8.46 -27.18 -34.23
C ALA C 292 8.08 -27.38 -35.69
N GLU C 293 8.75 -28.31 -36.35
CA GLU C 293 8.48 -28.61 -37.76
C GLU C 293 7.10 -29.22 -37.96
N GLU C 294 6.33 -29.35 -36.89
CA GLU C 294 5.00 -29.94 -37.01
C GLU C 294 3.92 -29.00 -36.53
N GLY C 295 4.33 -27.79 -36.14
CA GLY C 295 3.37 -26.81 -35.68
C GLY C 295 3.43 -26.43 -34.22
N ILE C 296 3.78 -27.38 -33.38
CA ILE C 296 3.88 -27.15 -31.94
C ILE C 296 4.82 -25.98 -31.65
N MET C 297 4.31 -24.97 -30.95
CA MET C 297 5.11 -23.80 -30.64
C MET C 297 5.52 -23.75 -29.18
N SER C 298 4.80 -24.49 -28.36
CA SER C 298 5.05 -24.54 -26.92
C SER C 298 5.02 -25.98 -26.42
N VAL C 299 5.68 -26.20 -25.29
CA VAL C 299 5.73 -27.53 -24.70
C VAL C 299 5.80 -27.36 -23.19
N TYR C 300 5.03 -28.18 -22.49
CA TYR C 300 5.02 -28.14 -21.03
C TYR C 300 5.56 -29.50 -20.57
N VAL C 301 6.80 -29.52 -20.08
CA VAL C 301 7.43 -30.77 -19.64
C VAL C 301 7.22 -31.04 -18.16
N GLU C 302 6.41 -32.05 -17.84
CA GLU C 302 6.17 -32.38 -16.45
C GLU C 302 7.07 -33.53 -16.03
N GLY C 303 6.53 -34.73 -16.07
CA GLY C 303 7.28 -35.91 -15.67
C GLY C 303 8.65 -36.18 -16.23
N GLY C 304 9.52 -36.62 -15.33
CA GLY C 304 10.88 -36.98 -15.69
C GLY C 304 11.95 -36.20 -14.97
N SER C 305 12.46 -36.71 -13.85
CA SER C 305 13.55 -36.01 -13.16
C SER C 305 14.70 -36.29 -14.13
N ALA C 306 14.51 -37.40 -14.84
CA ALA C 306 15.42 -37.88 -15.87
C ALA C 306 15.31 -36.93 -17.06
N VAL C 307 14.06 -36.72 -17.49
CA VAL C 307 13.78 -35.84 -18.61
C VAL C 307 14.17 -34.40 -18.25
N HIS C 308 13.81 -33.95 -17.06
CA HIS C 308 14.18 -32.59 -16.67
C HIS C 308 15.69 -32.47 -16.78
N GLY C 309 16.38 -33.46 -16.24
CA GLY C 309 17.82 -33.44 -16.32
C GLY C 309 18.27 -33.08 -17.71
N SER C 310 17.85 -33.86 -18.70
CA SER C 310 18.22 -33.61 -20.10
C SER C 310 17.98 -32.16 -20.47
N PHE C 311 16.71 -31.75 -20.47
CA PHE C 311 16.33 -30.38 -20.81
C PHE C 311 17.22 -29.33 -20.18
N VAL C 312 17.62 -29.56 -18.94
CA VAL C 312 18.49 -28.61 -18.25
C VAL C 312 19.90 -28.73 -18.77
N LYS C 313 20.39 -29.97 -18.84
CA LYS C 313 21.74 -30.23 -19.30
C LYS C 313 22.01 -29.67 -20.68
N GLU C 314 20.97 -29.62 -21.51
CA GLU C 314 21.09 -29.08 -22.88
C GLU C 314 20.76 -27.60 -22.91
N GLY C 315 20.14 -27.13 -21.84
CA GLY C 315 19.76 -25.74 -21.79
C GLY C 315 18.67 -25.50 -22.81
N CYS C 316 17.60 -26.27 -22.71
CA CYS C 316 16.45 -26.14 -23.61
C CYS C 316 15.18 -25.81 -22.85
N PHE C 317 15.23 -24.82 -21.96
CA PHE C 317 14.05 -24.41 -21.20
C PHE C 317 14.01 -22.90 -21.05
N GLN C 318 12.93 -22.28 -21.50
CA GLN C 318 12.82 -20.83 -21.39
C GLN C 318 12.23 -20.44 -20.03
N GLU C 319 11.75 -21.42 -19.30
CA GLU C 319 11.15 -21.14 -17.99
C GLU C 319 11.00 -22.43 -17.19
N ILE C 320 11.17 -22.32 -15.88
CA ILE C 320 11.04 -23.47 -15.01
C ILE C 320 10.18 -23.17 -13.78
N ILE C 321 9.27 -24.08 -13.46
CA ILE C 321 8.38 -23.93 -12.30
C ILE C 321 8.56 -25.05 -11.26
N PHE C 322 8.75 -24.66 -10.01
CA PHE C 322 8.92 -25.61 -8.92
C PHE C 322 7.92 -25.38 -7.79
N TYR C 323 7.10 -26.39 -7.50
CA TYR C 323 6.14 -26.32 -6.41
C TYR C 323 6.74 -27.02 -5.19
N PHE C 324 6.96 -26.26 -4.12
CA PHE C 324 7.52 -26.84 -2.90
C PHE C 324 6.46 -27.06 -1.85
N ALA C 325 6.68 -28.08 -1.02
CA ALA C 325 5.73 -28.41 0.04
C ALA C 325 6.38 -28.23 1.39
N PRO C 326 5.58 -27.88 2.40
CA PRO C 326 6.09 -27.67 3.77
C PRO C 326 6.34 -29.02 4.42
N LYS C 327 7.18 -29.83 3.79
CA LYS C 327 7.47 -31.14 4.33
C LYS C 327 8.90 -31.51 4.05
N LEU C 328 9.50 -32.32 4.91
CA LEU C 328 10.87 -32.77 4.71
C LEU C 328 10.85 -34.29 4.51
N ILE C 329 11.12 -34.73 3.28
CA ILE C 329 11.12 -36.15 2.95
C ILE C 329 12.39 -36.84 3.46
N GLY C 330 13.54 -36.39 2.95
CA GLY C 330 14.80 -36.96 3.36
C GLY C 330 15.08 -38.30 2.69
N GLY C 331 16.33 -38.75 2.80
CA GLY C 331 16.70 -40.02 2.20
C GLY C 331 17.86 -39.88 1.23
N THR C 332 18.93 -40.61 1.49
CA THR C 332 20.10 -40.56 0.63
C THR C 332 19.79 -41.20 -0.71
N HIS C 333 18.74 -42.02 -0.73
CA HIS C 333 18.32 -42.71 -1.94
C HIS C 333 17.00 -42.22 -2.48
N ALA C 334 16.50 -41.10 -1.94
CA ALA C 334 15.24 -40.55 -2.39
C ALA C 334 15.49 -39.74 -3.66
N PRO C 335 14.67 -39.94 -4.70
CA PRO C 335 14.77 -39.25 -5.99
C PRO C 335 14.80 -37.72 -5.93
N SER C 336 15.87 -37.14 -6.47
CA SER C 336 16.03 -35.69 -6.49
C SER C 336 15.19 -35.04 -7.59
N LEU C 337 15.12 -33.72 -7.55
CA LEU C 337 14.35 -32.98 -8.53
C LEU C 337 14.91 -33.16 -9.91
N ILE C 338 16.21 -32.94 -10.05
CA ILE C 338 16.85 -33.10 -11.35
C ILE C 338 17.82 -34.26 -11.25
N SER C 339 17.62 -35.28 -12.07
CA SER C 339 18.49 -36.44 -12.05
C SER C 339 19.34 -36.48 -13.32
N GLY C 340 20.11 -37.55 -13.49
CA GLY C 340 20.94 -37.66 -14.67
C GLY C 340 22.35 -37.17 -14.38
N GLU C 341 23.08 -36.76 -15.43
CA GLU C 341 24.44 -36.27 -15.26
C GLU C 341 24.60 -35.08 -14.32
N GLY C 342 24.00 -33.95 -14.69
CA GLY C 342 24.12 -32.76 -13.87
C GLY C 342 25.44 -32.08 -14.22
N PHE C 343 25.62 -30.85 -13.76
CA PHE C 343 26.84 -30.10 -14.05
C PHE C 343 27.95 -30.50 -13.11
N GLN C 344 29.14 -30.75 -13.66
CA GLN C 344 30.29 -31.15 -12.84
C GLN C 344 30.94 -30.03 -12.06
N SER C 345 30.99 -28.82 -12.63
CA SER C 345 31.59 -27.70 -11.91
C SER C 345 30.73 -26.45 -11.83
N MET C 346 30.69 -25.87 -10.64
CA MET C 346 29.90 -24.67 -10.36
C MET C 346 30.15 -23.51 -11.31
N LYS C 347 31.36 -23.44 -11.87
CA LYS C 347 31.69 -22.38 -12.82
C LYS C 347 31.01 -22.71 -14.16
N ASP C 348 30.16 -23.74 -14.14
CA ASP C 348 29.45 -24.15 -15.34
C ASP C 348 27.94 -24.29 -15.21
N VAL C 349 27.38 -23.91 -14.06
CA VAL C 349 25.93 -24.02 -13.90
C VAL C 349 25.30 -22.68 -14.29
N PRO C 350 24.47 -22.67 -15.35
CA PRO C 350 23.82 -21.43 -15.79
C PRO C 350 23.19 -20.70 -14.63
N LEU C 351 23.06 -19.38 -14.74
CA LEU C 351 22.44 -18.59 -13.70
C LEU C 351 21.05 -18.21 -14.17
N LEU C 352 20.04 -18.56 -13.37
CA LEU C 352 18.67 -18.22 -13.70
C LEU C 352 18.32 -16.95 -12.96
N GLN C 353 17.03 -16.63 -12.94
CA GLN C 353 16.57 -15.43 -12.25
C GLN C 353 15.13 -15.66 -11.81
N PHE C 354 14.83 -15.33 -10.56
CA PHE C 354 13.48 -15.52 -10.05
C PHE C 354 12.50 -14.53 -10.67
N THR C 355 11.37 -15.06 -11.10
CA THR C 355 10.33 -14.28 -11.76
C THR C 355 9.07 -14.10 -10.95
N ASP C 356 8.78 -15.05 -10.08
CA ASP C 356 7.57 -14.95 -9.28
C ASP C 356 7.66 -15.87 -8.09
N ILE C 357 7.10 -15.44 -6.97
CA ILE C 357 7.15 -16.26 -5.77
C ILE C 357 5.77 -16.26 -5.12
N THR C 358 4.78 -16.81 -5.80
CA THR C 358 3.44 -16.84 -5.22
C THR C 358 3.09 -18.18 -4.57
N GLN C 359 2.56 -18.09 -3.36
CA GLN C 359 2.16 -19.26 -2.59
C GLN C 359 0.84 -19.85 -3.10
N ILE C 360 0.68 -21.16 -2.95
CA ILE C 360 -0.53 -21.86 -3.37
C ILE C 360 -0.90 -22.86 -2.28
N GLY C 361 -1.80 -22.45 -1.38
CA GLY C 361 -2.18 -23.32 -0.29
C GLY C 361 -1.02 -23.31 0.68
N ARG C 362 -0.67 -24.48 1.22
CA ARG C 362 0.44 -24.57 2.15
C ARG C 362 1.76 -24.60 1.36
N ASP C 363 1.65 -24.82 0.05
CA ASP C 363 2.82 -24.89 -0.84
C ASP C 363 3.34 -23.51 -1.22
N ILE C 364 4.47 -23.49 -1.91
CA ILE C 364 5.08 -22.25 -2.41
C ILE C 364 5.41 -22.55 -3.87
N LYS C 365 5.18 -21.59 -4.74
CA LYS C 365 5.45 -21.80 -6.16
C LYS C 365 6.60 -20.94 -6.71
N LEU C 366 7.80 -21.53 -6.79
CA LEU C 366 8.98 -20.83 -7.29
C LEU C 366 9.13 -20.92 -8.79
N THR C 367 9.33 -19.78 -9.43
CA THR C 367 9.49 -19.73 -10.88
C THR C 367 10.66 -18.83 -11.26
N ALA C 368 11.55 -19.36 -12.10
CA ALA C 368 12.73 -18.63 -12.54
C ALA C 368 12.94 -18.83 -14.02
N LYS C 369 13.76 -17.96 -14.62
CA LYS C 369 14.04 -18.03 -16.05
C LYS C 369 15.55 -17.92 -16.33
N PRO C 370 15.97 -18.31 -17.54
CA PRO C 370 17.36 -18.29 -18.02
C PRO C 370 18.09 -16.98 -17.94
N THR C 371 19.39 -17.04 -18.27
CA THR C 371 20.31 -15.91 -18.27
C THR C 371 19.91 -14.76 -17.36
N SER D 12 -8.72 0.56 23.48
CA SER D 12 -7.42 -0.13 23.27
C SER D 12 -6.31 0.62 24.00
N MET D 13 -6.69 1.42 25.00
CA MET D 13 -5.70 2.19 25.76
C MET D 13 -4.89 1.24 26.60
N GLU D 14 -5.49 0.12 26.98
CA GLU D 14 -4.79 -0.89 27.76
C GLU D 14 -3.66 -1.41 26.86
N GLU D 15 -4.02 -1.87 25.67
CA GLU D 15 -3.06 -2.39 24.71
C GLU D 15 -1.94 -1.41 24.41
N TYR D 16 -2.25 -0.13 24.40
CA TYR D 16 -1.21 0.85 24.13
C TYR D 16 -0.14 0.75 25.20
N TYR D 17 -0.59 0.71 26.45
CA TYR D 17 0.32 0.64 27.58
C TYR D 17 1.08 -0.68 27.62
N MET D 18 0.45 -1.74 27.13
CA MET D 18 1.10 -3.05 27.13
C MET D 18 2.05 -3.15 25.96
N LYS D 19 1.70 -2.50 24.87
CA LYS D 19 2.54 -2.52 23.68
C LYS D 19 3.82 -1.79 24.11
N LEU D 20 3.66 -0.68 24.81
CA LEU D 20 4.81 0.10 25.28
C LEU D 20 5.70 -0.82 26.11
N ALA D 21 5.11 -1.46 27.10
CA ALA D 21 5.88 -2.38 27.95
C ALA D 21 6.72 -3.30 27.07
N LEU D 22 6.07 -4.01 26.15
CA LEU D 22 6.76 -4.92 25.22
C LEU D 22 7.96 -4.23 24.56
N ASP D 23 7.75 -3.02 24.04
CA ASP D 23 8.80 -2.27 23.38
C ASP D 23 9.97 -2.07 24.33
N LEU D 24 9.68 -1.64 25.54
CA LEU D 24 10.72 -1.42 26.54
C LEU D 24 11.53 -2.68 26.79
N ALA D 25 10.87 -3.84 26.72
CA ALA D 25 11.53 -5.11 26.98
C ALA D 25 12.55 -5.45 25.90
N LYS D 26 12.17 -5.25 24.65
CA LYS D 26 13.07 -5.53 23.55
C LYS D 26 14.42 -4.87 23.76
N GLN D 27 14.46 -3.74 24.46
CA GLN D 27 15.69 -3.01 24.71
C GLN D 27 16.73 -3.77 25.54
N GLY D 28 16.34 -4.94 26.05
CA GLY D 28 17.27 -5.73 26.85
C GLY D 28 17.83 -6.85 26.00
N GLU D 29 17.40 -6.85 24.74
CA GLU D 29 17.81 -7.84 23.73
C GLU D 29 19.23 -8.37 23.90
N GLY D 30 20.15 -7.54 24.39
CA GLY D 30 21.52 -7.99 24.56
C GLY D 30 21.83 -8.67 25.89
N GLN D 31 22.23 -7.89 26.88
CA GLN D 31 22.57 -8.44 28.20
C GLN D 31 21.37 -9.06 28.90
N THR D 32 21.51 -10.33 29.25
CA THR D 32 20.48 -11.08 29.94
C THR D 32 20.89 -12.53 29.92
N GLU D 33 21.47 -12.95 28.79
CA GLU D 33 21.90 -14.32 28.63
C GLU D 33 20.64 -15.16 28.69
N SER D 34 20.50 -15.99 29.72
CA SER D 34 19.32 -16.82 29.84
C SER D 34 18.06 -16.01 30.17
N ASN D 35 18.15 -15.20 31.24
CA ASN D 35 17.04 -14.36 31.68
C ASN D 35 16.19 -13.77 30.55
N PRO D 36 14.86 -13.90 30.67
CA PRO D 36 13.87 -13.42 29.71
C PRO D 36 13.76 -11.92 29.67
N LEU D 37 13.30 -11.40 28.54
CA LEU D 37 13.14 -9.97 28.35
C LEU D 37 11.78 -9.57 28.89
N VAL D 38 11.77 -8.63 29.84
CA VAL D 38 10.51 -8.19 30.41
C VAL D 38 10.38 -6.68 30.48
N GLY D 39 9.16 -6.21 30.28
CA GLY D 39 8.84 -4.79 30.32
C GLY D 39 7.66 -4.51 31.23
N ALA D 40 7.77 -3.40 31.97
CA ALA D 40 6.73 -3.00 32.89
C ALA D 40 6.45 -1.52 32.73
N VAL D 41 5.22 -1.12 33.01
CA VAL D 41 4.84 0.29 32.92
C VAL D 41 3.73 0.52 33.91
N VAL D 42 3.88 1.56 34.73
CA VAL D 42 2.88 1.88 35.74
C VAL D 42 2.12 3.14 35.36
N VAL D 43 0.80 3.09 35.45
CA VAL D 43 -0.02 4.24 35.12
C VAL D 43 -0.92 4.69 36.26
N LYS D 44 -0.74 5.94 36.70
CA LYS D 44 -1.50 6.54 37.79
C LYS D 44 -2.40 7.63 37.22
N ASP D 45 -3.71 7.37 37.28
CA ASP D 45 -4.72 8.28 36.78
C ASP D 45 -4.47 8.77 35.36
N GLY D 46 -4.45 7.82 34.43
CA GLY D 46 -4.23 8.14 33.03
C GLY D 46 -2.85 8.65 32.66
N GLN D 47 -1.95 8.75 33.64
CA GLN D 47 -0.61 9.23 33.37
C GLN D 47 0.41 8.11 33.54
N ILE D 48 1.41 8.08 32.66
CA ILE D 48 2.46 7.07 32.71
C ILE D 48 3.50 7.48 33.73
N VAL D 49 3.36 6.99 34.95
CA VAL D 49 4.28 7.33 36.01
C VAL D 49 5.64 6.63 36.04
N GLY D 50 5.68 5.35 35.66
CA GLY D 50 6.94 4.63 35.68
C GLY D 50 7.17 3.68 34.50
N MET D 51 8.43 3.56 34.09
CA MET D 51 8.81 2.70 32.98
C MET D 51 10.05 1.90 33.35
N GLY D 52 10.06 0.62 32.96
CA GLY D 52 11.21 -0.23 33.25
C GLY D 52 11.30 -1.50 32.41
N ALA D 53 12.47 -2.14 32.43
CA ALA D 53 12.70 -3.38 31.67
C ALA D 53 13.86 -4.13 32.30
N HIS D 54 13.99 -5.42 31.99
CA HIS D 54 15.10 -6.20 32.52
C HIS D 54 16.25 -5.90 31.60
N LEU D 55 17.26 -5.22 32.11
CA LEU D 55 18.39 -4.80 31.29
C LEU D 55 19.71 -5.57 31.39
N LYS D 56 19.98 -6.17 32.55
CA LYS D 56 21.23 -6.90 32.71
C LYS D 56 21.07 -8.16 33.55
N TYR D 57 21.64 -9.27 33.07
CA TYR D 57 21.54 -10.53 33.80
C TYR D 57 21.87 -10.32 35.27
N GLY D 58 21.17 -11.04 36.14
CA GLY D 58 21.43 -10.94 37.56
C GLY D 58 21.13 -9.61 38.22
N GLU D 59 20.67 -8.63 37.44
CA GLU D 59 20.34 -7.34 38.01
C GLU D 59 18.82 -7.12 38.01
N ALA D 60 18.40 -5.98 38.56
CA ALA D 60 17.00 -5.59 38.70
C ALA D 60 16.02 -6.10 37.65
N HIS D 61 14.87 -6.57 38.13
CA HIS D 61 13.82 -7.07 37.27
C HIS D 61 13.03 -5.86 36.76
N ALA D 62 12.43 -6.02 35.59
CA ALA D 62 11.66 -4.95 34.97
C ALA D 62 10.75 -4.22 35.95
N GLU D 63 9.85 -4.96 36.60
CA GLU D 63 8.93 -4.36 37.54
C GLU D 63 9.62 -3.43 38.52
N VAL D 64 10.74 -3.88 39.06
CA VAL D 64 11.48 -3.10 40.04
C VAL D 64 11.84 -1.70 39.57
N HIS D 65 12.38 -1.61 38.37
CA HIS D 65 12.77 -0.32 37.86
C HIS D 65 11.59 0.60 37.75
N ALA D 66 10.58 0.16 37.00
CA ALA D 66 9.36 0.96 36.78
C ALA D 66 8.65 1.33 38.07
N ILE D 67 8.54 0.39 39.00
CA ILE D 67 7.86 0.66 40.26
C ILE D 67 8.60 1.73 41.05
N HIS D 68 9.94 1.73 40.97
CA HIS D 68 10.71 2.73 41.68
C HIS D 68 10.44 4.09 41.04
N MET D 69 10.76 4.20 39.77
CA MET D 69 10.55 5.43 39.03
C MET D 69 9.12 5.96 39.21
N ALA D 70 8.22 5.16 39.77
CA ALA D 70 6.86 5.63 39.95
C ALA D 70 6.70 6.38 41.28
N GLY D 71 7.51 6.03 42.26
CA GLY D 71 7.40 6.67 43.56
C GLY D 71 6.02 6.49 44.18
N ALA D 72 5.54 7.55 44.83
CA ALA D 72 4.24 7.54 45.48
C ALA D 72 3.11 7.21 44.51
N HIS D 73 3.27 7.62 43.25
CA HIS D 73 2.26 7.39 42.24
C HIS D 73 1.85 5.93 42.15
N ALA D 74 2.75 5.06 42.58
CA ALA D 74 2.46 3.63 42.53
C ALA D 74 1.13 3.34 43.23
N GLU D 75 0.96 3.97 44.39
CA GLU D 75 -0.24 3.83 45.23
C GLU D 75 -1.52 4.11 44.43
N GLY D 76 -2.30 3.06 44.19
CA GLY D 76 -3.52 3.22 43.43
C GLY D 76 -3.31 3.19 41.94
N ALA D 77 -2.12 2.83 41.48
CA ALA D 77 -1.87 2.77 40.05
C ALA D 77 -2.11 1.39 39.46
N ASP D 78 -1.93 1.29 38.14
CA ASP D 78 -2.06 0.05 37.42
C ASP D 78 -0.68 -0.22 36.88
N ILE D 79 -0.33 -1.48 36.78
CA ILE D 79 0.96 -1.85 36.21
C ILE D 79 0.71 -2.89 35.11
N TYR D 80 1.37 -2.72 33.98
CA TYR D 80 1.27 -3.64 32.85
C TYR D 80 2.63 -4.32 32.74
N VAL D 81 2.64 -5.64 32.86
CA VAL D 81 3.86 -6.43 32.76
C VAL D 81 3.70 -7.44 31.61
N THR D 82 4.77 -7.65 30.83
CA THR D 82 4.72 -8.59 29.72
C THR D 82 4.87 -10.05 30.17
N LEU D 83 5.14 -10.27 31.45
CA LEU D 83 5.29 -11.62 31.97
C LEU D 83 4.87 -11.65 33.44
N GLU D 84 4.39 -12.80 33.92
CA GLU D 84 3.95 -12.90 35.31
C GLU D 84 5.11 -12.59 36.27
N PRO D 85 4.89 -11.66 37.21
CA PRO D 85 5.86 -11.22 38.22
C PRO D 85 6.48 -12.33 39.10
N CYS D 86 7.65 -12.03 39.69
CA CYS D 86 8.39 -12.96 40.56
C CYS D 86 7.48 -13.35 41.68
N SER D 87 7.60 -14.59 42.13
CA SER D 87 6.77 -15.05 43.22
C SER D 87 7.65 -15.76 44.24
N HIS D 88 8.84 -16.16 43.80
CA HIS D 88 9.74 -16.86 44.68
C HIS D 88 10.47 -15.94 45.63
N TYR D 89 10.90 -16.53 46.75
CA TYR D 89 11.64 -15.81 47.78
C TYR D 89 13.07 -16.33 47.78
N GLY D 90 14.03 -15.43 47.61
CA GLY D 90 15.42 -15.82 47.59
C GLY D 90 16.26 -14.76 48.27
N LYS D 91 16.86 -13.88 47.47
CA LYS D 91 17.68 -12.80 48.00
C LYS D 91 16.79 -11.59 48.34
N THR D 92 16.35 -10.89 47.29
CA THR D 92 15.49 -9.71 47.44
C THR D 92 14.01 -10.07 47.30
N PRO D 93 13.12 -9.18 47.78
CA PRO D 93 11.68 -9.42 47.70
C PRO D 93 11.18 -9.64 46.28
N PRO D 94 10.28 -10.62 46.08
CA PRO D 94 9.73 -10.92 44.75
C PRO D 94 8.87 -9.78 44.20
N CYS D 95 9.09 -9.51 42.93
CA CYS D 95 8.41 -8.45 42.19
C CYS D 95 6.90 -8.45 42.43
N ALA D 96 6.32 -9.61 42.70
CA ALA D 96 4.88 -9.67 42.97
C ALA D 96 4.62 -9.04 44.33
N GLU D 97 5.42 -9.41 45.33
CA GLU D 97 5.28 -8.88 46.67
C GLU D 97 5.53 -7.37 46.61
N LEU D 98 6.46 -6.96 45.76
CA LEU D 98 6.79 -5.55 45.61
C LEU D 98 5.55 -4.79 45.11
N ILE D 99 4.87 -5.37 44.13
CA ILE D 99 3.67 -4.77 43.56
C ILE D 99 2.56 -4.64 44.60
N ILE D 100 2.36 -5.69 45.38
CA ILE D 100 1.34 -5.67 46.41
C ILE D 100 1.61 -4.50 47.32
N ASN D 101 2.81 -4.51 47.89
CA ASN D 101 3.25 -3.48 48.79
C ASN D 101 3.23 -2.07 48.24
N SER D 102 3.52 -1.89 46.96
CA SER D 102 3.57 -0.54 46.40
C SER D 102 2.24 0.22 46.31
N GLY D 103 1.12 -0.49 46.42
CA GLY D 103 -0.16 0.18 46.36
C GLY D 103 -1.02 -0.33 45.22
N ILE D 104 -0.38 -0.50 44.07
CA ILE D 104 -1.01 -1.01 42.85
C ILE D 104 -2.31 -1.79 43.04
N LYS D 105 -3.41 -1.27 42.50
CA LYS D 105 -4.72 -1.91 42.64
C LYS D 105 -5.02 -2.94 41.57
N ARG D 106 -4.32 -2.84 40.45
CA ARG D 106 -4.56 -3.75 39.36
C ARG D 106 -3.35 -4.01 38.46
N VAL D 107 -3.15 -5.27 38.08
CA VAL D 107 -2.04 -5.65 37.20
C VAL D 107 -2.59 -6.19 35.88
N PHE D 108 -1.85 -5.95 34.80
CA PHE D 108 -2.21 -6.44 33.49
C PHE D 108 -1.09 -7.37 33.04
N VAL D 109 -1.30 -8.68 33.19
CA VAL D 109 -0.29 -9.68 32.80
C VAL D 109 -0.52 -10.21 31.39
N ALA D 110 0.53 -10.25 30.58
CA ALA D 110 0.39 -10.71 29.20
C ALA D 110 0.37 -12.22 29.05
N MET D 111 1.20 -12.89 29.83
CA MET D 111 1.28 -14.34 29.79
C MET D 111 1.84 -14.76 31.14
N ARG D 112 1.68 -16.04 31.49
CA ARG D 112 2.17 -16.53 32.77
C ARG D 112 3.56 -17.12 32.68
N ASP D 113 4.17 -17.42 33.82
CA ASP D 113 5.51 -17.99 33.81
C ASP D 113 5.58 -19.34 33.11
N PRO D 114 6.60 -19.53 32.28
CA PRO D 114 6.87 -20.75 31.50
C PRO D 114 7.08 -21.99 32.35
N ASN D 115 7.89 -21.87 33.40
CA ASN D 115 8.13 -23.02 34.27
C ASN D 115 6.85 -23.42 35.00
N PRO D 116 6.18 -24.48 34.53
CA PRO D 116 4.93 -24.93 35.17
C PRO D 116 5.00 -25.11 36.68
N LEU D 117 6.22 -25.07 37.22
CA LEU D 117 6.40 -25.22 38.66
C LEU D 117 6.07 -23.89 39.35
N VAL D 118 6.11 -22.80 38.57
CA VAL D 118 5.84 -21.45 39.08
C VAL D 118 4.55 -20.87 38.50
N ALA D 119 4.28 -21.27 37.26
CA ALA D 119 3.11 -20.83 36.49
C ALA D 119 1.89 -20.48 37.31
N GLY D 120 1.57 -19.20 37.36
CA GLY D 120 0.41 -18.74 38.10
C GLY D 120 0.62 -18.47 39.59
N ARG D 121 1.81 -18.78 40.11
CA ARG D 121 2.09 -18.55 41.52
C ARG D 121 2.03 -17.06 41.86
N GLY D 122 2.59 -16.22 40.99
CA GLY D 122 2.54 -14.79 41.22
C GLY D 122 1.10 -14.29 41.16
N ILE D 123 0.42 -14.57 40.06
CA ILE D 123 -0.97 -14.15 39.87
C ILE D 123 -1.81 -14.49 41.11
N SER D 124 -1.57 -15.69 41.62
CA SER D 124 -2.25 -16.20 42.79
C SER D 124 -2.04 -15.23 43.96
N MET D 125 -0.77 -14.93 44.22
CA MET D 125 -0.37 -14.05 45.32
C MET D 125 -0.97 -12.65 45.27
N MET D 126 -0.79 -11.96 44.15
CA MET D 126 -1.33 -10.61 44.01
C MET D 126 -2.84 -10.62 44.27
N LYS D 127 -3.52 -11.63 43.72
CA LYS D 127 -4.97 -11.76 43.87
C LYS D 127 -5.38 -11.79 45.34
N GLU D 128 -4.65 -12.56 46.14
CA GLU D 128 -4.95 -12.68 47.57
C GLU D 128 -4.95 -11.28 48.21
N ALA D 129 -4.08 -10.41 47.71
CA ALA D 129 -3.94 -9.05 48.21
C ALA D 129 -4.97 -8.09 47.62
N GLY D 130 -5.95 -8.62 46.89
CA GLY D 130 -6.98 -7.77 46.33
C GLY D 130 -6.62 -6.93 45.11
N ILE D 131 -5.64 -7.38 44.34
CA ILE D 131 -5.21 -6.67 43.15
C ILE D 131 -5.93 -7.34 41.99
N GLU D 132 -6.60 -6.56 41.14
CA GLU D 132 -7.29 -7.17 40.02
C GLU D 132 -6.26 -7.59 39.01
N VAL D 133 -6.27 -8.86 38.64
CA VAL D 133 -5.31 -9.34 37.66
C VAL D 133 -6.01 -9.66 36.33
N ARG D 134 -5.68 -8.89 35.30
CA ARG D 134 -6.24 -9.09 33.97
C ARG D 134 -5.19 -9.73 33.07
N GLU D 135 -5.35 -11.01 32.77
CA GLU D 135 -4.41 -11.73 31.91
C GLU D 135 -4.77 -11.70 30.43
N GLY D 136 -3.76 -11.76 29.55
CA GLY D 136 -4.07 -11.77 28.13
C GLY D 136 -3.48 -10.72 27.22
N ILE D 137 -3.86 -9.47 27.42
CA ILE D 137 -3.39 -8.35 26.59
C ILE D 137 -2.09 -8.61 25.85
N LEU D 138 -2.18 -8.69 24.51
CA LEU D 138 -1.05 -8.90 23.62
C LEU D 138 -0.18 -10.12 23.92
N ALA D 139 -0.80 -11.26 24.23
CA ALA D 139 -0.05 -12.47 24.55
C ALA D 139 0.82 -12.98 23.41
N ASP D 140 0.28 -12.99 22.20
CA ASP D 140 1.00 -13.44 21.02
C ASP D 140 2.34 -12.74 20.96
N GLN D 141 2.30 -11.42 21.12
CA GLN D 141 3.50 -10.60 21.10
C GLN D 141 4.47 -11.00 22.23
N ALA D 142 3.96 -11.06 23.45
CA ALA D 142 4.78 -11.42 24.60
C ALA D 142 5.41 -12.78 24.37
N GLU D 143 4.78 -13.56 23.50
CA GLU D 143 5.23 -14.90 23.17
C GLU D 143 6.39 -14.87 22.17
N ARG D 144 6.30 -13.98 21.20
CA ARG D 144 7.35 -13.86 20.19
C ARG D 144 8.60 -13.27 20.84
N LEU D 145 8.41 -12.42 21.85
CA LEU D 145 9.53 -11.78 22.53
C LEU D 145 10.52 -12.75 23.16
N ASN D 146 10.06 -13.94 23.54
CA ASN D 146 10.96 -14.92 24.12
C ASN D 146 10.69 -16.34 23.60
N GLU D 147 10.33 -16.43 22.33
CA GLU D 147 10.03 -17.69 21.65
C GLU D 147 10.98 -18.81 22.02
N LYS D 148 12.28 -18.51 22.07
CA LYS D 148 13.25 -19.54 22.40
C LYS D 148 13.23 -19.83 23.89
N PHE D 149 13.43 -18.79 24.70
CA PHE D 149 13.44 -18.95 26.15
C PHE D 149 12.27 -19.79 26.66
N LEU D 150 11.08 -19.46 26.20
CA LEU D 150 9.86 -20.18 26.57
C LEU D 150 9.97 -21.65 26.19
N HIS D 151 10.35 -21.92 24.95
CA HIS D 151 10.49 -23.30 24.49
C HIS D 151 11.44 -24.06 25.41
N PHE D 152 12.63 -23.50 25.65
CA PHE D 152 13.59 -24.14 26.53
C PHE D 152 13.03 -24.36 27.92
N MET D 153 12.10 -23.49 28.31
CA MET D 153 11.50 -23.57 29.64
C MET D 153 10.34 -24.56 29.73
N ARG D 154 9.52 -24.58 28.69
CA ARG D 154 8.38 -25.48 28.68
C ARG D 154 8.74 -26.89 28.25
N THR D 155 9.88 -27.06 27.59
CA THR D 155 10.25 -28.39 27.08
C THR D 155 11.57 -28.96 27.61
N GLY D 156 12.28 -28.18 28.41
CA GLY D 156 13.55 -28.67 28.92
C GLY D 156 14.60 -28.89 27.84
N LEU D 157 14.25 -28.59 26.58
CA LEU D 157 15.18 -28.75 25.47
C LEU D 157 15.48 -27.43 24.75
N PRO D 158 16.67 -27.30 24.15
CA PRO D 158 17.07 -26.08 23.44
C PRO D 158 16.18 -25.79 22.23
N TYR D 159 16.30 -24.59 21.67
CA TYR D 159 15.54 -24.22 20.49
C TYR D 159 16.44 -24.63 19.30
N VAL D 160 15.89 -25.43 18.39
CA VAL D 160 16.69 -25.92 17.27
C VAL D 160 16.36 -25.28 15.93
N THR D 161 17.32 -24.52 15.41
CA THR D 161 17.14 -23.88 14.12
C THR D 161 18.08 -24.53 13.14
N LEU D 162 17.53 -25.05 12.04
CA LEU D 162 18.32 -25.70 11.01
C LEU D 162 18.42 -24.80 9.77
N LYS D 163 19.65 -24.50 9.36
CA LYS D 163 19.92 -23.63 8.22
C LYS D 163 20.77 -24.32 7.15
N ALA D 164 20.39 -24.12 5.89
CA ALA D 164 21.09 -24.71 4.76
C ALA D 164 20.91 -23.80 3.57
N ALA D 165 21.78 -23.96 2.57
CA ALA D 165 21.75 -23.17 1.35
C ALA D 165 21.95 -24.09 0.17
N ALA D 166 20.94 -24.21 -0.70
CA ALA D 166 21.04 -25.10 -1.86
C ALA D 166 20.70 -24.45 -3.20
N SER D 167 20.80 -25.24 -4.26
CA SER D 167 20.51 -24.78 -5.61
C SER D 167 18.99 -24.88 -5.70
N LEU D 168 18.40 -24.29 -6.74
CA LEU D 168 16.95 -24.33 -6.89
C LEU D 168 16.40 -25.76 -6.89
N ASP D 169 17.20 -26.71 -7.33
CA ASP D 169 16.76 -28.10 -7.37
C ASP D 169 17.22 -28.87 -6.14
N GLY D 170 17.53 -28.14 -5.09
CA GLY D 170 17.92 -28.75 -3.83
C GLY D 170 19.25 -29.42 -3.64
N LYS D 171 20.31 -28.86 -4.21
CA LYS D 171 21.62 -29.48 -4.08
C LYS D 171 22.62 -28.60 -3.31
N ILE D 172 23.51 -29.25 -2.57
CA ILE D 172 24.52 -28.56 -1.76
C ILE D 172 25.87 -28.51 -2.45
N ALA D 173 25.99 -29.27 -3.52
CA ALA D 173 27.24 -29.33 -4.27
C ALA D 173 27.00 -30.07 -5.56
N THR D 174 28.04 -30.21 -6.39
CA THR D 174 27.89 -30.93 -7.65
C THR D 174 28.37 -32.36 -7.44
N SER D 175 28.25 -33.18 -8.48
CA SER D 175 28.65 -34.58 -8.42
C SER D 175 30.05 -34.77 -7.89
N THR D 176 30.88 -33.74 -8.05
CA THR D 176 32.27 -33.81 -7.59
C THR D 176 32.54 -33.22 -6.22
N GLY D 177 31.60 -32.45 -5.68
CA GLY D 177 31.83 -31.85 -4.37
C GLY D 177 32.03 -30.35 -4.44
N ASP D 178 32.16 -29.83 -5.66
CA ASP D 178 32.32 -28.40 -5.87
C ASP D 178 31.11 -27.72 -5.26
N SER D 179 31.24 -26.45 -4.92
CA SER D 179 30.14 -25.72 -4.31
C SER D 179 30.57 -24.29 -4.04
N LYS D 180 31.54 -23.84 -4.82
CA LYS D 180 32.09 -22.52 -4.66
C LYS D 180 31.10 -21.36 -4.63
N TRP D 181 30.09 -21.38 -5.49
CA TRP D 181 29.16 -20.26 -5.54
C TRP D 181 27.68 -20.62 -5.48
N ILE D 182 27.32 -21.40 -4.48
CA ILE D 182 25.94 -21.85 -4.30
C ILE D 182 24.96 -20.82 -3.72
N THR D 183 25.43 -19.96 -2.81
CA THR D 183 24.55 -18.95 -2.22
C THR D 183 25.19 -17.56 -2.19
N SER D 184 24.45 -16.56 -2.69
CA SER D 184 24.94 -15.18 -2.75
C SER D 184 25.59 -14.71 -1.45
N GLU D 185 26.33 -13.60 -1.53
CA GLU D 185 27.00 -13.02 -0.38
C GLU D 185 25.96 -12.39 0.54
N ALA D 186 24.89 -11.89 -0.06
CA ALA D 186 23.81 -11.27 0.68
C ALA D 186 23.18 -12.32 1.57
N ALA D 187 23.09 -13.53 1.05
CA ALA D 187 22.50 -14.64 1.79
C ALA D 187 23.43 -15.00 2.94
N ARG D 188 24.70 -15.20 2.62
CA ARG D 188 25.70 -15.53 3.62
C ARG D 188 25.56 -14.62 4.83
N GLN D 189 25.53 -13.33 4.56
CA GLN D 189 25.41 -12.34 5.62
C GLN D 189 24.09 -12.44 6.37
N ASP D 190 22.99 -12.48 5.64
CA ASP D 190 21.67 -12.59 6.25
C ASP D 190 21.60 -13.80 7.20
N ALA D 191 22.26 -14.89 6.81
CA ALA D 191 22.27 -16.10 7.61
C ALA D 191 23.18 -15.95 8.82
N GLN D 192 24.04 -14.94 8.79
CA GLN D 192 24.96 -14.70 9.89
C GLN D 192 24.28 -14.14 11.14
N GLN D 193 23.19 -13.41 10.95
CA GLN D 193 22.49 -12.82 12.07
C GLN D 193 22.08 -13.86 13.12
N TYR D 194 21.73 -15.06 12.68
CA TYR D 194 21.32 -16.11 13.62
C TYR D 194 22.44 -16.52 14.54
N ARG D 195 23.66 -16.44 14.06
CA ARG D 195 24.78 -16.79 14.91
C ARG D 195 24.75 -15.88 16.13
N LYS D 196 24.06 -14.75 16.00
CA LYS D 196 23.92 -13.78 17.07
C LYS D 196 22.73 -14.06 17.97
N THR D 197 21.68 -14.62 17.40
CA THR D 197 20.47 -14.90 18.15
C THR D 197 20.36 -16.28 18.78
N HIS D 198 21.44 -17.06 18.73
CA HIS D 198 21.46 -18.40 19.31
C HIS D 198 22.62 -18.49 20.28
N GLN D 199 22.52 -19.40 21.24
CA GLN D 199 23.58 -19.58 22.22
C GLN D 199 24.64 -20.59 21.76
N SER D 200 24.37 -21.26 20.64
CA SER D 200 25.30 -22.25 20.11
C SER D 200 25.13 -22.51 18.61
N ILE D 201 26.19 -23.02 17.98
CA ILE D 201 26.16 -23.36 16.58
C ILE D 201 26.56 -24.83 16.48
N LEU D 202 25.73 -25.66 15.84
CA LEU D 202 26.03 -27.07 15.70
C LEU D 202 26.57 -27.32 14.29
N VAL D 203 27.53 -28.23 14.19
CA VAL D 203 28.17 -28.58 12.94
C VAL D 203 28.78 -29.97 13.07
N GLY D 204 28.76 -30.75 11.98
CA GLY D 204 29.34 -32.09 12.03
C GLY D 204 30.84 -32.05 11.84
N VAL D 205 31.50 -33.21 11.88
CA VAL D 205 32.95 -33.26 11.68
C VAL D 205 33.32 -32.98 10.24
N GLY D 206 32.48 -33.46 9.31
CA GLY D 206 32.76 -33.24 7.91
C GLY D 206 33.00 -31.77 7.62
N THR D 207 32.07 -30.94 8.07
CA THR D 207 32.15 -29.50 7.85
C THR D 207 33.45 -28.90 8.39
N VAL D 208 33.95 -29.43 9.49
CA VAL D 208 35.18 -28.91 10.07
C VAL D 208 36.37 -29.25 9.19
N LYS D 209 36.54 -30.55 8.94
CA LYS D 209 37.64 -31.04 8.12
C LYS D 209 37.52 -30.61 6.66
N ALA D 210 36.36 -30.08 6.28
CA ALA D 210 36.12 -29.68 4.89
C ALA D 210 36.13 -28.18 4.64
N ASP D 211 35.91 -27.39 5.69
CA ASP D 211 35.89 -25.94 5.53
C ASP D 211 36.75 -25.20 6.55
N ASN D 212 37.14 -25.88 7.62
CA ASN D 212 37.97 -25.28 8.67
C ASN D 212 37.32 -23.95 9.06
N PRO D 213 36.00 -23.95 9.34
CA PRO D 213 35.20 -22.79 9.72
C PRO D 213 35.46 -22.22 11.10
N SER D 214 35.12 -20.94 11.25
CA SER D 214 35.30 -20.23 12.51
C SER D 214 33.99 -20.30 13.32
N LEU D 215 32.88 -20.48 12.62
CA LEU D 215 31.57 -20.53 13.26
C LEU D 215 31.49 -19.49 14.35
N THR D 216 31.71 -18.23 13.98
CA THR D 216 31.66 -17.11 14.91
C THR D 216 30.73 -16.04 14.33
N CYS D 217 30.48 -15.00 15.10
CA CYS D 217 29.60 -13.92 14.66
C CYS D 217 30.42 -12.66 14.40
N ARG D 218 30.40 -12.21 13.15
CA ARG D 218 31.14 -11.02 12.73
C ARG D 218 30.26 -9.77 12.64
N LEU D 219 28.94 -9.97 12.72
CA LEU D 219 27.97 -8.88 12.67
C LEU D 219 28.38 -7.84 13.72
N PRO D 220 28.18 -6.54 13.42
CA PRO D 220 28.54 -5.47 14.36
C PRO D 220 27.86 -5.61 15.73
N ASN D 221 28.65 -5.41 16.79
CA ASN D 221 28.16 -5.50 18.16
C ASN D 221 27.83 -6.92 18.65
N VAL D 222 28.83 -7.61 19.17
CA VAL D 222 28.68 -8.97 19.68
C VAL D 222 29.22 -9.08 21.11
N THR D 223 28.50 -9.83 21.94
CA THR D 223 28.91 -10.03 23.33
C THR D 223 28.81 -11.52 23.68
N LYS D 224 29.90 -12.08 24.20
CA LYS D 224 29.97 -13.49 24.56
C LYS D 224 29.65 -14.38 23.35
N GLN D 225 30.65 -14.59 22.49
CA GLN D 225 30.48 -15.42 21.29
C GLN D 225 29.72 -16.70 21.61
N PRO D 226 28.86 -17.15 20.68
CA PRO D 226 28.08 -18.38 20.89
C PRO D 226 29.00 -19.59 21.03
N VAL D 227 28.46 -20.70 21.53
CA VAL D 227 29.25 -21.90 21.72
C VAL D 227 29.35 -22.74 20.46
N ARG D 228 30.58 -22.98 20.03
CA ARG D 228 30.85 -23.76 18.84
C ARG D 228 30.81 -25.24 19.20
N VAL D 229 29.71 -25.91 18.84
CA VAL D 229 29.53 -27.33 19.16
C VAL D 229 29.71 -28.25 17.94
N ILE D 230 30.72 -29.12 18.01
CA ILE D 230 31.03 -30.06 16.93
C ILE D 230 30.73 -31.51 17.23
N LEU D 231 29.93 -32.13 16.36
CA LEU D 231 29.55 -33.52 16.48
C LEU D 231 30.57 -34.39 15.77
N ASP D 232 31.43 -35.02 16.55
CA ASP D 232 32.46 -35.89 16.00
C ASP D 232 31.91 -37.32 16.03
N THR D 233 32.79 -38.30 16.16
CA THR D 233 32.35 -39.69 16.22
C THR D 233 33.56 -40.49 16.68
N VAL D 234 34.58 -40.51 15.83
CA VAL D 234 35.83 -41.19 16.10
C VAL D 234 36.91 -40.14 16.35
N LEU D 235 36.47 -38.96 16.78
CA LEU D 235 37.35 -37.82 17.05
C LEU D 235 38.43 -37.65 15.99
N SER D 236 37.98 -37.51 14.75
CA SER D 236 38.86 -37.35 13.59
C SER D 236 39.02 -35.88 13.22
N ILE D 237 38.69 -35.00 14.16
CA ILE D 237 38.80 -33.57 13.92
C ILE D 237 40.26 -33.15 14.01
N PRO D 238 40.75 -32.42 13.00
CA PRO D 238 42.12 -31.92 12.94
C PRO D 238 42.55 -31.00 14.07
N GLU D 239 43.56 -31.45 14.81
CA GLU D 239 44.09 -30.66 15.93
C GLU D 239 44.60 -29.40 15.26
N ASP D 240 44.75 -29.49 13.94
CA ASP D 240 45.24 -28.40 13.10
C ASP D 240 44.84 -27.03 13.58
N ALA D 241 43.56 -26.67 13.43
CA ALA D 241 43.15 -25.34 13.87
C ALA D 241 41.67 -25.04 13.89
N LYS D 242 41.40 -23.74 14.10
CA LYS D 242 40.06 -23.16 14.18
C LYS D 242 39.36 -23.45 15.50
N VAL D 243 38.23 -24.15 15.46
CA VAL D 243 37.50 -24.46 16.69
C VAL D 243 38.44 -24.85 17.84
N ILE D 244 39.64 -25.32 17.51
CA ILE D 244 40.61 -25.72 18.53
C ILE D 244 41.61 -24.60 18.84
N CYS D 245 42.49 -24.29 17.89
CA CYS D 245 43.50 -23.24 18.08
C CYS D 245 42.90 -21.84 18.17
N ASP D 246 41.96 -21.56 17.28
CA ASP D 246 41.27 -20.28 17.22
C ASP D 246 40.59 -20.06 18.58
N GLN D 247 41.34 -19.51 19.53
CA GLN D 247 40.80 -19.27 20.87
C GLN D 247 39.89 -18.06 20.94
N ILE D 248 38.81 -18.11 20.18
CA ILE D 248 37.86 -17.00 20.13
C ILE D 248 36.55 -17.31 20.86
N ALA D 249 36.15 -18.58 20.85
CA ALA D 249 34.92 -18.99 21.51
C ALA D 249 35.00 -20.44 21.98
N PRO D 250 34.12 -20.83 22.90
CA PRO D 250 34.12 -22.20 23.43
C PRO D 250 33.81 -23.21 22.33
N THR D 251 34.40 -24.40 22.44
CA THR D 251 34.17 -25.45 21.46
C THR D 251 33.98 -26.78 22.16
N TRP D 252 32.76 -27.28 22.09
CA TRP D 252 32.39 -28.54 22.72
C TRP D 252 32.30 -29.61 21.64
N ILE D 253 33.13 -30.65 21.76
CA ILE D 253 33.16 -31.73 20.79
C ILE D 253 32.52 -32.97 21.40
N PHE D 254 31.60 -33.59 20.67
CA PHE D 254 30.94 -34.79 21.15
C PHE D 254 31.49 -36.03 20.47
N THR D 255 32.09 -36.94 21.26
CA THR D 255 32.65 -38.17 20.71
C THR D 255 32.08 -39.42 21.36
N THR D 256 32.54 -40.56 20.88
CA THR D 256 32.11 -41.85 21.39
C THR D 256 33.29 -42.56 22.04
N ALA D 257 33.23 -43.88 22.13
CA ALA D 257 34.30 -44.65 22.73
C ALA D 257 35.50 -44.75 21.78
N ARG D 258 35.21 -44.85 20.48
CA ARG D 258 36.23 -44.95 19.45
C ARG D 258 37.33 -43.90 19.60
N ALA D 259 37.01 -42.78 20.22
CA ALA D 259 37.97 -41.69 20.42
C ALA D 259 39.29 -42.20 20.99
N ASP D 260 40.39 -41.51 20.68
CA ASP D 260 41.70 -41.89 21.19
C ASP D 260 42.03 -41.10 22.45
N GLU D 261 42.33 -41.82 23.52
CA GLU D 261 42.65 -41.21 24.80
C GLU D 261 43.66 -40.06 24.72
N GLU D 262 44.86 -40.35 24.25
CA GLU D 262 45.93 -39.36 24.12
C GLU D 262 45.46 -38.04 23.51
N LYS D 263 44.76 -38.14 22.39
CA LYS D 263 44.25 -36.99 21.66
C LYS D 263 43.26 -36.17 22.49
N LYS D 264 42.37 -36.85 23.21
CA LYS D 264 41.36 -36.17 24.04
C LYS D 264 41.97 -35.20 25.05
N LYS D 265 42.87 -35.69 25.90
CA LYS D 265 43.50 -34.83 26.90
C LYS D 265 44.47 -33.84 26.25
N ARG D 266 44.74 -34.02 24.97
CA ARG D 266 45.63 -33.12 24.24
C ARG D 266 44.87 -31.87 23.84
N LEU D 267 43.63 -32.09 23.39
CA LEU D 267 42.75 -31.00 22.98
C LEU D 267 42.32 -30.24 24.22
N SER D 268 42.06 -30.98 25.29
CA SER D 268 41.64 -30.39 26.55
C SER D 268 42.77 -29.53 27.11
N ALA D 269 43.99 -29.76 26.61
CA ALA D 269 45.15 -29.00 27.06
C ALA D 269 45.01 -27.55 26.64
N PHE D 270 44.03 -27.28 25.78
CA PHE D 270 43.74 -25.93 25.29
C PHE D 270 42.65 -25.26 26.10
N GLY D 271 41.43 -25.77 25.93
CA GLY D 271 40.27 -25.25 26.62
C GLY D 271 39.06 -25.91 26.01
N VAL D 272 39.32 -26.82 25.08
CA VAL D 272 38.26 -27.55 24.39
C VAL D 272 37.59 -28.52 25.35
N ASN D 273 36.27 -28.50 25.37
CA ASN D 273 35.53 -29.39 26.23
C ASN D 273 35.14 -30.61 25.41
N ILE D 274 35.21 -31.80 26.01
CA ILE D 274 34.87 -33.01 25.31
C ILE D 274 33.85 -33.85 26.05
N PHE D 275 32.80 -34.24 25.34
CA PHE D 275 31.73 -35.05 25.89
C PHE D 275 31.74 -36.42 25.21
N THR D 276 31.92 -37.47 25.99
CA THR D 276 31.94 -38.82 25.43
C THR D 276 30.67 -39.55 25.83
N LEU D 277 29.98 -40.12 24.84
CA LEU D 277 28.75 -40.84 25.12
C LEU D 277 29.01 -42.36 25.13
N GLU D 278 28.10 -43.11 25.72
CA GLU D 278 28.28 -44.57 25.81
C GLU D 278 27.64 -45.32 24.65
N THR D 279 27.54 -44.68 23.50
CA THR D 279 26.94 -45.31 22.30
C THR D 279 27.89 -45.17 21.12
N GLU D 280 27.75 -46.04 20.14
CA GLU D 280 28.61 -45.99 18.96
C GLU D 280 27.96 -45.19 17.84
N ARG D 281 26.94 -44.42 18.19
CA ARG D 281 26.23 -43.58 17.24
C ARG D 281 25.68 -42.36 17.98
N ILE D 282 26.34 -41.21 17.82
CA ILE D 282 25.92 -39.98 18.46
C ILE D 282 24.43 -39.80 18.19
N GLN D 283 23.59 -40.05 19.20
CA GLN D 283 22.16 -39.88 19.00
C GLN D 283 21.81 -38.43 19.32
N ILE D 284 21.20 -37.76 18.35
CA ILE D 284 20.80 -36.36 18.49
C ILE D 284 20.21 -36.01 19.86
N PRO D 285 19.05 -36.60 20.18
CA PRO D 285 18.38 -36.36 21.46
C PRO D 285 19.32 -36.35 22.67
N ASP D 286 20.36 -37.17 22.60
CA ASP D 286 21.31 -37.24 23.69
C ASP D 286 22.12 -35.95 23.75
N VAL D 287 22.53 -35.45 22.59
CA VAL D 287 23.31 -34.22 22.51
C VAL D 287 22.52 -33.02 23.01
N LEU D 288 21.33 -32.82 22.46
CA LEU D 288 20.50 -31.69 22.89
C LEU D 288 20.28 -31.72 24.40
N LYS D 289 20.05 -32.90 24.96
CA LYS D 289 19.85 -33.03 26.41
C LYS D 289 21.09 -32.59 27.18
N ILE D 290 22.26 -33.07 26.78
CA ILE D 290 23.51 -32.71 27.43
C ILE D 290 23.69 -31.19 27.34
N LEU D 291 23.37 -30.65 26.17
CA LEU D 291 23.46 -29.21 25.94
C LEU D 291 22.46 -28.50 26.83
N ALA D 292 21.22 -29.00 26.82
CA ALA D 292 20.17 -28.42 27.64
C ALA D 292 20.64 -28.34 29.09
N GLU D 293 21.23 -29.42 29.57
CA GLU D 293 21.73 -29.46 30.93
C GLU D 293 22.83 -28.43 31.11
N GLU D 294 23.78 -28.42 30.18
CA GLU D 294 24.88 -27.46 30.26
C GLU D 294 24.42 -26.00 30.13
N GLY D 295 23.11 -25.79 30.03
CA GLY D 295 22.57 -24.45 29.94
C GLY D 295 22.48 -23.80 28.57
N ILE D 296 22.33 -24.60 27.53
CA ILE D 296 22.23 -24.06 26.19
C ILE D 296 20.77 -24.06 25.74
N MET D 297 20.17 -22.88 25.71
CA MET D 297 18.77 -22.73 25.33
C MET D 297 18.53 -22.68 23.84
N SER D 298 19.59 -22.74 23.05
CA SER D 298 19.38 -22.68 21.61
C SER D 298 20.56 -23.14 20.77
N VAL D 299 20.22 -23.83 19.69
CA VAL D 299 21.22 -24.34 18.77
C VAL D 299 20.87 -23.91 17.34
N TYR D 300 21.92 -23.57 16.60
CA TYR D 300 21.82 -23.14 15.22
C TYR D 300 22.64 -24.18 14.43
N VAL D 301 21.97 -25.25 14.01
CA VAL D 301 22.63 -26.33 13.26
C VAL D 301 22.64 -26.09 11.77
N GLU D 302 23.78 -25.62 11.27
CA GLU D 302 23.91 -25.35 9.84
C GLU D 302 24.77 -26.39 9.15
N GLY D 303 25.63 -27.03 9.93
CA GLY D 303 26.54 -28.03 9.38
C GLY D 303 26.02 -29.42 9.10
N GLY D 304 26.71 -30.11 8.19
CA GLY D 304 26.35 -31.47 7.83
C GLY D 304 25.08 -31.64 7.04
N SER D 305 25.17 -32.42 5.96
CA SER D 305 24.01 -32.73 5.13
C SER D 305 23.33 -33.85 5.91
N ALA D 306 24.18 -34.67 6.52
CA ALA D 306 23.74 -35.79 7.33
C ALA D 306 23.35 -35.24 8.69
N VAL D 307 24.16 -34.30 9.22
CA VAL D 307 23.85 -33.71 10.53
C VAL D 307 22.41 -33.20 10.51
N HIS D 308 22.04 -32.51 9.45
CA HIS D 308 20.67 -32.01 9.34
C HIS D 308 19.70 -33.19 9.23
N GLY D 309 20.18 -34.30 8.70
CA GLY D 309 19.33 -35.47 8.57
C GLY D 309 18.90 -36.06 9.90
N SER D 310 19.86 -36.20 10.81
CA SER D 310 19.58 -36.74 12.13
C SER D 310 18.52 -35.86 12.80
N PHE D 311 18.77 -34.56 12.81
CA PHE D 311 17.89 -33.57 13.40
C PHE D 311 16.47 -33.59 12.86
N VAL D 312 16.30 -33.93 11.59
CA VAL D 312 14.95 -33.96 11.00
C VAL D 312 14.23 -35.29 11.26
N LYS D 313 15.00 -36.37 11.28
CA LYS D 313 14.45 -37.71 11.50
C LYS D 313 13.96 -37.81 12.94
N GLU D 314 14.84 -37.46 13.87
CA GLU D 314 14.53 -37.48 15.29
C GLU D 314 13.43 -36.46 15.59
N GLY D 315 13.17 -35.58 14.62
CA GLY D 315 12.15 -34.55 14.76
C GLY D 315 12.54 -33.39 15.66
N CYS D 316 13.83 -33.27 15.96
CA CYS D 316 14.34 -32.21 16.85
C CYS D 316 14.75 -30.88 16.24
N PHE D 317 13.76 -30.08 15.85
CA PHE D 317 14.03 -28.78 15.26
C PHE D 317 12.76 -27.96 15.31
N GLN D 318 12.86 -26.69 15.65
CA GLN D 318 11.67 -25.84 15.71
C GLN D 318 11.66 -24.81 14.59
N GLU D 319 12.73 -24.76 13.80
CA GLU D 319 12.76 -23.81 12.69
C GLU D 319 13.60 -24.28 11.52
N ILE D 320 13.04 -24.16 10.33
CA ILE D 320 13.74 -24.54 9.12
C ILE D 320 13.99 -23.28 8.31
N ILE D 321 15.23 -23.11 7.88
CA ILE D 321 15.63 -21.95 7.08
C ILE D 321 16.45 -22.44 5.89
N PHE D 322 15.81 -22.47 4.72
CA PHE D 322 16.47 -22.92 3.52
C PHE D 322 16.66 -21.80 2.52
N TYR D 323 17.88 -21.63 2.06
CA TYR D 323 18.19 -20.59 1.09
C TYR D 323 18.33 -21.25 -0.27
N PHE D 324 17.52 -20.82 -1.23
CA PHE D 324 17.59 -21.36 -2.58
C PHE D 324 18.15 -20.33 -3.55
N ALA D 325 19.21 -20.70 -4.26
CA ALA D 325 19.79 -19.79 -5.22
C ALA D 325 19.12 -20.06 -6.56
N PRO D 326 19.09 -19.06 -7.46
CA PRO D 326 18.45 -19.29 -8.75
C PRO D 326 19.45 -20.01 -9.65
N LYS D 327 19.83 -21.21 -9.23
CA LYS D 327 20.77 -22.02 -10.01
C LYS D 327 20.26 -23.47 -10.03
N LEU D 328 20.51 -24.18 -11.12
CA LEU D 328 20.12 -25.58 -11.23
C LEU D 328 21.38 -26.42 -11.40
N ILE D 329 21.70 -27.23 -10.40
CA ILE D 329 22.90 -28.08 -10.43
C ILE D 329 22.60 -29.49 -10.93
N GLY D 330 21.45 -30.01 -10.55
CA GLY D 330 21.04 -31.32 -10.97
C GLY D 330 22.05 -32.43 -10.83
N GLY D 331 21.68 -33.58 -11.37
CA GLY D 331 22.52 -34.76 -11.35
C GLY D 331 22.29 -35.65 -10.14
N THR D 332 22.12 -36.94 -10.39
CA THR D 332 21.95 -37.88 -9.29
C THR D 332 23.32 -37.84 -8.66
N HIS D 333 23.50 -38.54 -7.55
CA HIS D 333 24.81 -38.55 -6.90
C HIS D 333 25.30 -37.18 -6.37
N ALA D 334 24.53 -36.14 -6.63
CA ALA D 334 24.88 -34.82 -6.13
C ALA D 334 24.26 -34.78 -4.74
N PRO D 335 25.00 -34.26 -3.74
CA PRO D 335 24.54 -34.15 -2.36
C PRO D 335 23.29 -33.30 -2.18
N SER D 336 22.18 -33.95 -1.85
CA SER D 336 20.92 -33.25 -1.65
C SER D 336 20.89 -32.58 -0.28
N LEU D 337 19.82 -31.84 -0.02
CA LEU D 337 19.69 -31.14 1.24
C LEU D 337 19.89 -31.98 2.49
N ILE D 338 19.07 -33.02 2.63
CA ILE D 338 19.11 -33.87 3.83
C ILE D 338 19.41 -35.33 3.59
N SER D 339 20.65 -35.74 3.79
CA SER D 339 21.03 -37.14 3.58
C SER D 339 20.85 -37.95 4.86
N GLY D 340 20.62 -39.25 4.70
CA GLY D 340 20.44 -40.11 5.84
C GLY D 340 19.18 -40.95 5.77
N GLU D 341 18.80 -41.54 6.90
CA GLU D 341 17.62 -42.37 6.98
C GLU D 341 16.43 -41.81 6.23
N GLY D 342 15.96 -40.65 6.69
CA GLY D 342 14.80 -40.04 6.06
C GLY D 342 13.57 -40.87 6.39
N PHE D 343 12.47 -40.67 5.67
CA PHE D 343 11.26 -41.42 5.93
C PHE D 343 10.89 -42.28 4.75
N GLN D 344 10.69 -43.57 5.00
CA GLN D 344 10.34 -44.50 3.95
C GLN D 344 8.95 -44.26 3.38
N SER D 345 7.93 -44.44 4.21
CA SER D 345 6.56 -44.23 3.77
C SER D 345 6.17 -42.76 3.95
N MET D 346 5.27 -42.28 3.08
CA MET D 346 4.82 -40.90 3.13
C MET D 346 3.97 -40.59 4.35
N LYS D 347 3.11 -41.54 4.73
CA LYS D 347 2.22 -41.36 5.88
C LYS D 347 2.96 -40.88 7.14
N ASP D 348 4.25 -41.19 7.25
CA ASP D 348 5.01 -40.80 8.42
C ASP D 348 5.90 -39.59 8.22
N VAL D 349 5.54 -38.73 7.26
CA VAL D 349 6.30 -37.51 7.00
C VAL D 349 5.52 -36.35 7.64
N PRO D 350 6.13 -35.68 8.64
CA PRO D 350 5.52 -34.56 9.36
C PRO D 350 5.30 -33.33 8.49
N LEU D 351 4.14 -32.68 8.66
CA LEU D 351 3.85 -31.49 7.89
C LEU D 351 4.28 -30.25 8.67
N LEU D 352 4.87 -29.30 7.97
CA LEU D 352 5.33 -28.07 8.57
C LEU D 352 4.44 -26.94 8.10
N GLN D 353 4.88 -25.71 8.35
CA GLN D 353 4.15 -24.53 7.95
C GLN D 353 5.15 -23.45 7.58
N PHE D 354 5.03 -22.91 6.36
CA PHE D 354 5.94 -21.85 5.92
C PHE D 354 5.62 -20.62 6.76
N THR D 355 6.62 -20.08 7.44
CA THR D 355 6.41 -18.91 8.27
C THR D 355 6.88 -17.62 7.60
N ASP D 356 7.78 -17.75 6.64
CA ASP D 356 8.30 -16.57 5.96
C ASP D 356 8.96 -16.84 4.62
N ILE D 357 8.59 -16.01 3.64
CA ILE D 357 9.11 -16.12 2.28
C ILE D 357 9.75 -14.80 1.89
N THR D 358 11.04 -14.65 2.14
CA THR D 358 11.73 -13.42 1.79
C THR D 358 12.63 -13.62 0.59
N GLN D 359 13.14 -12.52 0.05
CA GLN D 359 14.02 -12.60 -1.10
C GLN D 359 15.28 -11.78 -0.86
N ILE D 360 16.36 -12.47 -0.51
CA ILE D 360 17.63 -11.81 -0.25
C ILE D 360 18.54 -11.82 -1.47
N GLY D 361 18.55 -10.69 -2.18
CA GLY D 361 19.38 -10.62 -3.36
C GLY D 361 18.82 -11.54 -4.41
N ARG D 362 19.69 -12.21 -5.15
CA ARG D 362 19.27 -13.12 -6.20
C ARG D 362 18.53 -14.36 -5.69
N ASP D 363 18.79 -14.73 -4.44
CA ASP D 363 18.19 -15.92 -3.86
C ASP D 363 16.91 -15.71 -3.06
N ILE D 364 16.14 -16.79 -2.88
CA ILE D 364 14.91 -16.72 -2.12
C ILE D 364 15.03 -17.57 -0.87
N LYS D 365 14.91 -16.91 0.28
CA LYS D 365 15.02 -17.56 1.57
C LYS D 365 13.66 -18.02 2.08
N LEU D 366 13.49 -19.34 2.13
CA LEU D 366 12.28 -20.01 2.59
C LEU D 366 12.43 -20.52 4.02
N THR D 367 11.43 -20.25 4.86
CA THR D 367 11.47 -20.69 6.24
C THR D 367 10.13 -21.30 6.62
N ALA D 368 10.16 -22.31 7.49
CA ALA D 368 8.95 -23.00 7.93
C ALA D 368 9.11 -23.62 9.31
N LYS D 369 7.98 -23.90 9.96
CA LYS D 369 8.00 -24.49 11.30
C LYS D 369 6.97 -25.62 11.43
N PRO D 370 7.22 -26.57 12.35
CA PRO D 370 6.38 -27.73 12.63
C PRO D 370 4.90 -27.47 12.88
N THR D 371 4.08 -28.26 12.21
CA THR D 371 2.60 -28.22 12.27
C THR D 371 1.98 -27.03 13.01
#